data_1R6Y
# 
_entry.id   1R6Y 
# 
_audit_conform.dict_name       mmcif_pdbx.dic 
_audit_conform.dict_version    5.386 
_audit_conform.dict_location   http://mmcif.pdb.org/dictionaries/ascii/mmcif_pdbx.dic 
# 
loop_
_database_2.database_id 
_database_2.database_code 
_database_2.pdbx_database_accession 
_database_2.pdbx_DOI 
PDB   1R6Y         pdb_00001r6y 10.2210/pdb1r6y/pdb 
RCSB  RCSB020512   ?            ?                   
WWPDB D_1000020512 ?            ?                   
# 
loop_
_pdbx_audit_revision_history.ordinal 
_pdbx_audit_revision_history.data_content_type 
_pdbx_audit_revision_history.major_revision 
_pdbx_audit_revision_history.minor_revision 
_pdbx_audit_revision_history.revision_date 
1 'Structure model' 1 0 2004-11-02 
2 'Structure model' 1 1 2008-04-29 
3 'Structure model' 1 2 2011-07-13 
4 'Structure model' 1 3 2024-02-14 
# 
_pdbx_audit_revision_details.ordinal             1 
_pdbx_audit_revision_details.revision_ordinal    1 
_pdbx_audit_revision_details.data_content_type   'Structure model' 
_pdbx_audit_revision_details.provider            repository 
_pdbx_audit_revision_details.type                'Initial release' 
_pdbx_audit_revision_details.description         ? 
_pdbx_audit_revision_details.details             ? 
# 
loop_
_pdbx_audit_revision_group.ordinal 
_pdbx_audit_revision_group.revision_ordinal 
_pdbx_audit_revision_group.data_content_type 
_pdbx_audit_revision_group.group 
1 2 'Structure model' 'Version format compliance' 
2 3 'Structure model' 'Derived calculations'      
3 3 'Structure model' 'Version format compliance' 
4 4 'Structure model' 'Data collection'           
5 4 'Structure model' 'Database references'       
# 
loop_
_pdbx_audit_revision_category.ordinal 
_pdbx_audit_revision_category.revision_ordinal 
_pdbx_audit_revision_category.data_content_type 
_pdbx_audit_revision_category.category 
1 4 'Structure model' chem_comp_atom     
2 4 'Structure model' chem_comp_bond     
3 4 'Structure model' database_2         
4 4 'Structure model' struct_ref_seq_dif 
# 
loop_
_pdbx_audit_revision_item.ordinal 
_pdbx_audit_revision_item.revision_ordinal 
_pdbx_audit_revision_item.data_content_type 
_pdbx_audit_revision_item.item 
1 4 'Structure model' '_database_2.pdbx_DOI'                
2 4 'Structure model' '_database_2.pdbx_database_accession' 
3 4 'Structure model' '_struct_ref_seq_dif.details'         
# 
_pdbx_database_status.status_code                     REL 
_pdbx_database_status.entry_id                        1R6Y 
_pdbx_database_status.recvd_initial_deposition_date   2003-10-17 
_pdbx_database_status.deposit_site                    RCSB 
_pdbx_database_status.process_site                    RCSB 
_pdbx_database_status.status_code_sf                  REL 
_pdbx_database_status.status_code_mr                  ? 
_pdbx_database_status.SG_entry                        Y 
_pdbx_database_status.pdb_format_compatible           Y 
_pdbx_database_status.status_code_cs                  ? 
_pdbx_database_status.status_code_nmr_data            ? 
_pdbx_database_status.methods_development_category    ? 
# 
_pdbx_database_related.db_name        TargetDB 
_pdbx_database_related.db_id          YGIN_ECOLI 
_pdbx_database_related.details        . 
_pdbx_database_related.content_type   unspecified 
# 
loop_
_audit_author.name 
_audit_author.pdbx_ordinal 
'Adams, M.A.'                                                       1 
'Jia, Z.'                                                           2 
'Montreal-Kingston Bacterial Structural Genomics Initiative (BSGI)' 3 
# 
_citation.id                        primary 
_citation.title                     
;Structural and biochemical evidence for an enzymatic quinone redox cycle in Escherichia coli: identification of a novel quinol monooxygenase.
;
_citation.journal_abbrev            J.Biol.Chem. 
_citation.journal_volume            280 
_citation.page_first                8358 
_citation.page_last                 8363 
_citation.year                      2005 
_citation.journal_id_ASTM           JBCHA3 
_citation.country                   US 
_citation.journal_id_ISSN           0021-9258 
_citation.journal_id_CSD            0071 
_citation.book_publisher            ? 
_citation.pdbx_database_id_PubMed   15613473 
_citation.pdbx_database_id_DOI      10.1074/jbc.M412637200 
# 
loop_
_citation_author.citation_id 
_citation_author.name 
_citation_author.ordinal 
_citation_author.identifier_ORCID 
primary 'Adams, M.A.' 1 ? 
primary 'Jia, Z.'     2 ? 
# 
loop_
_entity.id 
_entity.type 
_entity.src_method 
_entity.pdbx_description 
_entity.formula_weight 
_entity.pdbx_number_of_molecules 
_entity.pdbx_ec 
_entity.pdbx_mutation 
_entity.pdbx_fragment 
_entity.details 
1 polymer man 'Protein ygiN' 12904.830 1   ? ? ? ? 
2 water   nat water          18.015    185 ? ? ? ? 
# 
_entity_poly.entity_id                      1 
_entity_poly.type                           'polypeptide(L)' 
_entity_poly.nstd_linkage                   no 
_entity_poly.nstd_monomer                   no 
_entity_poly.pdbx_seq_one_letter_code       
;MLTVIAEIRTRPGQHHRQAVLDQFAKIVPTVLKEEGCHGYAPMVDCAAGVSFQSMAPDSIVMIEQWESIAHLEAHLQTPH
MKAYSEAVKGDVLEMNIRILQPGISGRVEHHHHHH
;
_entity_poly.pdbx_seq_one_letter_code_can   
;MLTVIAEIRTRPGQHHRQAVLDQFAKIVPTVLKEEGCHGYAPMVDCAAGVSFQSMAPDSIVMIEQWESIAHLEAHLQTPH
MKAYSEAVKGDVLEMNIRILQPGISGRVEHHHHHH
;
_entity_poly.pdbx_strand_id                 A 
_entity_poly.pdbx_target_identifier         YGIN_ECOLI 
# 
_pdbx_entity_nonpoly.entity_id   2 
_pdbx_entity_nonpoly.name        water 
_pdbx_entity_nonpoly.comp_id     HOH 
# 
loop_
_entity_poly_seq.entity_id 
_entity_poly_seq.num 
_entity_poly_seq.mon_id 
_entity_poly_seq.hetero 
1 1   MET n 
1 2   LEU n 
1 3   THR n 
1 4   VAL n 
1 5   ILE n 
1 6   ALA n 
1 7   GLU n 
1 8   ILE n 
1 9   ARG n 
1 10  THR n 
1 11  ARG n 
1 12  PRO n 
1 13  GLY n 
1 14  GLN n 
1 15  HIS n 
1 16  HIS n 
1 17  ARG n 
1 18  GLN n 
1 19  ALA n 
1 20  VAL n 
1 21  LEU n 
1 22  ASP n 
1 23  GLN n 
1 24  PHE n 
1 25  ALA n 
1 26  LYS n 
1 27  ILE n 
1 28  VAL n 
1 29  PRO n 
1 30  THR n 
1 31  VAL n 
1 32  LEU n 
1 33  LYS n 
1 34  GLU n 
1 35  GLU n 
1 36  GLY n 
1 37  CYS n 
1 38  HIS n 
1 39  GLY n 
1 40  TYR n 
1 41  ALA n 
1 42  PRO n 
1 43  MET n 
1 44  VAL n 
1 45  ASP n 
1 46  CYS n 
1 47  ALA n 
1 48  ALA n 
1 49  GLY n 
1 50  VAL n 
1 51  SER n 
1 52  PHE n 
1 53  GLN n 
1 54  SER n 
1 55  MET n 
1 56  ALA n 
1 57  PRO n 
1 58  ASP n 
1 59  SER n 
1 60  ILE n 
1 61  VAL n 
1 62  MET n 
1 63  ILE n 
1 64  GLU n 
1 65  GLN n 
1 66  TRP n 
1 67  GLU n 
1 68  SER n 
1 69  ILE n 
1 70  ALA n 
1 71  HIS n 
1 72  LEU n 
1 73  GLU n 
1 74  ALA n 
1 75  HIS n 
1 76  LEU n 
1 77  GLN n 
1 78  THR n 
1 79  PRO n 
1 80  HIS n 
1 81  MET n 
1 82  LYS n 
1 83  ALA n 
1 84  TYR n 
1 85  SER n 
1 86  GLU n 
1 87  ALA n 
1 88  VAL n 
1 89  LYS n 
1 90  GLY n 
1 91  ASP n 
1 92  VAL n 
1 93  LEU n 
1 94  GLU n 
1 95  MET n 
1 96  ASN n 
1 97  ILE n 
1 98  ARG n 
1 99  ILE n 
1 100 LEU n 
1 101 GLN n 
1 102 PRO n 
1 103 GLY n 
1 104 ILE n 
1 105 SER n 
1 106 GLY n 
1 107 ARG n 
1 108 VAL n 
1 109 GLU n 
1 110 HIS n 
1 111 HIS n 
1 112 HIS n 
1 113 HIS n 
1 114 HIS n 
1 115 HIS n 
# 
_entity_src_gen.entity_id                          1 
_entity_src_gen.pdbx_src_id                        1 
_entity_src_gen.pdbx_alt_source_flag               sample 
_entity_src_gen.pdbx_seq_type                      ? 
_entity_src_gen.pdbx_beg_seq_num                   ? 
_entity_src_gen.pdbx_end_seq_num                   ? 
_entity_src_gen.gene_src_common_name               ? 
_entity_src_gen.gene_src_genus                     Escherichia 
_entity_src_gen.pdbx_gene_src_gene                 ? 
_entity_src_gen.gene_src_species                   ? 
_entity_src_gen.gene_src_strain                    ? 
_entity_src_gen.gene_src_tissue                    ? 
_entity_src_gen.gene_src_tissue_fraction           ? 
_entity_src_gen.gene_src_details                   ? 
_entity_src_gen.pdbx_gene_src_fragment             ? 
_entity_src_gen.pdbx_gene_src_scientific_name      'Escherichia coli' 
_entity_src_gen.pdbx_gene_src_ncbi_taxonomy_id     562 
_entity_src_gen.pdbx_gene_src_variant              ? 
_entity_src_gen.pdbx_gene_src_cell_line            ? 
_entity_src_gen.pdbx_gene_src_atcc                 ? 
_entity_src_gen.pdbx_gene_src_organ                ? 
_entity_src_gen.pdbx_gene_src_organelle            ? 
_entity_src_gen.pdbx_gene_src_cell                 ? 
_entity_src_gen.pdbx_gene_src_cellular_location    ? 
_entity_src_gen.host_org_common_name               ? 
_entity_src_gen.pdbx_host_org_scientific_name      'Escherichia coli BL21(DE3)' 
_entity_src_gen.pdbx_host_org_ncbi_taxonomy_id     469008 
_entity_src_gen.host_org_genus                     Escherichia 
_entity_src_gen.pdbx_host_org_gene                 ? 
_entity_src_gen.pdbx_host_org_organ                ? 
_entity_src_gen.host_org_species                   'Escherichia coli' 
_entity_src_gen.pdbx_host_org_tissue               ? 
_entity_src_gen.pdbx_host_org_tissue_fraction      ? 
_entity_src_gen.pdbx_host_org_strain               'BL21(DE3)' 
_entity_src_gen.pdbx_host_org_variant              ? 
_entity_src_gen.pdbx_host_org_cell_line            ? 
_entity_src_gen.pdbx_host_org_atcc                 ? 
_entity_src_gen.pdbx_host_org_culture_collection   ? 
_entity_src_gen.pdbx_host_org_cell                 ? 
_entity_src_gen.pdbx_host_org_organelle            ? 
_entity_src_gen.pdbx_host_org_cellular_location    ? 
_entity_src_gen.pdbx_host_org_vector_type          ? 
_entity_src_gen.pdbx_host_org_vector               ? 
_entity_src_gen.host_org_details                   ? 
_entity_src_gen.expression_system_id               ? 
_entity_src_gen.plasmid_name                       ? 
_entity_src_gen.plasmid_details                    ? 
_entity_src_gen.pdbx_description                   ? 
# 
loop_
_chem_comp.id 
_chem_comp.type 
_chem_comp.mon_nstd_flag 
_chem_comp.name 
_chem_comp.pdbx_synonyms 
_chem_comp.formula 
_chem_comp.formula_weight 
ALA 'L-peptide linking' y ALANINE         ? 'C3 H7 N O2'     89.093  
ARG 'L-peptide linking' y ARGININE        ? 'C6 H15 N4 O2 1' 175.209 
ASN 'L-peptide linking' y ASPARAGINE      ? 'C4 H8 N2 O3'    132.118 
ASP 'L-peptide linking' y 'ASPARTIC ACID' ? 'C4 H7 N O4'     133.103 
CYS 'L-peptide linking' y CYSTEINE        ? 'C3 H7 N O2 S'   121.158 
GLN 'L-peptide linking' y GLUTAMINE       ? 'C5 H10 N2 O3'   146.144 
GLU 'L-peptide linking' y 'GLUTAMIC ACID' ? 'C5 H9 N O4'     147.129 
GLY 'peptide linking'   y GLYCINE         ? 'C2 H5 N O2'     75.067  
HIS 'L-peptide linking' y HISTIDINE       ? 'C6 H10 N3 O2 1' 156.162 
HOH non-polymer         . WATER           ? 'H2 O'           18.015  
ILE 'L-peptide linking' y ISOLEUCINE      ? 'C6 H13 N O2'    131.173 
LEU 'L-peptide linking' y LEUCINE         ? 'C6 H13 N O2'    131.173 
LYS 'L-peptide linking' y LYSINE          ? 'C6 H15 N2 O2 1' 147.195 
MET 'L-peptide linking' y METHIONINE      ? 'C5 H11 N O2 S'  149.211 
PHE 'L-peptide linking' y PHENYLALANINE   ? 'C9 H11 N O2'    165.189 
PRO 'L-peptide linking' y PROLINE         ? 'C5 H9 N O2'     115.130 
SER 'L-peptide linking' y SERINE          ? 'C3 H7 N O3'     105.093 
THR 'L-peptide linking' y THREONINE       ? 'C4 H9 N O3'     119.119 
TRP 'L-peptide linking' y TRYPTOPHAN      ? 'C11 H12 N2 O2'  204.225 
TYR 'L-peptide linking' y TYROSINE        ? 'C9 H11 N O3'    181.189 
VAL 'L-peptide linking' y VALINE          ? 'C5 H11 N O2'    117.146 
# 
loop_
_pdbx_poly_seq_scheme.asym_id 
_pdbx_poly_seq_scheme.entity_id 
_pdbx_poly_seq_scheme.seq_id 
_pdbx_poly_seq_scheme.mon_id 
_pdbx_poly_seq_scheme.ndb_seq_num 
_pdbx_poly_seq_scheme.pdb_seq_num 
_pdbx_poly_seq_scheme.auth_seq_num 
_pdbx_poly_seq_scheme.pdb_mon_id 
_pdbx_poly_seq_scheme.auth_mon_id 
_pdbx_poly_seq_scheme.pdb_strand_id 
_pdbx_poly_seq_scheme.pdb_ins_code 
_pdbx_poly_seq_scheme.hetero 
A 1 1   MET 1   1   1   MET MET A . n 
A 1 2   LEU 2   2   2   LEU LEU A . n 
A 1 3   THR 3   3   3   THR THR A . n 
A 1 4   VAL 4   4   4   VAL VAL A . n 
A 1 5   ILE 5   5   5   ILE ILE A . n 
A 1 6   ALA 6   6   6   ALA ALA A . n 
A 1 7   GLU 7   7   7   GLU GLU A . n 
A 1 8   ILE 8   8   8   ILE ILE A . n 
A 1 9   ARG 9   9   9   ARG ARG A . n 
A 1 10  THR 10  10  10  THR THR A . n 
A 1 11  ARG 11  11  11  ARG ARG A . n 
A 1 12  PRO 12  12  12  PRO PRO A . n 
A 1 13  GLY 13  13  13  GLY GLY A . n 
A 1 14  GLN 14  14  14  GLN GLN A . n 
A 1 15  HIS 15  15  15  HIS HIS A . n 
A 1 16  HIS 16  16  16  HIS HIS A . n 
A 1 17  ARG 17  17  17  ARG ARG A . n 
A 1 18  GLN 18  18  18  GLN GLN A . n 
A 1 19  ALA 19  19  19  ALA ALA A . n 
A 1 20  VAL 20  20  20  VAL VAL A . n 
A 1 21  LEU 21  21  21  LEU LEU A . n 
A 1 22  ASP 22  22  22  ASP ASP A . n 
A 1 23  GLN 23  23  23  GLN GLN A . n 
A 1 24  PHE 24  24  24  PHE PHE A . n 
A 1 25  ALA 25  25  25  ALA ALA A . n 
A 1 26  LYS 26  26  26  LYS LYS A . n 
A 1 27  ILE 27  27  27  ILE ILE A . n 
A 1 28  VAL 28  28  28  VAL VAL A . n 
A 1 29  PRO 29  29  29  PRO PRO A . n 
A 1 30  THR 30  30  30  THR THR A . n 
A 1 31  VAL 31  31  31  VAL VAL A . n 
A 1 32  LEU 32  32  32  LEU LEU A . n 
A 1 33  LYS 33  33  33  LYS LYS A . n 
A 1 34  GLU 34  34  34  GLU GLU A . n 
A 1 35  GLU 35  35  35  GLU GLU A . n 
A 1 36  GLY 36  36  36  GLY GLY A . n 
A 1 37  CYS 37  37  37  CYS CYS A . n 
A 1 38  HIS 38  38  38  HIS HIS A . n 
A 1 39  GLY 39  39  39  GLY GLY A . n 
A 1 40  TYR 40  40  40  TYR TYR A . n 
A 1 41  ALA 41  41  41  ALA ALA A . n 
A 1 42  PRO 42  42  42  PRO PRO A . n 
A 1 43  MET 43  43  43  MET MET A . n 
A 1 44  VAL 44  44  44  VAL VAL A . n 
A 1 45  ASP 45  45  45  ASP ASP A . n 
A 1 46  CYS 46  46  46  CYS CYS A . n 
A 1 47  ALA 47  47  47  ALA ALA A . n 
A 1 48  ALA 48  48  48  ALA ALA A . n 
A 1 49  GLY 49  49  49  GLY GLY A . n 
A 1 50  VAL 50  50  50  VAL VAL A . n 
A 1 51  SER 51  51  51  SER SER A . n 
A 1 52  PHE 52  52  52  PHE PHE A . n 
A 1 53  GLN 53  53  53  GLN GLN A . n 
A 1 54  SER 54  54  54  SER SER A . n 
A 1 55  MET 55  55  55  MET MET A . n 
A 1 56  ALA 56  56  56  ALA ALA A . n 
A 1 57  PRO 57  57  57  PRO PRO A . n 
A 1 58  ASP 58  58  58  ASP ASP A . n 
A 1 59  SER 59  59  59  SER SER A . n 
A 1 60  ILE 60  60  60  ILE ILE A . n 
A 1 61  VAL 61  61  61  VAL VAL A . n 
A 1 62  MET 62  62  62  MET MET A . n 
A 1 63  ILE 63  63  63  ILE ILE A . n 
A 1 64  GLU 64  64  64  GLU GLU A . n 
A 1 65  GLN 65  65  65  GLN GLN A . n 
A 1 66  TRP 66  66  66  TRP TRP A . n 
A 1 67  GLU 67  67  67  GLU GLU A . n 
A 1 68  SER 68  68  68  SER SER A . n 
A 1 69  ILE 69  69  69  ILE ILE A . n 
A 1 70  ALA 70  70  70  ALA ALA A . n 
A 1 71  HIS 71  71  71  HIS HIS A . n 
A 1 72  LEU 72  72  72  LEU LEU A . n 
A 1 73  GLU 73  73  73  GLU GLU A . n 
A 1 74  ALA 74  74  74  ALA ALA A . n 
A 1 75  HIS 75  75  75  HIS HIS A . n 
A 1 76  LEU 76  76  76  LEU LEU A . n 
A 1 77  GLN 77  77  77  GLN GLN A . n 
A 1 78  THR 78  78  78  THR THR A . n 
A 1 79  PRO 79  79  79  PRO PRO A . n 
A 1 80  HIS 80  80  80  HIS HIS A . n 
A 1 81  MET 81  81  81  MET MET A . n 
A 1 82  LYS 82  82  82  LYS LYS A . n 
A 1 83  ALA 83  83  83  ALA ALA A . n 
A 1 84  TYR 84  84  84  TYR TYR A . n 
A 1 85  SER 85  85  85  SER SER A . n 
A 1 86  GLU 86  86  86  GLU GLU A . n 
A 1 87  ALA 87  87  87  ALA ALA A . n 
A 1 88  VAL 88  88  88  VAL VAL A . n 
A 1 89  LYS 89  89  89  LYS LYS A . n 
A 1 90  GLY 90  90  90  GLY GLY A . n 
A 1 91  ASP 91  91  91  ASP ASP A . n 
A 1 92  VAL 92  92  92  VAL VAL A . n 
A 1 93  LEU 93  93  93  LEU LEU A . n 
A 1 94  GLU 94  94  94  GLU GLU A . n 
A 1 95  MET 95  95  95  MET MET A . n 
A 1 96  ASN 96  96  96  ASN ASN A . n 
A 1 97  ILE 97  97  97  ILE ILE A . n 
A 1 98  ARG 98  98  98  ARG ARG A . n 
A 1 99  ILE 99  99  99  ILE ILE A . n 
A 1 100 LEU 100 100 100 LEU LEU A . n 
A 1 101 GLN 101 101 101 GLN GLN A . n 
A 1 102 PRO 102 102 102 PRO PRO A . n 
A 1 103 GLY 103 103 103 GLY GLY A . n 
A 1 104 ILE 104 104 ?   ?   ?   A . n 
A 1 105 SER 105 105 ?   ?   ?   A . n 
A 1 106 GLY 106 106 ?   ?   ?   A . n 
A 1 107 ARG 107 107 ?   ?   ?   A . n 
A 1 108 VAL 108 108 ?   ?   ?   A . n 
A 1 109 GLU 109 109 ?   ?   ?   A . n 
A 1 110 HIS 110 110 ?   ?   ?   A . n 
A 1 111 HIS 111 111 ?   ?   ?   A . n 
A 1 112 HIS 112 112 ?   ?   ?   A . n 
A 1 113 HIS 113 113 ?   ?   ?   A . n 
A 1 114 HIS 114 114 ?   ?   ?   A . n 
A 1 115 HIS 115 115 ?   ?   ?   A . n 
# 
loop_
_pdbx_nonpoly_scheme.asym_id 
_pdbx_nonpoly_scheme.entity_id 
_pdbx_nonpoly_scheme.mon_id 
_pdbx_nonpoly_scheme.ndb_seq_num 
_pdbx_nonpoly_scheme.pdb_seq_num 
_pdbx_nonpoly_scheme.auth_seq_num 
_pdbx_nonpoly_scheme.pdb_mon_id 
_pdbx_nonpoly_scheme.auth_mon_id 
_pdbx_nonpoly_scheme.pdb_strand_id 
_pdbx_nonpoly_scheme.pdb_ins_code 
B 2 HOH 1   116 2   HOH HOH A . 
B 2 HOH 2   117 3   HOH HOH A . 
B 2 HOH 3   118 4   HOH HOH A . 
B 2 HOH 4   119 5   HOH HOH A . 
B 2 HOH 5   120 6   HOH HOH A . 
B 2 HOH 6   121 7   HOH HOH A . 
B 2 HOH 7   122 8   HOH HOH A . 
B 2 HOH 8   123 13  HOH HOH A . 
B 2 HOH 9   124 14  HOH HOH A . 
B 2 HOH 10  125 15  HOH HOH A . 
B 2 HOH 11  126 16  HOH HOH A . 
B 2 HOH 12  127 17  HOH HOH A . 
B 2 HOH 13  128 18  HOH HOH A . 
B 2 HOH 14  129 19  HOH HOH A . 
B 2 HOH 15  130 20  HOH HOH A . 
B 2 HOH 16  131 21  HOH HOH A . 
B 2 HOH 17  132 22  HOH HOH A . 
B 2 HOH 18  133 23  HOH HOH A . 
B 2 HOH 19  134 24  HOH HOH A . 
B 2 HOH 20  135 25  HOH HOH A . 
B 2 HOH 21  136 26  HOH HOH A . 
B 2 HOH 22  137 27  HOH HOH A . 
B 2 HOH 23  138 28  HOH HOH A . 
B 2 HOH 24  139 29  HOH HOH A . 
B 2 HOH 25  140 30  HOH HOH A . 
B 2 HOH 26  141 31  HOH HOH A . 
B 2 HOH 27  142 32  HOH HOH A . 
B 2 HOH 28  143 33  HOH HOH A . 
B 2 HOH 29  144 34  HOH HOH A . 
B 2 HOH 30  145 35  HOH HOH A . 
B 2 HOH 31  146 36  HOH HOH A . 
B 2 HOH 32  147 37  HOH HOH A . 
B 2 HOH 33  148 38  HOH HOH A . 
B 2 HOH 34  149 39  HOH HOH A . 
B 2 HOH 35  150 40  HOH HOH A . 
B 2 HOH 36  151 41  HOH HOH A . 
B 2 HOH 37  152 42  HOH HOH A . 
B 2 HOH 38  153 43  HOH HOH A . 
B 2 HOH 39  154 44  HOH HOH A . 
B 2 HOH 40  155 45  HOH HOH A . 
B 2 HOH 41  156 46  HOH HOH A . 
B 2 HOH 42  157 47  HOH HOH A . 
B 2 HOH 43  158 48  HOH HOH A . 
B 2 HOH 44  159 49  HOH HOH A . 
B 2 HOH 45  160 50  HOH HOH A . 
B 2 HOH 46  161 51  HOH HOH A . 
B 2 HOH 47  162 52  HOH HOH A . 
B 2 HOH 48  163 53  HOH HOH A . 
B 2 HOH 49  164 54  HOH HOH A . 
B 2 HOH 50  165 55  HOH HOH A . 
B 2 HOH 51  166 56  HOH HOH A . 
B 2 HOH 52  167 57  HOH HOH A . 
B 2 HOH 53  168 58  HOH HOH A . 
B 2 HOH 54  169 59  HOH HOH A . 
B 2 HOH 55  170 60  HOH HOH A . 
B 2 HOH 56  171 61  HOH HOH A . 
B 2 HOH 57  172 62  HOH HOH A . 
B 2 HOH 58  173 63  HOH HOH A . 
B 2 HOH 59  174 64  HOH HOH A . 
B 2 HOH 60  175 65  HOH HOH A . 
B 2 HOH 61  176 66  HOH HOH A . 
B 2 HOH 62  177 67  HOH HOH A . 
B 2 HOH 63  178 68  HOH HOH A . 
B 2 HOH 64  179 69  HOH HOH A . 
B 2 HOH 65  180 70  HOH HOH A . 
B 2 HOH 66  181 71  HOH HOH A . 
B 2 HOH 67  182 72  HOH HOH A . 
B 2 HOH 68  183 73  HOH HOH A . 
B 2 HOH 69  184 74  HOH HOH A . 
B 2 HOH 70  185 75  HOH HOH A . 
B 2 HOH 71  186 76  HOH HOH A . 
B 2 HOH 72  187 77  HOH HOH A . 
B 2 HOH 73  188 78  HOH HOH A . 
B 2 HOH 74  189 79  HOH HOH A . 
B 2 HOH 75  190 80  HOH HOH A . 
B 2 HOH 76  191 81  HOH HOH A . 
B 2 HOH 77  192 82  HOH HOH A . 
B 2 HOH 78  193 83  HOH HOH A . 
B 2 HOH 79  194 84  HOH HOH A . 
B 2 HOH 80  195 85  HOH HOH A . 
B 2 HOH 81  196 87  HOH HOH A . 
B 2 HOH 82  197 88  HOH HOH A . 
B 2 HOH 83  198 89  HOH HOH A . 
B 2 HOH 84  199 90  HOH HOH A . 
B 2 HOH 85  200 91  HOH HOH A . 
B 2 HOH 86  201 92  HOH HOH A . 
B 2 HOH 87  202 93  HOH HOH A . 
B 2 HOH 88  203 94  HOH HOH A . 
B 2 HOH 89  204 95  HOH HOH A . 
B 2 HOH 90  205 96  HOH HOH A . 
B 2 HOH 91  206 97  HOH HOH A . 
B 2 HOH 92  207 98  HOH HOH A . 
B 2 HOH 93  208 99  HOH HOH A . 
B 2 HOH 94  209 100 HOH HOH A . 
B 2 HOH 95  210 101 HOH HOH A . 
B 2 HOH 96  211 102 HOH HOH A . 
B 2 HOH 97  212 103 HOH HOH A . 
B 2 HOH 98  213 104 HOH HOH A . 
B 2 HOH 99  214 105 HOH HOH A . 
B 2 HOH 100 215 106 HOH HOH A . 
B 2 HOH 101 216 107 HOH HOH A . 
B 2 HOH 102 217 108 HOH HOH A . 
B 2 HOH 103 218 109 HOH HOH A . 
B 2 HOH 104 219 110 HOH HOH A . 
B 2 HOH 105 220 111 HOH HOH A . 
B 2 HOH 106 221 112 HOH HOH A . 
B 2 HOH 107 222 113 HOH HOH A . 
B 2 HOH 108 223 114 HOH HOH A . 
B 2 HOH 109 224 115 HOH HOH A . 
B 2 HOH 110 225 116 HOH HOH A . 
B 2 HOH 111 226 117 HOH HOH A . 
B 2 HOH 112 227 118 HOH HOH A . 
B 2 HOH 113 228 119 HOH HOH A . 
B 2 HOH 114 229 120 HOH HOH A . 
B 2 HOH 115 230 121 HOH HOH A . 
B 2 HOH 116 231 122 HOH HOH A . 
B 2 HOH 117 232 123 HOH HOH A . 
B 2 HOH 118 233 124 HOH HOH A . 
B 2 HOH 119 234 125 HOH HOH A . 
B 2 HOH 120 235 126 HOH HOH A . 
B 2 HOH 121 236 127 HOH HOH A . 
B 2 HOH 122 237 128 HOH HOH A . 
B 2 HOH 123 238 129 HOH HOH A . 
B 2 HOH 124 239 130 HOH HOH A . 
B 2 HOH 125 240 131 HOH HOH A . 
B 2 HOH 126 241 132 HOH HOH A . 
B 2 HOH 127 242 133 HOH HOH A . 
B 2 HOH 128 243 134 HOH HOH A . 
B 2 HOH 129 244 135 HOH HOH A . 
B 2 HOH 130 245 136 HOH HOH A . 
B 2 HOH 131 246 137 HOH HOH A . 
B 2 HOH 132 247 138 HOH HOH A . 
B 2 HOH 133 248 139 HOH HOH A . 
B 2 HOH 134 249 140 HOH HOH A . 
B 2 HOH 135 250 141 HOH HOH A . 
B 2 HOH 136 251 142 HOH HOH A . 
B 2 HOH 137 252 143 HOH HOH A . 
B 2 HOH 138 253 144 HOH HOH A . 
B 2 HOH 139 254 145 HOH HOH A . 
B 2 HOH 140 255 146 HOH HOH A . 
B 2 HOH 141 256 147 HOH HOH A . 
B 2 HOH 142 257 148 HOH HOH A . 
B 2 HOH 143 258 149 HOH HOH A . 
B 2 HOH 144 259 150 HOH HOH A . 
B 2 HOH 145 260 151 HOH HOH A . 
B 2 HOH 146 261 152 HOH HOH A . 
B 2 HOH 147 262 153 HOH HOH A . 
B 2 HOH 148 263 154 HOH HOH A . 
B 2 HOH 149 264 155 HOH HOH A . 
B 2 HOH 150 265 156 HOH HOH A . 
B 2 HOH 151 266 157 HOH HOH A . 
B 2 HOH 152 267 158 HOH HOH A . 
B 2 HOH 153 268 159 HOH HOH A . 
B 2 HOH 154 269 160 HOH HOH A . 
B 2 HOH 155 270 161 HOH HOH A . 
B 2 HOH 156 271 162 HOH HOH A . 
B 2 HOH 157 272 163 HOH HOH A . 
B 2 HOH 158 273 164 HOH HOH A . 
B 2 HOH 159 274 165 HOH HOH A . 
B 2 HOH 160 275 166 HOH HOH A . 
B 2 HOH 161 276 167 HOH HOH A . 
B 2 HOH 162 277 168 HOH HOH A . 
B 2 HOH 163 278 169 HOH HOH A . 
B 2 HOH 164 279 170 HOH HOH A . 
B 2 HOH 165 280 171 HOH HOH A . 
B 2 HOH 166 281 172 HOH HOH A . 
B 2 HOH 167 282 173 HOH HOH A . 
B 2 HOH 168 283 174 HOH HOH A . 
B 2 HOH 169 284 175 HOH HOH A . 
B 2 HOH 170 285 176 HOH HOH A . 
B 2 HOH 171 286 177 HOH HOH A . 
B 2 HOH 172 287 178 HOH HOH A . 
B 2 HOH 173 288 179 HOH HOH A . 
B 2 HOH 174 289 180 HOH HOH A . 
B 2 HOH 175 290 181 HOH HOH A . 
B 2 HOH 176 291 182 HOH HOH A . 
B 2 HOH 177 292 183 HOH HOH A . 
B 2 HOH 178 293 184 HOH HOH A . 
B 2 HOH 179 294 185 HOH HOH A . 
B 2 HOH 180 295 186 HOH HOH A . 
B 2 HOH 181 296 187 HOH HOH A . 
B 2 HOH 182 297 188 HOH HOH A . 
B 2 HOH 183 298 189 HOH HOH A . 
B 2 HOH 184 299 190 HOH HOH A . 
B 2 HOH 185 300 191 HOH HOH A . 
# 
loop_
_software.name 
_software.classification 
_software.version 
_software.citation_id 
_software.pdbx_ordinal 
REFMAC    refinement       5.1.24 ? 1 
DENZO     'data reduction' .      ? 2 
SCALEPACK 'data scaling'   .      ? 3 
SHELXD    phasing          .      ? 4 
# 
_cell.entry_id           1R6Y 
_cell.length_a           102.057 
_cell.length_b           102.057 
_cell.length_c           102.057 
_cell.angle_alpha        90.00 
_cell.angle_beta         90.00 
_cell.angle_gamma        90.00 
_cell.Z_PDB              24 
_cell.pdbx_unique_axis   ? 
# 
_symmetry.entry_id                         1R6Y 
_symmetry.space_group_name_H-M             'P 41 3 2' 
_symmetry.pdbx_full_space_group_name_H-M   ? 
_symmetry.cell_setting                     ? 
_symmetry.Int_Tables_number                213 
_symmetry.space_group_name_Hall            ? 
# 
_exptl.entry_id          1R6Y 
_exptl.method            'X-RAY DIFFRACTION' 
_exptl.crystals_number   2 
# 
_exptl_crystal.id                    1 
_exptl_crystal.density_meas          ? 
_exptl_crystal.density_percent_sol   64.16 
_exptl_crystal.description           ? 
_exptl_crystal.density_Matthews      3.43 
_exptl_crystal.F_000                 ? 
_exptl_crystal.preparation           ? 
# 
_exptl_crystal_grow.crystal_id      1 
_exptl_crystal_grow.method          'VAPOR DIFFUSION, HANGING DROP' 
_exptl_crystal_grow.temp            295 
_exptl_crystal_grow.temp_details    ? 
_exptl_crystal_grow.pH              5.6 
_exptl_crystal_grow.pdbx_details    
'Ammonium Sulphate, Tri-Sodium Citrate, Sodium/Potassium Tartrate, pH 5.6, VAPOR DIFFUSION, HANGING DROP, temperature 295K' 
_exptl_crystal_grow.pdbx_pH_range   . 
# 
loop_
_diffrn.id 
_diffrn.ambient_temp 
_diffrn.ambient_temp_details 
_diffrn.crystal_id 
1   100 ? 1 
2   100 ? 1 
1,2 ?   ? 1 
# 
loop_
_diffrn_detector.diffrn_id 
_diffrn_detector.detector 
_diffrn_detector.type 
_diffrn_detector.pdbx_collection_date 
_diffrn_detector.details 
1 CCD 'ADSC QUANTUM 4' 2002-04-25 ? 
2 CCD MARRESEARCH      2003-04-11 ? 
# 
loop_
_diffrn_radiation.diffrn_id 
_diffrn_radiation.wavelength_id 
_diffrn_radiation.pdbx_monochromatic_or_laue_m_l 
_diffrn_radiation.monochromator 
_diffrn_radiation.pdbx_diffrn_protocol 
_diffrn_radiation.pdbx_scattering_type 
1 1 M 'Rh-coated Si Mirrors'         'SINGLE WAVELENGTH' x-ray 
2 1 M 'double crystal monochromator' MAD                 x-ray 
# 
loop_
_diffrn_radiation_wavelength.id 
_diffrn_radiation_wavelength.wavelength 
_diffrn_radiation_wavelength.wt 
1 1.199998 1.0 
2 0.979383 1.0 
3 0.979228 1.0 
4 0.971708 1.0 
# 
loop_
_diffrn_source.diffrn_id 
_diffrn_source.source 
_diffrn_source.type 
_diffrn_source.pdbx_synchrotron_site 
_diffrn_source.pdbx_synchrotron_beamline 
_diffrn_source.pdbx_wavelength 
_diffrn_source.pdbx_wavelength_list 
1 SYNCHROTRON 'CHESS BEAMLINE F1' CHESS F1  ? 1.199998                       
2 SYNCHROTRON 'NSLS BEAMLINE X9A' NSLS  X9A ? '0.979383, 0.979228, 0.971708' 
# 
_reflns.entry_id                     1R6Y 
_reflns.observed_criterion_sigma_F   2.0 
_reflns.observed_criterion_sigma_I   1.0 
_reflns.d_resolution_high            2.2 
_reflns.d_resolution_low             50.0 
_reflns.number_all                   9700 
_reflns.number_obs                   9700 
_reflns.percent_possible_obs         99.7 
_reflns.pdbx_Rmerge_I_obs            ? 
_reflns.pdbx_Rsym_value              ? 
_reflns.pdbx_netI_over_sigmaI        ? 
_reflns.B_iso_Wilson_estimate        ? 
_reflns.pdbx_redundancy              ? 
_reflns.R_free_details               ? 
_reflns.limit_h_max                  ? 
_reflns.limit_h_min                  ? 
_reflns.limit_k_max                  ? 
_reflns.limit_k_min                  ? 
_reflns.limit_l_max                  ? 
_reflns.limit_l_min                  ? 
_reflns.observed_criterion_F_max     ? 
_reflns.observed_criterion_F_min     ? 
_reflns.pdbx_chi_squared             ? 
_reflns.pdbx_scaling_rejects         ? 
_reflns.pdbx_ordinal                 1 
_reflns.pdbx_diffrn_id               1,2 
# 
_reflns_shell.d_res_high             2.2 
_reflns_shell.d_res_low              2.28 
_reflns_shell.percent_possible_all   99.8 
_reflns_shell.Rmerge_I_obs           ? 
_reflns_shell.pdbx_Rsym_value        ? 
_reflns_shell.meanI_over_sigI_obs    ? 
_reflns_shell.pdbx_redundancy        ? 
_reflns_shell.percent_possible_obs   ? 
_reflns_shell.number_unique_all      ? 
_reflns_shell.number_measured_all    ? 
_reflns_shell.number_measured_obs    ? 
_reflns_shell.number_unique_obs      ? 
_reflns_shell.pdbx_chi_squared       ? 
_reflns_shell.pdbx_ordinal           1 
_reflns_shell.pdbx_diffrn_id         1,2 
# 
_refine.entry_id                                 1R6Y 
_refine.ls_number_reflns_obs                     9700 
_refine.ls_number_reflns_all                     9700 
_refine.pdbx_ls_sigma_I                          ? 
_refine.pdbx_ls_sigma_F                          2 
_refine.pdbx_data_cutoff_high_absF               ? 
_refine.pdbx_data_cutoff_low_absF                ? 
_refine.pdbx_data_cutoff_high_rms_absF           ? 
_refine.ls_d_res_low                             19.65 
_refine.ls_d_res_high                            2.20 
_refine.ls_percent_reflns_obs                    100.00 
_refine.ls_R_factor_obs                          0.21031 
_refine.ls_R_factor_all                          0.21031 
_refine.ls_R_factor_R_work                       0.20842 
_refine.ls_R_factor_R_free                       0.24948 
_refine.ls_R_factor_R_free_error                 ? 
_refine.ls_R_factor_R_free_error_details         ? 
_refine.ls_percent_reflns_R_free                 4.8 
_refine.ls_number_reflns_R_free                  467 
_refine.ls_number_parameters                     ? 
_refine.ls_number_restraints                     ? 
_refine.occupancy_min                            ? 
_refine.occupancy_max                            ? 
_refine.correlation_coeff_Fo_to_Fc               0.932 
_refine.correlation_coeff_Fo_to_Fc_free          0.890 
_refine.B_iso_mean                               37.566 
_refine.aniso_B[1][1]                            ? 
_refine.aniso_B[2][2]                            ? 
_refine.aniso_B[3][3]                            ? 
_refine.aniso_B[1][2]                            ? 
_refine.aniso_B[1][3]                            ? 
_refine.aniso_B[2][3]                            ? 
_refine.solvent_model_details                    'BABINET MODEL WITH MASK' 
_refine.solvent_model_param_ksol                 ? 
_refine.solvent_model_param_bsol                 ? 
_refine.pdbx_solvent_vdw_probe_radii             1.40 
_refine.pdbx_solvent_ion_probe_radii             0.80 
_refine.pdbx_solvent_shrinkage_radii             0.80 
_refine.pdbx_ls_cross_valid_method               THROUGHOUT 
_refine.details                                  'HYDROGENS HAVE BEEN ADDED IN THE RIDING POSITIONS' 
_refine.pdbx_starting_model                      ? 
_refine.pdbx_method_to_determine_struct          MAD 
_refine.pdbx_isotropic_thermal_model             ? 
_refine.pdbx_stereochemistry_target_values       ? 
_refine.pdbx_stereochem_target_val_spec_case     ? 
_refine.pdbx_R_Free_selection_details            RANDOM 
_refine.pdbx_overall_ESU_R                       0.200 
_refine.pdbx_overall_ESU_R_Free                  0.182 
_refine.overall_SU_ML                            0.103 
_refine.overall_SU_B                             3.944 
_refine.ls_redundancy_reflns_obs                 ? 
_refine.B_iso_min                                ? 
_refine.B_iso_max                                ? 
_refine.overall_SU_R_Cruickshank_DPI             ? 
_refine.overall_SU_R_free                        ? 
_refine.ls_wR_factor_R_free                      ? 
_refine.ls_wR_factor_R_work                      ? 
_refine.overall_FOM_free_R_set                   ? 
_refine.overall_FOM_work_R_set                   ? 
_refine.pdbx_refine_id                           'X-RAY DIFFRACTION' 
_refine.pdbx_diffrn_id                           1 
_refine.pdbx_TLS_residual_ADP_flag               ? 
_refine.pdbx_overall_phase_error                 ? 
_refine.pdbx_overall_SU_R_free_Cruickshank_DPI   ? 
_refine.pdbx_overall_SU_R_Blow_DPI               ? 
_refine.pdbx_overall_SU_R_free_Blow_DPI          ? 
# 
_refine_hist.pdbx_refine_id                   'X-RAY DIFFRACTION' 
_refine_hist.cycle_id                         LAST 
_refine_hist.pdbx_number_atoms_protein        797 
_refine_hist.pdbx_number_atoms_nucleic_acid   0 
_refine_hist.pdbx_number_atoms_ligand         0 
_refine_hist.number_atoms_solvent             185 
_refine_hist.number_atoms_total               982 
_refine_hist.d_res_high                       2.20 
_refine_hist.d_res_low                        19.65 
# 
loop_
_refine_ls_restr.type 
_refine_ls_restr.dev_ideal 
_refine_ls_restr.dev_ideal_target 
_refine_ls_restr.weight 
_refine_ls_restr.number 
_refine_ls_restr.pdbx_refine_id 
_refine_ls_restr.pdbx_restraint_function 
r_bond_refined_d         0.040 0.021 ? 814  'X-RAY DIFFRACTION' ? 
r_bond_other_d           0.002 0.020 ? 748  'X-RAY DIFFRACTION' ? 
r_angle_refined_deg      2.330 1.942 ? 1103 'X-RAY DIFFRACTION' ? 
r_angle_other_deg        1.037 3.000 ? 1745 'X-RAY DIFFRACTION' ? 
r_dihedral_angle_1_deg   6.951 5.000 ? 102  'X-RAY DIFFRACTION' ? 
r_chiral_restr           0.153 0.200 ? 125  'X-RAY DIFFRACTION' ? 
r_gen_planes_refined     0.012 0.020 ? 896  'X-RAY DIFFRACTION' ? 
r_gen_planes_other       0.006 0.020 ? 147  'X-RAY DIFFRACTION' ? 
r_nbd_refined            0.269 0.202 ? 161  'X-RAY DIFFRACTION' ? 
r_nbd_other              0.256 0.200 ? 830  'X-RAY DIFFRACTION' ? 
r_nbtor_other            0.102 0.200 ? 541  'X-RAY DIFFRACTION' ? 
r_xyhbond_nbd_refined    0.213 0.200 ? 13   'X-RAY DIFFRACTION' ? 
r_symmetry_vdw_refined   0.284 0.200 ? 6    'X-RAY DIFFRACTION' ? 
r_symmetry_vdw_other     0.445 0.200 ? 33   'X-RAY DIFFRACTION' ? 
r_symmetry_hbond_refined 0.062 0.200 ? 4    'X-RAY DIFFRACTION' ? 
r_mcbond_it              1.666 1.500 ? 514  'X-RAY DIFFRACTION' ? 
r_mcangle_it             3.012 2.000 ? 831  'X-RAY DIFFRACTION' ? 
r_scbond_it              4.660 3.000 ? 300  'X-RAY DIFFRACTION' ? 
r_scangle_it             7.551 4.500 ? 272  'X-RAY DIFFRACTION' ? 
# 
_refine_ls_shell.pdbx_total_number_of_bins_used   20 
_refine_ls_shell.d_res_high                       2.20 
_refine_ls_shell.d_res_low                        2.256 
_refine_ls_shell.number_reflns_R_work             646 
_refine_ls_shell.R_factor_R_work                  0.231 
_refine_ls_shell.percent_reflns_obs               ? 
_refine_ls_shell.R_factor_R_free                  0.222 
_refine_ls_shell.R_factor_R_free_error            ? 
_refine_ls_shell.percent_reflns_R_free            ? 
_refine_ls_shell.number_reflns_R_free             40 
_refine_ls_shell.number_reflns_obs                ? 
_refine_ls_shell.redundancy_reflns_obs            ? 
_refine_ls_shell.number_reflns_all                ? 
_refine_ls_shell.pdbx_refine_id                   'X-RAY DIFFRACTION' 
_refine_ls_shell.R_factor_all                     ? 
# 
_struct.entry_id                  1R6Y 
_struct.title                     'Crystal structure of YgiN from Escherichia coli' 
_struct.pdbx_model_details        ? 
_struct.pdbx_CASP_flag            ? 
_struct.pdbx_model_type_details   ? 
# 
_struct_keywords.entry_id        1R6Y 
_struct_keywords.pdbx_keywords   'Structural genomics, Unknown function' 
_struct_keywords.text            
;structural genomics, hypothetical protein, functional annotation, ferredoxin-like fold, Montreal-Kingston Bacterial Structural Genomics Initiative, BSGI, Unknown function
;
# 
loop_
_struct_asym.id 
_struct_asym.pdbx_blank_PDB_chainid_flag 
_struct_asym.pdbx_modified 
_struct_asym.entity_id 
_struct_asym.details 
A N N 1 ? 
B N N 2 ? 
# 
_struct_ref.id                         1 
_struct_ref.db_name                    UNP 
_struct_ref.db_code                    YGIN_ECOLI 
_struct_ref.pdbx_db_accession          P40718 
_struct_ref.entity_id                  1 
_struct_ref.pdbx_seq_one_letter_code   
;MLTVIAEIRTRPGQHHRQAVLDQFAKIVPTVLKEEGCHGYAPMVDCAAGVSFQSMAPDSIVMIEQWESIAHLEAHLQTPH
MKAYSEAVKGDVLEMNIRILQPGI
;
_struct_ref.pdbx_align_begin           1 
_struct_ref.pdbx_db_isoform            ? 
# 
_struct_ref_seq.align_id                      1 
_struct_ref_seq.ref_id                        1 
_struct_ref_seq.pdbx_PDB_id_code              1R6Y 
_struct_ref_seq.pdbx_strand_id                A 
_struct_ref_seq.seq_align_beg                 1 
_struct_ref_seq.pdbx_seq_align_beg_ins_code   ? 
_struct_ref_seq.seq_align_end                 104 
_struct_ref_seq.pdbx_seq_align_end_ins_code   ? 
_struct_ref_seq.pdbx_db_accession             P40718 
_struct_ref_seq.db_align_beg                  1 
_struct_ref_seq.pdbx_db_align_beg_ins_code    ? 
_struct_ref_seq.db_align_end                  104 
_struct_ref_seq.pdbx_db_align_end_ins_code    ? 
_struct_ref_seq.pdbx_auth_seq_align_beg       1 
_struct_ref_seq.pdbx_auth_seq_align_end       104 
# 
loop_
_struct_ref_seq_dif.align_id 
_struct_ref_seq_dif.pdbx_pdb_id_code 
_struct_ref_seq_dif.mon_id 
_struct_ref_seq_dif.pdbx_pdb_strand_id 
_struct_ref_seq_dif.seq_num 
_struct_ref_seq_dif.pdbx_pdb_ins_code 
_struct_ref_seq_dif.pdbx_seq_db_name 
_struct_ref_seq_dif.pdbx_seq_db_accession_code 
_struct_ref_seq_dif.db_mon_id 
_struct_ref_seq_dif.pdbx_seq_db_seq_num 
_struct_ref_seq_dif.details 
_struct_ref_seq_dif.pdbx_auth_seq_num 
_struct_ref_seq_dif.pdbx_ordinal 
1 1R6Y SER A 105 ? UNP P40718 ? ? 'expression tag' 105 1  
1 1R6Y GLY A 106 ? UNP P40718 ? ? 'expression tag' 106 2  
1 1R6Y ARG A 107 ? UNP P40718 ? ? 'expression tag' 107 3  
1 1R6Y VAL A 108 ? UNP P40718 ? ? 'expression tag' 108 4  
1 1R6Y GLU A 109 ? UNP P40718 ? ? 'expression tag' 109 5  
1 1R6Y HIS A 110 ? UNP P40718 ? ? 'expression tag' 110 6  
1 1R6Y HIS A 111 ? UNP P40718 ? ? 'expression tag' 111 7  
1 1R6Y HIS A 112 ? UNP P40718 ? ? 'expression tag' 112 8  
1 1R6Y HIS A 113 ? UNP P40718 ? ? 'expression tag' 113 9  
1 1R6Y HIS A 114 ? UNP P40718 ? ? 'expression tag' 114 10 
1 1R6Y HIS A 115 ? UNP P40718 ? ? 'expression tag' 115 11 
# 
_pdbx_struct_assembly.id                   1 
_pdbx_struct_assembly.details              author_and_software_defined_assembly 
_pdbx_struct_assembly.method_details       PISA,PQS 
_pdbx_struct_assembly.oligomeric_details   dimeric 
_pdbx_struct_assembly.oligomeric_count     2 
# 
loop_
_pdbx_struct_assembly_prop.biol_id 
_pdbx_struct_assembly_prop.type 
_pdbx_struct_assembly_prop.value 
_pdbx_struct_assembly_prop.details 
1 'ABSA (A^2)' 2720  ? 
1 MORE         -20   ? 
1 'SSA (A^2)'  10450 ? 
# 
_pdbx_struct_assembly_gen.assembly_id       1 
_pdbx_struct_assembly_gen.oper_expression   1,2 
_pdbx_struct_assembly_gen.asym_id_list      A,B 
# 
loop_
_pdbx_struct_oper_list.id 
_pdbx_struct_oper_list.type 
_pdbx_struct_oper_list.name 
_pdbx_struct_oper_list.symmetry_operation 
_pdbx_struct_oper_list.matrix[1][1] 
_pdbx_struct_oper_list.matrix[1][2] 
_pdbx_struct_oper_list.matrix[1][3] 
_pdbx_struct_oper_list.vector[1] 
_pdbx_struct_oper_list.matrix[2][1] 
_pdbx_struct_oper_list.matrix[2][2] 
_pdbx_struct_oper_list.matrix[2][3] 
_pdbx_struct_oper_list.vector[2] 
_pdbx_struct_oper_list.matrix[3][1] 
_pdbx_struct_oper_list.matrix[3][2] 
_pdbx_struct_oper_list.matrix[3][3] 
_pdbx_struct_oper_list.vector[3] 
1 'identity operation'         1_555  x,y,z              1.0000000000 0.0000000000 0.0000000000 0.0000000000 0.0000000000 1.0000000000  0.0000000000 0.0000000000   0.0000000000 0.0000000000 1.0000000000  0.0000000000 
2 'crystal symmetry operation' 22_554 z+1/4,-y+1/4,x-1/4 0.3394948428 0.8767713472 0.3406101237 9.4023784806 0.8767713472 -0.4261060433 0.2229476274 -17.0029824222 0.3406101237 0.2229476274 -0.9133887995 6.7916076456 
# 
_struct_biol.id                    1 
_struct_biol.pdbx_parent_biol_id   ? 
_struct_biol.details               ? 
# 
loop_
_struct_conf.conf_type_id 
_struct_conf.id 
_struct_conf.pdbx_PDB_helix_id 
_struct_conf.beg_label_comp_id 
_struct_conf.beg_label_asym_id 
_struct_conf.beg_label_seq_id 
_struct_conf.pdbx_beg_PDB_ins_code 
_struct_conf.end_label_comp_id 
_struct_conf.end_label_asym_id 
_struct_conf.end_label_seq_id 
_struct_conf.pdbx_end_PDB_ins_code 
_struct_conf.beg_auth_comp_id 
_struct_conf.beg_auth_asym_id 
_struct_conf.beg_auth_seq_id 
_struct_conf.end_auth_comp_id 
_struct_conf.end_auth_asym_id 
_struct_conf.end_auth_seq_id 
_struct_conf.pdbx_PDB_helix_class 
_struct_conf.details 
_struct_conf.pdbx_PDB_helix_length 
HELX_P HELX_P1 1 HIS A 15 ? LYS A 33 ? HIS A 15 LYS A 33 1 ? 19 
HELX_P HELX_P2 2 SER A 68 ? GLN A 77 ? SER A 68 GLN A 77 1 ? 10 
HELX_P HELX_P3 3 THR A 78 ? LYS A 89 ? THR A 78 LYS A 89 1 ? 12 
# 
_struct_conf_type.id          HELX_P 
_struct_conf_type.criteria    ? 
_struct_conf_type.reference   ? 
# 
_struct_sheet.id               A 
_struct_sheet.type             ? 
_struct_sheet.number_strands   4 
_struct_sheet.details          ? 
# 
loop_
_struct_sheet_order.sheet_id 
_struct_sheet_order.range_id_1 
_struct_sheet_order.range_id_2 
_struct_sheet_order.offset 
_struct_sheet_order.sense 
A 1 2 ? anti-parallel 
A 2 3 ? anti-parallel 
A 3 4 ? anti-parallel 
# 
loop_
_struct_sheet_range.sheet_id 
_struct_sheet_range.id 
_struct_sheet_range.beg_label_comp_id 
_struct_sheet_range.beg_label_asym_id 
_struct_sheet_range.beg_label_seq_id 
_struct_sheet_range.pdbx_beg_PDB_ins_code 
_struct_sheet_range.end_label_comp_id 
_struct_sheet_range.end_label_asym_id 
_struct_sheet_range.end_label_seq_id 
_struct_sheet_range.pdbx_end_PDB_ins_code 
_struct_sheet_range.beg_auth_comp_id 
_struct_sheet_range.beg_auth_asym_id 
_struct_sheet_range.beg_auth_seq_id 
_struct_sheet_range.end_auth_comp_id 
_struct_sheet_range.end_auth_asym_id 
_struct_sheet_range.end_auth_seq_id 
A 1 CYS A 37 ? MET A 43  ? CYS A 37 MET A 43  
A 2 SER A 59 ? TRP A 66  ? SER A 59 TRP A 66  
A 3 LEU A 2  ? THR A 10  ? LEU A 2  THR A 10  
A 4 VAL A 92 ? LEU A 100 ? VAL A 92 LEU A 100 
# 
loop_
_pdbx_struct_sheet_hbond.sheet_id 
_pdbx_struct_sheet_hbond.range_id_1 
_pdbx_struct_sheet_hbond.range_id_2 
_pdbx_struct_sheet_hbond.range_1_label_atom_id 
_pdbx_struct_sheet_hbond.range_1_label_comp_id 
_pdbx_struct_sheet_hbond.range_1_label_asym_id 
_pdbx_struct_sheet_hbond.range_1_label_seq_id 
_pdbx_struct_sheet_hbond.range_1_PDB_ins_code 
_pdbx_struct_sheet_hbond.range_1_auth_atom_id 
_pdbx_struct_sheet_hbond.range_1_auth_comp_id 
_pdbx_struct_sheet_hbond.range_1_auth_asym_id 
_pdbx_struct_sheet_hbond.range_1_auth_seq_id 
_pdbx_struct_sheet_hbond.range_2_label_atom_id 
_pdbx_struct_sheet_hbond.range_2_label_comp_id 
_pdbx_struct_sheet_hbond.range_2_label_asym_id 
_pdbx_struct_sheet_hbond.range_2_label_seq_id 
_pdbx_struct_sheet_hbond.range_2_PDB_ins_code 
_pdbx_struct_sheet_hbond.range_2_auth_atom_id 
_pdbx_struct_sheet_hbond.range_2_auth_comp_id 
_pdbx_struct_sheet_hbond.range_2_auth_asym_id 
_pdbx_struct_sheet_hbond.range_2_auth_seq_id 
A 1 2 N MET A 43 ? N MET A 43 O VAL A 61  ? O VAL A 61  
A 2 3 O ILE A 60 ? O ILE A 60 N ILE A 8   ? N ILE A 8   
A 3 4 N THR A 3  ? N THR A 3  O LEU A 100 ? O LEU A 100 
# 
loop_
_pdbx_validate_close_contact.id 
_pdbx_validate_close_contact.PDB_model_num 
_pdbx_validate_close_contact.auth_atom_id_1 
_pdbx_validate_close_contact.auth_asym_id_1 
_pdbx_validate_close_contact.auth_comp_id_1 
_pdbx_validate_close_contact.auth_seq_id_1 
_pdbx_validate_close_contact.PDB_ins_code_1 
_pdbx_validate_close_contact.label_alt_id_1 
_pdbx_validate_close_contact.auth_atom_id_2 
_pdbx_validate_close_contact.auth_asym_id_2 
_pdbx_validate_close_contact.auth_comp_id_2 
_pdbx_validate_close_contact.auth_seq_id_2 
_pdbx_validate_close_contact.PDB_ins_code_2 
_pdbx_validate_close_contact.label_alt_id_2 
_pdbx_validate_close_contact.dist 
1  1 O   A HOH 117 ? ? O A HOH 123 ? ? 1.03 
2  1 O   A HOH 121 ? ? O A HOH 128 ? ? 1.22 
3  1 CB  A ASP 45  ? ? O A HOH 116 ? ? 1.30 
4  1 O   A HOH 176 ? ? O A HOH 260 ? ? 1.34 
5  1 O   A VAL 4   ? ? O A HOH 273 ? ? 1.34 
6  1 CG  A ASP 45  ? ? O A HOH 116 ? ? 1.37 
7  1 C   A GLY 103 ? ? O A HOH 120 ? ? 1.40 
8  1 O   A HOH 117 ? ? O A HOH 118 ? ? 1.44 
9  1 O   A HOH 118 ? ? O A HOH 119 ? ? 1.48 
10 1 OD2 A ASP 45  ? ? O A HOH 116 ? ? 1.62 
11 1 O   A HOH 144 ? ? O A HOH 147 ? ? 1.65 
12 1 O   A HOH 160 ? ? O A HOH 237 ? ? 1.69 
13 1 O   A HOH 166 ? ? O A HOH 212 ? ? 1.70 
14 1 N   A MET 1   ? ? O A HOH 119 ? ? 1.77 
15 1 O   A HOH 120 ? ? O A HOH 121 ? ? 1.80 
16 1 O   A HOH 155 ? ? O A HOH 158 ? ? 1.84 
17 1 O   A HOH 181 ? ? O A HOH 263 ? ? 1.86 
18 1 O   A HOH 117 ? ? O A HOH 188 ? ? 1.89 
19 1 SD  A MET 43  ? ? O A HOH 243 ? ? 1.91 
20 1 NH1 A ARG 9   ? ? O A HOH 240 ? ? 1.91 
21 1 O   A HOH 166 ? ? O A HOH 207 ? ? 1.91 
22 1 O   A HOH 173 ? ? O A HOH 264 ? ? 1.93 
23 1 CA  A MET 1   ? ? O A HOH 119 ? ? 1.93 
24 1 O   A HOH 121 ? ? O A HOH 160 ? ? 1.93 
25 1 O   A HOH 123 ? ? O A HOH 188 ? ? 1.94 
26 1 CD1 A ILE 69  ? ? O A HOH 227 ? ? 1.95 
27 1 O   A HOH 191 ? ? O A HOH 193 ? ? 1.95 
28 1 O   A HOH 144 ? ? O A HOH 145 ? ? 1.96 
29 1 O   A HOH 125 ? ? O A HOH 248 ? ? 1.96 
30 1 O   A HOH 189 ? ? O A HOH 190 ? ? 1.97 
31 1 O   A HOH 183 ? ? O A HOH 202 ? ? 2.04 
32 1 O   A GLY 103 ? ? O A HOH 120 ? ? 2.05 
33 1 ND1 A HIS 15  ? ? O A HOH 292 ? ? 2.09 
34 1 O   A HOH 124 ? ? O A HOH 125 ? ? 2.10 
35 1 O   A HOH 178 ? ? O A HOH 252 ? ? 2.10 
36 1 O   A HOH 173 ? ? O A HOH 181 ? ? 2.10 
37 1 O   A HOH 206 ? ? O A HOH 234 ? ? 2.12 
38 1 N   A MET 1   ? ? O A HOH 118 ? ? 2.13 
39 1 O   A HOH 190 ? ? O A HOH 191 ? ? 2.14 
40 1 NH2 A ARG 9   ? ? O A HOH 233 ? ? 2.15 
41 1 O   A HOH 118 ? ? O A HOH 123 ? ? 2.16 
42 1 O   A HOH 214 ? ? O A HOH 260 ? ? 2.18 
43 1 C   A VAL 4   ? ? O A HOH 273 ? ? 2.18 
# 
loop_
_pdbx_validate_symm_contact.id 
_pdbx_validate_symm_contact.PDB_model_num 
_pdbx_validate_symm_contact.auth_atom_id_1 
_pdbx_validate_symm_contact.auth_asym_id_1 
_pdbx_validate_symm_contact.auth_comp_id_1 
_pdbx_validate_symm_contact.auth_seq_id_1 
_pdbx_validate_symm_contact.PDB_ins_code_1 
_pdbx_validate_symm_contact.label_alt_id_1 
_pdbx_validate_symm_contact.site_symmetry_1 
_pdbx_validate_symm_contact.auth_atom_id_2 
_pdbx_validate_symm_contact.auth_asym_id_2 
_pdbx_validate_symm_contact.auth_comp_id_2 
_pdbx_validate_symm_contact.auth_seq_id_2 
_pdbx_validate_symm_contact.PDB_ins_code_2 
_pdbx_validate_symm_contact.label_alt_id_2 
_pdbx_validate_symm_contact.site_symmetry_2 
_pdbx_validate_symm_contact.dist 
1  1 O A HOH 293 ? ? 1_555 O A HOH 293 ? ? 19_444 1.40 
2  1 O A HOH 150 ? ? 1_555 O A HOH 157 ? ? 10_554 1.49 
3  1 O A HOH 146 ? ? 1_555 O A HOH 147 ? ? 10_554 1.65 
4  1 O A HOH 189 ? ? 1_555 O A HOH 189 ? ? 22_554 1.71 
5  1 O A HOH 128 ? ? 1_555 O A HOH 163 ? ? 22_554 1.76 
6  1 O A HOH 174 ? ? 1_555 O A HOH 176 ? ? 22_554 1.85 
7  1 O A HOH 183 ? ? 1_555 O A HOH 184 ? ? 5_555  1.86 
8  1 O A HOH 128 ? ? 1_555 O A HOH 164 ? ? 22_554 1.89 
9  1 O A HOH 147 ? ? 1_555 O A HOH 247 ? ? 7_454  2.14 
10 1 O A HOH 229 ? ? 1_555 O A HOH 231 ? ? 22_554 2.19 
# 
loop_
_pdbx_validate_rmsd_bond.id 
_pdbx_validate_rmsd_bond.PDB_model_num 
_pdbx_validate_rmsd_bond.auth_atom_id_1 
_pdbx_validate_rmsd_bond.auth_asym_id_1 
_pdbx_validate_rmsd_bond.auth_comp_id_1 
_pdbx_validate_rmsd_bond.auth_seq_id_1 
_pdbx_validate_rmsd_bond.PDB_ins_code_1 
_pdbx_validate_rmsd_bond.label_alt_id_1 
_pdbx_validate_rmsd_bond.auth_atom_id_2 
_pdbx_validate_rmsd_bond.auth_asym_id_2 
_pdbx_validate_rmsd_bond.auth_comp_id_2 
_pdbx_validate_rmsd_bond.auth_seq_id_2 
_pdbx_validate_rmsd_bond.PDB_ins_code_2 
_pdbx_validate_rmsd_bond.label_alt_id_2 
_pdbx_validate_rmsd_bond.bond_value 
_pdbx_validate_rmsd_bond.bond_target_value 
_pdbx_validate_rmsd_bond.bond_deviation 
_pdbx_validate_rmsd_bond.bond_standard_deviation 
_pdbx_validate_rmsd_bond.linker_flag 
1 1 CD A ARG 17 ? ? NE A ARG 17 ? ? 1.336 1.460 -0.124 0.017 N 
2 1 SD A MET 81 ? ? CE A MET 81 ? ? 1.230 1.774 -0.544 0.056 N 
# 
loop_
_pdbx_validate_rmsd_angle.id 
_pdbx_validate_rmsd_angle.PDB_model_num 
_pdbx_validate_rmsd_angle.auth_atom_id_1 
_pdbx_validate_rmsd_angle.auth_asym_id_1 
_pdbx_validate_rmsd_angle.auth_comp_id_1 
_pdbx_validate_rmsd_angle.auth_seq_id_1 
_pdbx_validate_rmsd_angle.PDB_ins_code_1 
_pdbx_validate_rmsd_angle.label_alt_id_1 
_pdbx_validate_rmsd_angle.auth_atom_id_2 
_pdbx_validate_rmsd_angle.auth_asym_id_2 
_pdbx_validate_rmsd_angle.auth_comp_id_2 
_pdbx_validate_rmsd_angle.auth_seq_id_2 
_pdbx_validate_rmsd_angle.PDB_ins_code_2 
_pdbx_validate_rmsd_angle.label_alt_id_2 
_pdbx_validate_rmsd_angle.auth_atom_id_3 
_pdbx_validate_rmsd_angle.auth_asym_id_3 
_pdbx_validate_rmsd_angle.auth_comp_id_3 
_pdbx_validate_rmsd_angle.auth_seq_id_3 
_pdbx_validate_rmsd_angle.PDB_ins_code_3 
_pdbx_validate_rmsd_angle.label_alt_id_3 
_pdbx_validate_rmsd_angle.angle_value 
_pdbx_validate_rmsd_angle.angle_target_value 
_pdbx_validate_rmsd_angle.angle_deviation 
_pdbx_validate_rmsd_angle.angle_standard_deviation 
_pdbx_validate_rmsd_angle.linker_flag 
1 1 NE A ARG 17 ? ? CZ A ARG 17 ? ? NH1 A ARG 17 ? ? 126.76 120.30 6.46  0.50 N 
2 1 NE A ARG 17 ? ? CZ A ARG 17 ? ? NH2 A ARG 17 ? ? 112.60 120.30 -7.70 0.50 N 
3 1 CG A ARG 98 ? ? CD A ARG 98 ? ? NE  A ARG 98 ? ? 126.44 111.80 14.64 2.10 N 
# 
loop_
_pdbx_validate_torsion.id 
_pdbx_validate_torsion.PDB_model_num 
_pdbx_validate_torsion.auth_comp_id 
_pdbx_validate_torsion.auth_asym_id 
_pdbx_validate_torsion.auth_seq_id 
_pdbx_validate_torsion.PDB_ins_code 
_pdbx_validate_torsion.label_alt_id 
_pdbx_validate_torsion.phi 
_pdbx_validate_torsion.psi 
1 1 HIS A 15 ? ? 47.78   28.62 
2 1 TYR A 40 ? ? -165.55 92.10 
3 1 ASP A 58 ? ? -99.83  43.48 
# 
_pdbx_SG_project.id                    1 
_pdbx_SG_project.project_name          ? 
_pdbx_SG_project.full_name_of_center   'Montreal-Kingston Bacterial Structural Genomics Initiative' 
_pdbx_SG_project.initial_of_center     BSGI 
# 
loop_
_pdbx_unobs_or_zero_occ_residues.id 
_pdbx_unobs_or_zero_occ_residues.PDB_model_num 
_pdbx_unobs_or_zero_occ_residues.polymer_flag 
_pdbx_unobs_or_zero_occ_residues.occupancy_flag 
_pdbx_unobs_or_zero_occ_residues.auth_asym_id 
_pdbx_unobs_or_zero_occ_residues.auth_comp_id 
_pdbx_unobs_or_zero_occ_residues.auth_seq_id 
_pdbx_unobs_or_zero_occ_residues.PDB_ins_code 
_pdbx_unobs_or_zero_occ_residues.label_asym_id 
_pdbx_unobs_or_zero_occ_residues.label_comp_id 
_pdbx_unobs_or_zero_occ_residues.label_seq_id 
1  1 Y 1 A ILE 104 ? A ILE 104 
2  1 Y 1 A SER 105 ? A SER 105 
3  1 Y 1 A GLY 106 ? A GLY 106 
4  1 Y 1 A ARG 107 ? A ARG 107 
5  1 Y 1 A VAL 108 ? A VAL 108 
6  1 Y 1 A GLU 109 ? A GLU 109 
7  1 Y 1 A HIS 110 ? A HIS 110 
8  1 Y 1 A HIS 111 ? A HIS 111 
9  1 Y 1 A HIS 112 ? A HIS 112 
10 1 Y 1 A HIS 113 ? A HIS 113 
11 1 Y 1 A HIS 114 ? A HIS 114 
12 1 Y 1 A HIS 115 ? A HIS 115 
# 
loop_
_chem_comp_atom.comp_id 
_chem_comp_atom.atom_id 
_chem_comp_atom.type_symbol 
_chem_comp_atom.pdbx_aromatic_flag 
_chem_comp_atom.pdbx_stereo_config 
_chem_comp_atom.pdbx_ordinal 
ALA N    N N N 1   
ALA CA   C N S 2   
ALA C    C N N 3   
ALA O    O N N 4   
ALA CB   C N N 5   
ALA OXT  O N N 6   
ALA H    H N N 7   
ALA H2   H N N 8   
ALA HA   H N N 9   
ALA HB1  H N N 10  
ALA HB2  H N N 11  
ALA HB3  H N N 12  
ALA HXT  H N N 13  
ARG N    N N N 14  
ARG CA   C N S 15  
ARG C    C N N 16  
ARG O    O N N 17  
ARG CB   C N N 18  
ARG CG   C N N 19  
ARG CD   C N N 20  
ARG NE   N N N 21  
ARG CZ   C N N 22  
ARG NH1  N N N 23  
ARG NH2  N N N 24  
ARG OXT  O N N 25  
ARG H    H N N 26  
ARG H2   H N N 27  
ARG HA   H N N 28  
ARG HB2  H N N 29  
ARG HB3  H N N 30  
ARG HG2  H N N 31  
ARG HG3  H N N 32  
ARG HD2  H N N 33  
ARG HD3  H N N 34  
ARG HE   H N N 35  
ARG HH11 H N N 36  
ARG HH12 H N N 37  
ARG HH21 H N N 38  
ARG HH22 H N N 39  
ARG HXT  H N N 40  
ASN N    N N N 41  
ASN CA   C N S 42  
ASN C    C N N 43  
ASN O    O N N 44  
ASN CB   C N N 45  
ASN CG   C N N 46  
ASN OD1  O N N 47  
ASN ND2  N N N 48  
ASN OXT  O N N 49  
ASN H    H N N 50  
ASN H2   H N N 51  
ASN HA   H N N 52  
ASN HB2  H N N 53  
ASN HB3  H N N 54  
ASN HD21 H N N 55  
ASN HD22 H N N 56  
ASN HXT  H N N 57  
ASP N    N N N 58  
ASP CA   C N S 59  
ASP C    C N N 60  
ASP O    O N N 61  
ASP CB   C N N 62  
ASP CG   C N N 63  
ASP OD1  O N N 64  
ASP OD2  O N N 65  
ASP OXT  O N N 66  
ASP H    H N N 67  
ASP H2   H N N 68  
ASP HA   H N N 69  
ASP HB2  H N N 70  
ASP HB3  H N N 71  
ASP HD2  H N N 72  
ASP HXT  H N N 73  
CYS N    N N N 74  
CYS CA   C N R 75  
CYS C    C N N 76  
CYS O    O N N 77  
CYS CB   C N N 78  
CYS SG   S N N 79  
CYS OXT  O N N 80  
CYS H    H N N 81  
CYS H2   H N N 82  
CYS HA   H N N 83  
CYS HB2  H N N 84  
CYS HB3  H N N 85  
CYS HG   H N N 86  
CYS HXT  H N N 87  
GLN N    N N N 88  
GLN CA   C N S 89  
GLN C    C N N 90  
GLN O    O N N 91  
GLN CB   C N N 92  
GLN CG   C N N 93  
GLN CD   C N N 94  
GLN OE1  O N N 95  
GLN NE2  N N N 96  
GLN OXT  O N N 97  
GLN H    H N N 98  
GLN H2   H N N 99  
GLN HA   H N N 100 
GLN HB2  H N N 101 
GLN HB3  H N N 102 
GLN HG2  H N N 103 
GLN HG3  H N N 104 
GLN HE21 H N N 105 
GLN HE22 H N N 106 
GLN HXT  H N N 107 
GLU N    N N N 108 
GLU CA   C N S 109 
GLU C    C N N 110 
GLU O    O N N 111 
GLU CB   C N N 112 
GLU CG   C N N 113 
GLU CD   C N N 114 
GLU OE1  O N N 115 
GLU OE2  O N N 116 
GLU OXT  O N N 117 
GLU H    H N N 118 
GLU H2   H N N 119 
GLU HA   H N N 120 
GLU HB2  H N N 121 
GLU HB3  H N N 122 
GLU HG2  H N N 123 
GLU HG3  H N N 124 
GLU HE2  H N N 125 
GLU HXT  H N N 126 
GLY N    N N N 127 
GLY CA   C N N 128 
GLY C    C N N 129 
GLY O    O N N 130 
GLY OXT  O N N 131 
GLY H    H N N 132 
GLY H2   H N N 133 
GLY HA2  H N N 134 
GLY HA3  H N N 135 
GLY HXT  H N N 136 
HIS N    N N N 137 
HIS CA   C N S 138 
HIS C    C N N 139 
HIS O    O N N 140 
HIS CB   C N N 141 
HIS CG   C Y N 142 
HIS ND1  N Y N 143 
HIS CD2  C Y N 144 
HIS CE1  C Y N 145 
HIS NE2  N Y N 146 
HIS OXT  O N N 147 
HIS H    H N N 148 
HIS H2   H N N 149 
HIS HA   H N N 150 
HIS HB2  H N N 151 
HIS HB3  H N N 152 
HIS HD1  H N N 153 
HIS HD2  H N N 154 
HIS HE1  H N N 155 
HIS HE2  H N N 156 
HIS HXT  H N N 157 
HOH O    O N N 158 
HOH H1   H N N 159 
HOH H2   H N N 160 
ILE N    N N N 161 
ILE CA   C N S 162 
ILE C    C N N 163 
ILE O    O N N 164 
ILE CB   C N S 165 
ILE CG1  C N N 166 
ILE CG2  C N N 167 
ILE CD1  C N N 168 
ILE OXT  O N N 169 
ILE H    H N N 170 
ILE H2   H N N 171 
ILE HA   H N N 172 
ILE HB   H N N 173 
ILE HG12 H N N 174 
ILE HG13 H N N 175 
ILE HG21 H N N 176 
ILE HG22 H N N 177 
ILE HG23 H N N 178 
ILE HD11 H N N 179 
ILE HD12 H N N 180 
ILE HD13 H N N 181 
ILE HXT  H N N 182 
LEU N    N N N 183 
LEU CA   C N S 184 
LEU C    C N N 185 
LEU O    O N N 186 
LEU CB   C N N 187 
LEU CG   C N N 188 
LEU CD1  C N N 189 
LEU CD2  C N N 190 
LEU OXT  O N N 191 
LEU H    H N N 192 
LEU H2   H N N 193 
LEU HA   H N N 194 
LEU HB2  H N N 195 
LEU HB3  H N N 196 
LEU HG   H N N 197 
LEU HD11 H N N 198 
LEU HD12 H N N 199 
LEU HD13 H N N 200 
LEU HD21 H N N 201 
LEU HD22 H N N 202 
LEU HD23 H N N 203 
LEU HXT  H N N 204 
LYS N    N N N 205 
LYS CA   C N S 206 
LYS C    C N N 207 
LYS O    O N N 208 
LYS CB   C N N 209 
LYS CG   C N N 210 
LYS CD   C N N 211 
LYS CE   C N N 212 
LYS NZ   N N N 213 
LYS OXT  O N N 214 
LYS H    H N N 215 
LYS H2   H N N 216 
LYS HA   H N N 217 
LYS HB2  H N N 218 
LYS HB3  H N N 219 
LYS HG2  H N N 220 
LYS HG3  H N N 221 
LYS HD2  H N N 222 
LYS HD3  H N N 223 
LYS HE2  H N N 224 
LYS HE3  H N N 225 
LYS HZ1  H N N 226 
LYS HZ2  H N N 227 
LYS HZ3  H N N 228 
LYS HXT  H N N 229 
MET N    N N N 230 
MET CA   C N S 231 
MET C    C N N 232 
MET O    O N N 233 
MET CB   C N N 234 
MET CG   C N N 235 
MET SD   S N N 236 
MET CE   C N N 237 
MET OXT  O N N 238 
MET H    H N N 239 
MET H2   H N N 240 
MET HA   H N N 241 
MET HB2  H N N 242 
MET HB3  H N N 243 
MET HG2  H N N 244 
MET HG3  H N N 245 
MET HE1  H N N 246 
MET HE2  H N N 247 
MET HE3  H N N 248 
MET HXT  H N N 249 
PHE N    N N N 250 
PHE CA   C N S 251 
PHE C    C N N 252 
PHE O    O N N 253 
PHE CB   C N N 254 
PHE CG   C Y N 255 
PHE CD1  C Y N 256 
PHE CD2  C Y N 257 
PHE CE1  C Y N 258 
PHE CE2  C Y N 259 
PHE CZ   C Y N 260 
PHE OXT  O N N 261 
PHE H    H N N 262 
PHE H2   H N N 263 
PHE HA   H N N 264 
PHE HB2  H N N 265 
PHE HB3  H N N 266 
PHE HD1  H N N 267 
PHE HD2  H N N 268 
PHE HE1  H N N 269 
PHE HE2  H N N 270 
PHE HZ   H N N 271 
PHE HXT  H N N 272 
PRO N    N N N 273 
PRO CA   C N S 274 
PRO C    C N N 275 
PRO O    O N N 276 
PRO CB   C N N 277 
PRO CG   C N N 278 
PRO CD   C N N 279 
PRO OXT  O N N 280 
PRO H    H N N 281 
PRO HA   H N N 282 
PRO HB2  H N N 283 
PRO HB3  H N N 284 
PRO HG2  H N N 285 
PRO HG3  H N N 286 
PRO HD2  H N N 287 
PRO HD3  H N N 288 
PRO HXT  H N N 289 
SER N    N N N 290 
SER CA   C N S 291 
SER C    C N N 292 
SER O    O N N 293 
SER CB   C N N 294 
SER OG   O N N 295 
SER OXT  O N N 296 
SER H    H N N 297 
SER H2   H N N 298 
SER HA   H N N 299 
SER HB2  H N N 300 
SER HB3  H N N 301 
SER HG   H N N 302 
SER HXT  H N N 303 
THR N    N N N 304 
THR CA   C N S 305 
THR C    C N N 306 
THR O    O N N 307 
THR CB   C N R 308 
THR OG1  O N N 309 
THR CG2  C N N 310 
THR OXT  O N N 311 
THR H    H N N 312 
THR H2   H N N 313 
THR HA   H N N 314 
THR HB   H N N 315 
THR HG1  H N N 316 
THR HG21 H N N 317 
THR HG22 H N N 318 
THR HG23 H N N 319 
THR HXT  H N N 320 
TRP N    N N N 321 
TRP CA   C N S 322 
TRP C    C N N 323 
TRP O    O N N 324 
TRP CB   C N N 325 
TRP CG   C Y N 326 
TRP CD1  C Y N 327 
TRP CD2  C Y N 328 
TRP NE1  N Y N 329 
TRP CE2  C Y N 330 
TRP CE3  C Y N 331 
TRP CZ2  C Y N 332 
TRP CZ3  C Y N 333 
TRP CH2  C Y N 334 
TRP OXT  O N N 335 
TRP H    H N N 336 
TRP H2   H N N 337 
TRP HA   H N N 338 
TRP HB2  H N N 339 
TRP HB3  H N N 340 
TRP HD1  H N N 341 
TRP HE1  H N N 342 
TRP HE3  H N N 343 
TRP HZ2  H N N 344 
TRP HZ3  H N N 345 
TRP HH2  H N N 346 
TRP HXT  H N N 347 
TYR N    N N N 348 
TYR CA   C N S 349 
TYR C    C N N 350 
TYR O    O N N 351 
TYR CB   C N N 352 
TYR CG   C Y N 353 
TYR CD1  C Y N 354 
TYR CD2  C Y N 355 
TYR CE1  C Y N 356 
TYR CE2  C Y N 357 
TYR CZ   C Y N 358 
TYR OH   O N N 359 
TYR OXT  O N N 360 
TYR H    H N N 361 
TYR H2   H N N 362 
TYR HA   H N N 363 
TYR HB2  H N N 364 
TYR HB3  H N N 365 
TYR HD1  H N N 366 
TYR HD2  H N N 367 
TYR HE1  H N N 368 
TYR HE2  H N N 369 
TYR HH   H N N 370 
TYR HXT  H N N 371 
VAL N    N N N 372 
VAL CA   C N S 373 
VAL C    C N N 374 
VAL O    O N N 375 
VAL CB   C N N 376 
VAL CG1  C N N 377 
VAL CG2  C N N 378 
VAL OXT  O N N 379 
VAL H    H N N 380 
VAL H2   H N N 381 
VAL HA   H N N 382 
VAL HB   H N N 383 
VAL HG11 H N N 384 
VAL HG12 H N N 385 
VAL HG13 H N N 386 
VAL HG21 H N N 387 
VAL HG22 H N N 388 
VAL HG23 H N N 389 
VAL HXT  H N N 390 
# 
loop_
_chem_comp_bond.comp_id 
_chem_comp_bond.atom_id_1 
_chem_comp_bond.atom_id_2 
_chem_comp_bond.value_order 
_chem_comp_bond.pdbx_aromatic_flag 
_chem_comp_bond.pdbx_stereo_config 
_chem_comp_bond.pdbx_ordinal 
ALA N   CA   sing N N 1   
ALA N   H    sing N N 2   
ALA N   H2   sing N N 3   
ALA CA  C    sing N N 4   
ALA CA  CB   sing N N 5   
ALA CA  HA   sing N N 6   
ALA C   O    doub N N 7   
ALA C   OXT  sing N N 8   
ALA CB  HB1  sing N N 9   
ALA CB  HB2  sing N N 10  
ALA CB  HB3  sing N N 11  
ALA OXT HXT  sing N N 12  
ARG N   CA   sing N N 13  
ARG N   H    sing N N 14  
ARG N   H2   sing N N 15  
ARG CA  C    sing N N 16  
ARG CA  CB   sing N N 17  
ARG CA  HA   sing N N 18  
ARG C   O    doub N N 19  
ARG C   OXT  sing N N 20  
ARG CB  CG   sing N N 21  
ARG CB  HB2  sing N N 22  
ARG CB  HB3  sing N N 23  
ARG CG  CD   sing N N 24  
ARG CG  HG2  sing N N 25  
ARG CG  HG3  sing N N 26  
ARG CD  NE   sing N N 27  
ARG CD  HD2  sing N N 28  
ARG CD  HD3  sing N N 29  
ARG NE  CZ   sing N N 30  
ARG NE  HE   sing N N 31  
ARG CZ  NH1  sing N N 32  
ARG CZ  NH2  doub N N 33  
ARG NH1 HH11 sing N N 34  
ARG NH1 HH12 sing N N 35  
ARG NH2 HH21 sing N N 36  
ARG NH2 HH22 sing N N 37  
ARG OXT HXT  sing N N 38  
ASN N   CA   sing N N 39  
ASN N   H    sing N N 40  
ASN N   H2   sing N N 41  
ASN CA  C    sing N N 42  
ASN CA  CB   sing N N 43  
ASN CA  HA   sing N N 44  
ASN C   O    doub N N 45  
ASN C   OXT  sing N N 46  
ASN CB  CG   sing N N 47  
ASN CB  HB2  sing N N 48  
ASN CB  HB3  sing N N 49  
ASN CG  OD1  doub N N 50  
ASN CG  ND2  sing N N 51  
ASN ND2 HD21 sing N N 52  
ASN ND2 HD22 sing N N 53  
ASN OXT HXT  sing N N 54  
ASP N   CA   sing N N 55  
ASP N   H    sing N N 56  
ASP N   H2   sing N N 57  
ASP CA  C    sing N N 58  
ASP CA  CB   sing N N 59  
ASP CA  HA   sing N N 60  
ASP C   O    doub N N 61  
ASP C   OXT  sing N N 62  
ASP CB  CG   sing N N 63  
ASP CB  HB2  sing N N 64  
ASP CB  HB3  sing N N 65  
ASP CG  OD1  doub N N 66  
ASP CG  OD2  sing N N 67  
ASP OD2 HD2  sing N N 68  
ASP OXT HXT  sing N N 69  
CYS N   CA   sing N N 70  
CYS N   H    sing N N 71  
CYS N   H2   sing N N 72  
CYS CA  C    sing N N 73  
CYS CA  CB   sing N N 74  
CYS CA  HA   sing N N 75  
CYS C   O    doub N N 76  
CYS C   OXT  sing N N 77  
CYS CB  SG   sing N N 78  
CYS CB  HB2  sing N N 79  
CYS CB  HB3  sing N N 80  
CYS SG  HG   sing N N 81  
CYS OXT HXT  sing N N 82  
GLN N   CA   sing N N 83  
GLN N   H    sing N N 84  
GLN N   H2   sing N N 85  
GLN CA  C    sing N N 86  
GLN CA  CB   sing N N 87  
GLN CA  HA   sing N N 88  
GLN C   O    doub N N 89  
GLN C   OXT  sing N N 90  
GLN CB  CG   sing N N 91  
GLN CB  HB2  sing N N 92  
GLN CB  HB3  sing N N 93  
GLN CG  CD   sing N N 94  
GLN CG  HG2  sing N N 95  
GLN CG  HG3  sing N N 96  
GLN CD  OE1  doub N N 97  
GLN CD  NE2  sing N N 98  
GLN NE2 HE21 sing N N 99  
GLN NE2 HE22 sing N N 100 
GLN OXT HXT  sing N N 101 
GLU N   CA   sing N N 102 
GLU N   H    sing N N 103 
GLU N   H2   sing N N 104 
GLU CA  C    sing N N 105 
GLU CA  CB   sing N N 106 
GLU CA  HA   sing N N 107 
GLU C   O    doub N N 108 
GLU C   OXT  sing N N 109 
GLU CB  CG   sing N N 110 
GLU CB  HB2  sing N N 111 
GLU CB  HB3  sing N N 112 
GLU CG  CD   sing N N 113 
GLU CG  HG2  sing N N 114 
GLU CG  HG3  sing N N 115 
GLU CD  OE1  doub N N 116 
GLU CD  OE2  sing N N 117 
GLU OE2 HE2  sing N N 118 
GLU OXT HXT  sing N N 119 
GLY N   CA   sing N N 120 
GLY N   H    sing N N 121 
GLY N   H2   sing N N 122 
GLY CA  C    sing N N 123 
GLY CA  HA2  sing N N 124 
GLY CA  HA3  sing N N 125 
GLY C   O    doub N N 126 
GLY C   OXT  sing N N 127 
GLY OXT HXT  sing N N 128 
HIS N   CA   sing N N 129 
HIS N   H    sing N N 130 
HIS N   H2   sing N N 131 
HIS CA  C    sing N N 132 
HIS CA  CB   sing N N 133 
HIS CA  HA   sing N N 134 
HIS C   O    doub N N 135 
HIS C   OXT  sing N N 136 
HIS CB  CG   sing N N 137 
HIS CB  HB2  sing N N 138 
HIS CB  HB3  sing N N 139 
HIS CG  ND1  sing Y N 140 
HIS CG  CD2  doub Y N 141 
HIS ND1 CE1  doub Y N 142 
HIS ND1 HD1  sing N N 143 
HIS CD2 NE2  sing Y N 144 
HIS CD2 HD2  sing N N 145 
HIS CE1 NE2  sing Y N 146 
HIS CE1 HE1  sing N N 147 
HIS NE2 HE2  sing N N 148 
HIS OXT HXT  sing N N 149 
HOH O   H1   sing N N 150 
HOH O   H2   sing N N 151 
ILE N   CA   sing N N 152 
ILE N   H    sing N N 153 
ILE N   H2   sing N N 154 
ILE CA  C    sing N N 155 
ILE CA  CB   sing N N 156 
ILE CA  HA   sing N N 157 
ILE C   O    doub N N 158 
ILE C   OXT  sing N N 159 
ILE CB  CG1  sing N N 160 
ILE CB  CG2  sing N N 161 
ILE CB  HB   sing N N 162 
ILE CG1 CD1  sing N N 163 
ILE CG1 HG12 sing N N 164 
ILE CG1 HG13 sing N N 165 
ILE CG2 HG21 sing N N 166 
ILE CG2 HG22 sing N N 167 
ILE CG2 HG23 sing N N 168 
ILE CD1 HD11 sing N N 169 
ILE CD1 HD12 sing N N 170 
ILE CD1 HD13 sing N N 171 
ILE OXT HXT  sing N N 172 
LEU N   CA   sing N N 173 
LEU N   H    sing N N 174 
LEU N   H2   sing N N 175 
LEU CA  C    sing N N 176 
LEU CA  CB   sing N N 177 
LEU CA  HA   sing N N 178 
LEU C   O    doub N N 179 
LEU C   OXT  sing N N 180 
LEU CB  CG   sing N N 181 
LEU CB  HB2  sing N N 182 
LEU CB  HB3  sing N N 183 
LEU CG  CD1  sing N N 184 
LEU CG  CD2  sing N N 185 
LEU CG  HG   sing N N 186 
LEU CD1 HD11 sing N N 187 
LEU CD1 HD12 sing N N 188 
LEU CD1 HD13 sing N N 189 
LEU CD2 HD21 sing N N 190 
LEU CD2 HD22 sing N N 191 
LEU CD2 HD23 sing N N 192 
LEU OXT HXT  sing N N 193 
LYS N   CA   sing N N 194 
LYS N   H    sing N N 195 
LYS N   H2   sing N N 196 
LYS CA  C    sing N N 197 
LYS CA  CB   sing N N 198 
LYS CA  HA   sing N N 199 
LYS C   O    doub N N 200 
LYS C   OXT  sing N N 201 
LYS CB  CG   sing N N 202 
LYS CB  HB2  sing N N 203 
LYS CB  HB3  sing N N 204 
LYS CG  CD   sing N N 205 
LYS CG  HG2  sing N N 206 
LYS CG  HG3  sing N N 207 
LYS CD  CE   sing N N 208 
LYS CD  HD2  sing N N 209 
LYS CD  HD3  sing N N 210 
LYS CE  NZ   sing N N 211 
LYS CE  HE2  sing N N 212 
LYS CE  HE3  sing N N 213 
LYS NZ  HZ1  sing N N 214 
LYS NZ  HZ2  sing N N 215 
LYS NZ  HZ3  sing N N 216 
LYS OXT HXT  sing N N 217 
MET N   CA   sing N N 218 
MET N   H    sing N N 219 
MET N   H2   sing N N 220 
MET CA  C    sing N N 221 
MET CA  CB   sing N N 222 
MET CA  HA   sing N N 223 
MET C   O    doub N N 224 
MET C   OXT  sing N N 225 
MET CB  CG   sing N N 226 
MET CB  HB2  sing N N 227 
MET CB  HB3  sing N N 228 
MET CG  SD   sing N N 229 
MET CG  HG2  sing N N 230 
MET CG  HG3  sing N N 231 
MET SD  CE   sing N N 232 
MET CE  HE1  sing N N 233 
MET CE  HE2  sing N N 234 
MET CE  HE3  sing N N 235 
MET OXT HXT  sing N N 236 
PHE N   CA   sing N N 237 
PHE N   H    sing N N 238 
PHE N   H2   sing N N 239 
PHE CA  C    sing N N 240 
PHE CA  CB   sing N N 241 
PHE CA  HA   sing N N 242 
PHE C   O    doub N N 243 
PHE C   OXT  sing N N 244 
PHE CB  CG   sing N N 245 
PHE CB  HB2  sing N N 246 
PHE CB  HB3  sing N N 247 
PHE CG  CD1  doub Y N 248 
PHE CG  CD2  sing Y N 249 
PHE CD1 CE1  sing Y N 250 
PHE CD1 HD1  sing N N 251 
PHE CD2 CE2  doub Y N 252 
PHE CD2 HD2  sing N N 253 
PHE CE1 CZ   doub Y N 254 
PHE CE1 HE1  sing N N 255 
PHE CE2 CZ   sing Y N 256 
PHE CE2 HE2  sing N N 257 
PHE CZ  HZ   sing N N 258 
PHE OXT HXT  sing N N 259 
PRO N   CA   sing N N 260 
PRO N   CD   sing N N 261 
PRO N   H    sing N N 262 
PRO CA  C    sing N N 263 
PRO CA  CB   sing N N 264 
PRO CA  HA   sing N N 265 
PRO C   O    doub N N 266 
PRO C   OXT  sing N N 267 
PRO CB  CG   sing N N 268 
PRO CB  HB2  sing N N 269 
PRO CB  HB3  sing N N 270 
PRO CG  CD   sing N N 271 
PRO CG  HG2  sing N N 272 
PRO CG  HG3  sing N N 273 
PRO CD  HD2  sing N N 274 
PRO CD  HD3  sing N N 275 
PRO OXT HXT  sing N N 276 
SER N   CA   sing N N 277 
SER N   H    sing N N 278 
SER N   H2   sing N N 279 
SER CA  C    sing N N 280 
SER CA  CB   sing N N 281 
SER CA  HA   sing N N 282 
SER C   O    doub N N 283 
SER C   OXT  sing N N 284 
SER CB  OG   sing N N 285 
SER CB  HB2  sing N N 286 
SER CB  HB3  sing N N 287 
SER OG  HG   sing N N 288 
SER OXT HXT  sing N N 289 
THR N   CA   sing N N 290 
THR N   H    sing N N 291 
THR N   H2   sing N N 292 
THR CA  C    sing N N 293 
THR CA  CB   sing N N 294 
THR CA  HA   sing N N 295 
THR C   O    doub N N 296 
THR C   OXT  sing N N 297 
THR CB  OG1  sing N N 298 
THR CB  CG2  sing N N 299 
THR CB  HB   sing N N 300 
THR OG1 HG1  sing N N 301 
THR CG2 HG21 sing N N 302 
THR CG2 HG22 sing N N 303 
THR CG2 HG23 sing N N 304 
THR OXT HXT  sing N N 305 
TRP N   CA   sing N N 306 
TRP N   H    sing N N 307 
TRP N   H2   sing N N 308 
TRP CA  C    sing N N 309 
TRP CA  CB   sing N N 310 
TRP CA  HA   sing N N 311 
TRP C   O    doub N N 312 
TRP C   OXT  sing N N 313 
TRP CB  CG   sing N N 314 
TRP CB  HB2  sing N N 315 
TRP CB  HB3  sing N N 316 
TRP CG  CD1  doub Y N 317 
TRP CG  CD2  sing Y N 318 
TRP CD1 NE1  sing Y N 319 
TRP CD1 HD1  sing N N 320 
TRP CD2 CE2  doub Y N 321 
TRP CD2 CE3  sing Y N 322 
TRP NE1 CE2  sing Y N 323 
TRP NE1 HE1  sing N N 324 
TRP CE2 CZ2  sing Y N 325 
TRP CE3 CZ3  doub Y N 326 
TRP CE3 HE3  sing N N 327 
TRP CZ2 CH2  doub Y N 328 
TRP CZ2 HZ2  sing N N 329 
TRP CZ3 CH2  sing Y N 330 
TRP CZ3 HZ3  sing N N 331 
TRP CH2 HH2  sing N N 332 
TRP OXT HXT  sing N N 333 
TYR N   CA   sing N N 334 
TYR N   H    sing N N 335 
TYR N   H2   sing N N 336 
TYR CA  C    sing N N 337 
TYR CA  CB   sing N N 338 
TYR CA  HA   sing N N 339 
TYR C   O    doub N N 340 
TYR C   OXT  sing N N 341 
TYR CB  CG   sing N N 342 
TYR CB  HB2  sing N N 343 
TYR CB  HB3  sing N N 344 
TYR CG  CD1  doub Y N 345 
TYR CG  CD2  sing Y N 346 
TYR CD1 CE1  sing Y N 347 
TYR CD1 HD1  sing N N 348 
TYR CD2 CE2  doub Y N 349 
TYR CD2 HD2  sing N N 350 
TYR CE1 CZ   doub Y N 351 
TYR CE1 HE1  sing N N 352 
TYR CE2 CZ   sing Y N 353 
TYR CE2 HE2  sing N N 354 
TYR CZ  OH   sing N N 355 
TYR OH  HH   sing N N 356 
TYR OXT HXT  sing N N 357 
VAL N   CA   sing N N 358 
VAL N   H    sing N N 359 
VAL N   H2   sing N N 360 
VAL CA  C    sing N N 361 
VAL CA  CB   sing N N 362 
VAL CA  HA   sing N N 363 
VAL C   O    doub N N 364 
VAL C   OXT  sing N N 365 
VAL CB  CG1  sing N N 366 
VAL CB  CG2  sing N N 367 
VAL CB  HB   sing N N 368 
VAL CG1 HG11 sing N N 369 
VAL CG1 HG12 sing N N 370 
VAL CG1 HG13 sing N N 371 
VAL CG2 HG21 sing N N 372 
VAL CG2 HG22 sing N N 373 
VAL CG2 HG23 sing N N 374 
VAL OXT HXT  sing N N 375 
# 
_atom_sites.entry_id                    1R6Y 
_atom_sites.fract_transf_matrix[1][1]   -0.00205707 
_atom_sites.fract_transf_matrix[1][2]   -0.00956138 
_atom_sites.fract_transf_matrix[1][3]   -0.00059094 
_atom_sites.fract_transf_matrix[2][1]   -0.00236622 
_atom_sites.fract_transf_matrix[2][2]   -0.00007854 
_atom_sites.fract_transf_matrix[2][3]   0.00950766 
_atom_sites.fract_transf_matrix[3][1]   -0.00928279 
_atom_sites.fract_transf_matrix[3][2]   0.00213883 
_atom_sites.fract_transf_matrix[3][3]   -0.00229259 
_atom_sites.fract_transf_vector[1]      -0.071435 
_atom_sites.fract_transf_vector[2]      0.103164 
_atom_sites.fract_transf_vector[3]      -0.182207 
# 
loop_
_atom_type.symbol 
C 
N 
O 
S 
# 
loop_
_atom_site.group_PDB 
_atom_site.id 
_atom_site.type_symbol 
_atom_site.label_atom_id 
_atom_site.label_alt_id 
_atom_site.label_comp_id 
_atom_site.label_asym_id 
_atom_site.label_entity_id 
_atom_site.label_seq_id 
_atom_site.pdbx_PDB_ins_code 
_atom_site.Cartn_x 
_atom_site.Cartn_y 
_atom_site.Cartn_z 
_atom_site.occupancy 
_atom_site.B_iso_or_equiv 
_atom_site.pdbx_formal_charge 
_atom_site.auth_seq_id 
_atom_site.auth_comp_id 
_atom_site.auth_asym_id 
_atom_site.auth_atom_id 
_atom_site.pdbx_PDB_model_num 
ATOM   1   N N   . MET A 1 1   ? -0.299  -14.587 -9.207  1.00 44.53  ? 1   MET A N   1 
ATOM   2   C CA  . MET A 1 1   ? 0.936   -15.306 -9.215  1.00 43.51  ? 1   MET A CA  1 
ATOM   3   C C   . MET A 1 1   ? 1.971   -14.430 -8.499  1.00 41.83  ? 1   MET A C   1 
ATOM   4   O O   . MET A 1 1   ? 2.839   -14.967 -7.854  1.00 41.28  ? 1   MET A O   1 
ATOM   5   C CB  . MET A 1 1   ? 1.448   -15.509 -10.610 1.00 45.78  ? 1   MET A CB  1 
ATOM   6   C CG  . MET A 1 1   ? 2.360   -16.656 -10.706 1.00 54.68  ? 1   MET A CG  1 
ATOM   7   S SD  . MET A 1 1   ? 3.892   -16.408 -11.635 1.00 75.59  ? 1   MET A SD  1 
ATOM   8   C CE  . MET A 1 1   ? 3.500   -17.467 -13.192 1.00 73.85  ? 1   MET A CE  1 
ATOM   9   N N   . LEU A 1 2   ? 1.900   -13.102 -8.657  1.00 40.35  ? 2   LEU A N   1 
ATOM   10  C CA  . LEU A 1 2   ? 2.894   -12.173 -8.080  1.00 37.21  ? 2   LEU A CA  1 
ATOM   11  C C   . LEU A 1 2   ? 2.347   -11.567 -6.828  1.00 34.44  ? 2   LEU A C   1 
ATOM   12  O O   . LEU A 1 2   ? 1.218   -11.155 -6.785  1.00 35.28  ? 2   LEU A O   1 
ATOM   13  C CB  . LEU A 1 2   ? 3.321   -11.082 -9.047  1.00 36.78  ? 2   LEU A CB  1 
ATOM   14  C CG  . LEU A 1 2   ? 3.916   -11.467 -10.420 1.00 41.03  ? 2   LEU A CG  1 
ATOM   15  C CD1 . LEU A 1 2   ? 4.323   -10.288 -11.133 1.00 39.67  ? 2   LEU A CD1 1 
ATOM   16  C CD2 . LEU A 1 2   ? 5.140   -12.300 -10.262 1.00 46.25  ? 2   LEU A CD2 1 
ATOM   17  N N   . THR A 1 3   ? 3.150   -11.546 -5.772  1.00 31.58  ? 3   THR A N   1 
ATOM   18  C CA  . THR A 1 3   ? 2.786   -10.843 -4.531  1.00 28.91  ? 3   THR A CA  1 
ATOM   19  C C   . THR A 1 3   ? 3.649   -9.602  -4.374  1.00 25.39  ? 3   THR A C   1 
ATOM   20  O O   . THR A 1 3   ? 4.866   -9.647  -4.576  1.00 27.46  ? 3   THR A O   1 
ATOM   21  C CB  . THR A 1 3   ? 3.008   -11.759 -3.306  1.00 27.34  ? 3   THR A CB  1 
ATOM   22  O OG1 . THR A 1 3   ? 2.244   -12.946 -3.465  1.00 27.49  ? 3   THR A OG1 1 
ATOM   23  C CG2 . THR A 1 3   ? 2.602   -11.068 -1.950  1.00 25.80  ? 3   THR A CG2 1 
ATOM   24  N N   . VAL A 1 4   ? 3.007   -8.499  -4.103  1.00 26.21  ? 4   VAL A N   1 
ATOM   25  C CA  . VAL A 1 4   ? 3.665   -7.211  -3.995  1.00 25.90  ? 4   VAL A CA  1 
ATOM   26  C C   . VAL A 1 4   ? 3.548   -6.849  -2.577  1.00 26.16  ? 4   VAL A C   1 
ATOM   27  O O   . VAL A 1 4   ? 2.454   -6.911  -1.969  1.00 23.32  ? 4   VAL A O   1 
ATOM   28  C CB  . VAL A 1 4   ? 3.000   -6.143  -4.802  1.00 26.19  ? 4   VAL A CB  1 
ATOM   29  C CG1 . VAL A 1 4   ? 3.551   -4.733  -4.421  1.00 28.30  ? 4   VAL A CG1 1 
ATOM   30  C CG2 . VAL A 1 4   ? 3.292   -6.434  -6.250  1.00 30.82  ? 4   VAL A CG2 1 
ATOM   31  N N   . ILE A 1 5   ? 4.689   -6.552  -1.966  1.00 25.98  ? 5   ILE A N   1 
ATOM   32  C CA  . ILE A 1 5   ? 4.654   -5.953  -0.615  1.00 25.72  ? 5   ILE A CA  1 
ATOM   33  C C   . ILE A 1 5   ? 5.266   -4.553  -0.762  1.00 28.38  ? 5   ILE A C   1 
ATOM   34  O O   . ILE A 1 5   ? 6.462   -4.433  -1.116  1.00 29.24  ? 5   ILE A O   1 
ATOM   35  C CB  . ILE A 1 5   ? 5.477   -6.766  0.352   1.00 27.28  ? 5   ILE A CB  1 
ATOM   36  C CG1 . ILE A 1 5   ? 4.868   -8.138  0.591   1.00 31.33  ? 5   ILE A CG1 1 
ATOM   37  C CG2 . ILE A 1 5   ? 5.537   -6.006  1.689   1.00 26.71  ? 5   ILE A CG2 1 
ATOM   38  C CD1 . ILE A 1 5   ? 5.786   -8.899  1.435   1.00 42.39  ? 5   ILE A CD1 1 
ATOM   39  N N   . ALA A 1 6   ? 4.460   -3.508  -0.595  1.00 26.82  ? 6   ALA A N   1 
ATOM   40  C CA  . ALA A 1 6   ? 4.968   -2.140  -0.817  1.00 27.18  ? 6   ALA A CA  1 
ATOM   41  C C   . ALA A 1 6   ? 4.929   -1.466  0.502   1.00 27.86  ? 6   ALA A C   1 
ATOM   42  O O   . ALA A 1 6   ? 3.861   -1.301  1.071   1.00 29.77  ? 6   ALA A O   1 
ATOM   43  C CB  . ALA A 1 6   ? 4.087   -1.375  -1.777  1.00 25.24  ? 6   ALA A CB  1 
ATOM   44  N N   . GLU A 1 7   ? 6.060   -1.012  0.980   1.00 27.14  ? 7   GLU A N   1 
ATOM   45  C CA  . GLU A 1 7   ? 6.045   -0.275  2.235   1.00 27.42  ? 7   GLU A CA  1 
ATOM   46  C C   . GLU A 1 7   ? 6.105   1.186   2.001   1.00 25.96  ? 7   GLU A C   1 
ATOM   47  O O   . GLU A 1 7   ? 6.969   1.646   1.279   1.00 23.90  ? 7   GLU A O   1 
ATOM   48  C CB  . GLU A 1 7   ? 7.217   -0.662  3.084   1.00 27.48  ? 7   GLU A CB  1 
ATOM   49  C CG  . GLU A 1 7   ? 7.239   0.086   4.414   1.00 32.84  ? 7   GLU A CG  1 
ATOM   50  C CD  . GLU A 1 7   ? 8.071   -0.625  5.498   1.00 39.72  ? 7   GLU A CD  1 
ATOM   51  O OE1 . GLU A 1 7   ? 8.798   -1.612  5.186   1.00 47.84  ? 7   GLU A OE1 1 
ATOM   52  O OE2 . GLU A 1 7   ? 7.918   -0.252  6.679   1.00 38.76  ? 7   GLU A OE2 1 
ATOM   53  N N   . ILE A 1 8   ? 5.131   1.867   2.586   1.00 23.79  ? 8   ILE A N   1 
ATOM   54  C CA  . ILE A 1 8   ? 4.941   3.228   2.372   1.00 25.21  ? 8   ILE A CA  1 
ATOM   55  C C   . ILE A 1 8   ? 5.302   3.926   3.681   1.00 24.04  ? 8   ILE A C   1 
ATOM   56  O O   . ILE A 1 8   ? 4.697   3.651   4.721   1.00 23.64  ? 8   ILE A O   1 
ATOM   57  C CB  . ILE A 1 8   ? 3.520   3.545   2.085   1.00 25.31  ? 8   ILE A CB  1 
ATOM   58  C CG1 . ILE A 1 8   ? 3.085   2.961   0.692   1.00 29.98  ? 8   ILE A CG1 1 
ATOM   59  C CG2 . ILE A 1 8   ? 3.336   5.050   2.065   1.00 25.76  ? 8   ILE A CG2 1 
ATOM   60  C CD1 . ILE A 1 8   ? 1.551   3.038   0.621   1.00 33.67  ? 8   ILE A CD1 1 
ATOM   61  N N   . ARG A 1 9   ? 6.264   4.812   3.613   1.00 23.77  ? 9   ARG A N   1 
ATOM   62  C CA  . ARG A 1 9   ? 6.782   5.537   4.814   1.00 26.80  ? 9   ARG A CA  1 
ATOM   63  C C   . ARG A 1 9   ? 6.192   6.871   4.767   1.00 25.50  ? 9   ARG A C   1 
ATOM   64  O O   . ARG A 1 9   ? 6.309   7.568   3.749   1.00 28.52  ? 9   ARG A O   1 
ATOM   65  C CB  . ARG A 1 9   ? 8.303   5.608   4.706   1.00 27.78  ? 9   ARG A CB  1 
ATOM   66  C CG  . ARG A 1 9   ? 8.907   6.612   5.716   1.00 41.16  ? 9   ARG A CG  1 
ATOM   67  C CD  . ARG A 1 9   ? 10.516  6.699   5.747   1.00 54.31  ? 9   ARG A CD  1 
ATOM   68  N NE  . ARG A 1 9   ? 10.924  7.283   7.034   1.00 63.53  ? 9   ARG A NE  1 
ATOM   69  C CZ  . ARG A 1 9   ? 11.360  8.538   7.184   1.00 70.23  ? 9   ARG A CZ  1 
ATOM   70  N NH1 . ARG A 1 9   ? 11.456  9.342   6.130   1.00 73.57  ? 9   ARG A NH1 1 
ATOM   71  N NH2 . ARG A 1 9   ? 11.714  8.995   8.384   1.00 72.45  ? 9   ARG A NH2 1 
ATOM   72  N N   . THR A 1 10  ? 5.454   7.223   5.785   1.00 27.34  ? 10  THR A N   1 
ATOM   73  C CA  . THR A 1 10  ? 4.753   8.453   5.824   1.00 28.44  ? 10  THR A CA  1 
ATOM   74  C C   . THR A 1 10  ? 5.469   9.441   6.682   1.00 29.80  ? 10  THR A C   1 
ATOM   75  O O   . THR A 1 10  ? 6.228   9.089   7.605   1.00 25.73  ? 10  THR A O   1 
ATOM   76  C CB  . THR A 1 10  ? 3.351   8.291   6.427   1.00 28.78  ? 10  THR A CB  1 
ATOM   77  O OG1 . THR A 1 10  ? 3.425   7.543   7.632   1.00 32.62  ? 10  THR A OG1 1 
ATOM   78  C CG2 . THR A 1 10  ? 2.460   7.476   5.441   1.00 32.68  ? 10  THR A CG2 1 
ATOM   79  N N   . ARG A 1 11  ? 5.086   10.696  6.494   1.00 29.19  ? 11  ARG A N   1 
ATOM   80  C CA  . ARG A 1 11  ? 5.760   11.815  7.272   1.00 32.87  ? 11  ARG A CA  1 
ATOM   81  C C   . ARG A 1 11  ? 5.338   11.712  8.718   1.00 33.57  ? 11  ARG A C   1 
ATOM   82  O O   . ARG A 1 11  ? 4.196   11.460  8.938   1.00 33.53  ? 11  ARG A O   1 
ATOM   83  C CB  . ARG A 1 11  ? 5.268   13.152  6.676   1.00 32.89  ? 11  ARG A CB  1 
ATOM   84  C CG  . ARG A 1 11  ? 6.175   14.240  6.520   1.00 35.33  ? 11  ARG A CG  1 
ATOM   85  C CD  . ARG A 1 11  ? 5.470   15.482  5.858   1.00 36.03  ? 11  ARG A CD  1 
ATOM   86  N NE  . ARG A 1 11  ? 5.830   15.560  4.469   1.00 35.39  ? 11  ARG A NE  1 
ATOM   87  C CZ  . ARG A 1 11  ? 6.984   16.111  4.085   1.00 36.19  ? 11  ARG A CZ  1 
ATOM   88  N NH1 . ARG A 1 11  ? 7.807   16.629  4.969   1.00 36.92  ? 11  ARG A NH1 1 
ATOM   89  N NH2 . ARG A 1 11  ? 7.321   16.121  2.848   1.00 38.43  ? 11  ARG A NH2 1 
ATOM   90  N N   . PRO A 1 12  ? 6.225   11.842  9.716   1.00 38.14  ? 12  PRO A N   1 
ATOM   91  C CA  . PRO A 1 12  ? 5.860   11.694  11.139  1.00 40.22  ? 12  PRO A CA  1 
ATOM   92  C C   . PRO A 1 12  ? 4.919   12.760  11.571  1.00 41.71  ? 12  PRO A C   1 
ATOM   93  O O   . PRO A 1 12  ? 4.948   13.840  11.009  1.00 39.86  ? 12  PRO A O   1 
ATOM   94  C CB  . PRO A 1 12  ? 7.162   11.977  11.895  1.00 41.33  ? 12  PRO A CB  1 
ATOM   95  C CG  . PRO A 1 12  ? 8.209   12.205  10.893  1.00 41.40  ? 12  PRO A CG  1 
ATOM   96  C CD  . PRO A 1 12  ? 7.655   12.100  9.541   1.00 39.98  ? 12  PRO A CD  1 
ATOM   97  N N   . GLY A 1 13  ? 4.077   12.513  12.540  1.00 45.55  ? 13  GLY A N   1 
ATOM   98  C CA  . GLY A 1 13  ? 3.427   13.676  13.087  1.00 49.55  ? 13  GLY A CA  1 
ATOM   99  C C   . GLY A 1 13  ? 1.964   13.647  12.879  1.00 53.30  ? 13  GLY A C   1 
ATOM   100 O O   . GLY A 1 13  ? 1.417   12.553  12.979  1.00 57.71  ? 13  GLY A O   1 
ATOM   101 N N   . GLN A 1 14  ? 1.312   14.797  12.652  1.00 54.51  ? 14  GLN A N   1 
ATOM   102 C CA  . GLN A 1 14  ? -0.127  14.848  12.899  1.00 54.70  ? 14  GLN A CA  1 
ATOM   103 C C   . GLN A 1 14  ? -1.045  14.323  11.794  1.00 51.85  ? 14  GLN A C   1 
ATOM   104 O O   . GLN A 1 14  ? -1.365  14.956  10.798  1.00 51.59  ? 14  GLN A O   1 
ATOM   105 C CB  . GLN A 1 14  ? -0.547  16.236  13.367  1.00 57.34  ? 14  GLN A CB  1 
ATOM   106 C CG  . GLN A 1 14  ? -1.766  16.194  14.379  1.00 63.62  ? 14  GLN A CG  1 
ATOM   107 C CD  . GLN A 1 14  ? -2.975  17.027  13.916  1.00 69.99  ? 14  GLN A CD  1 
ATOM   108 O OE1 . GLN A 1 14  ? -2.860  17.926  13.039  1.00 74.12  ? 14  GLN A OE1 1 
ATOM   109 N NE2 . GLN A 1 14  ? -4.141  16.738  14.519  1.00 73.33  ? 14  GLN A NE2 1 
ATOM   110 N N   . HIS A 1 15  ? -1.457  13.114  11.989  1.00 49.24  ? 15  HIS A N   1 
ATOM   111 C CA  . HIS A 1 15  ? -2.225  12.413  10.980  1.00 47.66  ? 15  HIS A CA  1 
ATOM   112 C C   . HIS A 1 15  ? -1.807  12.374  9.513   1.00 41.41  ? 15  HIS A C   1 
ATOM   113 O O   . HIS A 1 15  ? -2.630  12.184  8.676   1.00 40.22  ? 15  HIS A O   1 
ATOM   114 C CB  . HIS A 1 15  ? -3.707  12.815  11.075  1.00 49.88  ? 15  HIS A CB  1 
ATOM   115 C CG  . HIS A 1 15  ? -3.931  14.228  11.403  1.00 57.35  ? 15  HIS A CG  1 
ATOM   116 N ND1 . HIS A 1 15  ? -3.918  15.220  10.441  1.00 65.34  ? 15  HIS A ND1 1 
ATOM   117 C CD2 . HIS A 1 15  ? -4.208  14.837  12.586  1.00 65.86  ? 15  HIS A CD2 1 
ATOM   118 C CE1 . HIS A 1 15  ? -4.169  16.386  11.020  1.00 68.19  ? 15  HIS A CE1 1 
ATOM   119 N NE2 . HIS A 1 15  ? -4.337  16.184  12.319  1.00 68.01  ? 15  HIS A NE2 1 
ATOM   120 N N   . HIS A 1 16  ? -0.541  12.461  9.200   1.00 36.54  ? 16  HIS A N   1 
ATOM   121 C CA  . HIS A 1 16  ? -0.123  12.119  7.889   1.00 34.36  ? 16  HIS A CA  1 
ATOM   122 C C   . HIS A 1 16  ? -0.466  10.681  7.527   1.00 33.06  ? 16  HIS A C   1 
ATOM   123 O O   . HIS A 1 16  ? -1.059  10.421  6.478   1.00 30.45  ? 16  HIS A O   1 
ATOM   124 C CB  . HIS A 1 16  ? 1.294   12.290  7.787   1.00 35.88  ? 16  HIS A CB  1 
ATOM   125 C CG  . HIS A 1 16  ? 1.690   13.716  7.748   1.00 37.31  ? 16  HIS A CG  1 
ATOM   126 N ND1 . HIS A 1 16  ? 1.329   14.547  6.707   1.00 39.53  ? 16  HIS A ND1 1 
ATOM   127 C CD2 . HIS A 1 16  ? 2.407   14.470  8.625   1.00 37.59  ? 16  HIS A CD2 1 
ATOM   128 C CE1 . HIS A 1 16  ? 1.828   15.751  6.943   1.00 41.64  ? 16  HIS A CE1 1 
ATOM   129 N NE2 . HIS A 1 16  ? 2.467   15.731  8.099   1.00 37.92  ? 16  HIS A NE2 1 
ATOM   130 N N   . ARG A 1 17  ? -0.207  9.752   8.439   1.00 30.97  ? 17  ARG A N   1 
ATOM   131 C CA  . ARG A 1 17  ? -0.517  8.360   8.151   1.00 32.01  ? 17  ARG A CA  1 
ATOM   132 C C   . ARG A 1 17  ? -2.064  8.094   7.983   1.00 31.71  ? 17  ARG A C   1 
ATOM   133 O O   . ARG A 1 17  ? -2.454  7.408   7.062   1.00 28.76  ? 17  ARG A O   1 
ATOM   134 C CB  . ARG A 1 17  ? 0.057   7.462   9.247   1.00 31.08  ? 17  ARG A CB  1 
ATOM   135 C CG  . ARG A 1 17  ? 0.074   6.010   8.925   1.00 31.90  ? 17  ARG A CG  1 
ATOM   136 C CD  . ARG A 1 17  ? -0.695  5.267   10.019  1.00 38.65  ? 17  ARG A CD  1 
ATOM   137 N NE  . ARG A 1 17  ? 0.132   4.438   10.661  1.00 38.19  ? 17  ARG A NE  1 
ATOM   138 C CZ  . ARG A 1 17  ? -0.150  3.661   11.699  1.00 36.48  ? 17  ARG A CZ  1 
ATOM   139 N NH1 . ARG A 1 17  ? -1.323  3.553   12.317  1.00 37.82  ? 17  ARG A NH1 1 
ATOM   140 N NH2 . ARG A 1 17  ? 0.836   2.898   12.029  1.00 33.73  ? 17  ARG A NH2 1 
ATOM   141 N N   . GLN A 1 18  ? -2.902  8.665   8.862   1.00 31.44  ? 18  GLN A N   1 
ATOM   142 C CA  . GLN A 1 18  ? -4.337  8.479   8.770   1.00 31.20  ? 18  GLN A CA  1 
ATOM   143 C C   . GLN A 1 18  ? -4.836  9.098   7.483   1.00 30.86  ? 18  GLN A C   1 
ATOM   144 O O   . GLN A 1 18  ? -5.694  8.518   6.748   1.00 31.41  ? 18  GLN A O   1 
ATOM   145 C CB  . GLN A 1 18  ? -5.017  9.030   10.066  1.00 33.28  ? 18  GLN A CB  1 
ATOM   146 C CG  . GLN A 1 18  ? -6.499  8.781   10.137  1.00 36.18  ? 18  GLN A CG  1 
ATOM   147 C CD  . GLN A 1 18  ? -6.786  7.279   10.157  1.00 36.96  ? 18  GLN A CD  1 
ATOM   148 O OE1 . GLN A 1 18  ? -6.219  6.623   10.973  1.00 42.86  ? 18  GLN A OE1 1 
ATOM   149 N NE2 . GLN A 1 18  ? -7.546  6.751   9.175   1.00 35.68  ? 18  GLN A NE2 1 
ATOM   150 N N   . ALA A 1 19  ? -4.251  10.216  7.082   1.00 30.87  ? 19  ALA A N   1 
ATOM   151 C CA  . ALA A 1 19  ? -4.672  10.825  5.797   1.00 30.04  ? 19  ALA A CA  1 
ATOM   152 C C   . ALA A 1 19  ? -4.363  9.838   4.708   1.00 30.40  ? 19  ALA A C   1 
ATOM   153 O O   . ALA A 1 19  ? -5.195  9.661   3.832   1.00 29.98  ? 19  ALA A O   1 
ATOM   154 C CB  . ALA A 1 19  ? -3.933  12.193  5.501   1.00 30.05  ? 19  ALA A CB  1 
ATOM   155 N N   . VAL A 1 20  ? -3.206  9.116   4.755   1.00 28.28  ? 20  VAL A N   1 
ATOM   156 C CA  . VAL A 1 20  ? -2.954  8.138   3.676   1.00 27.35  ? 20  VAL A CA  1 
ATOM   157 C C   . VAL A 1 20  ? -3.989  6.982   3.728   1.00 26.66  ? 20  VAL A C   1 
ATOM   158 O O   . VAL A 1 20  ? -4.538  6.519   2.692   1.00 26.01  ? 20  VAL A O   1 
ATOM   159 C CB  . VAL A 1 20  ? -1.500  7.646   3.636   1.00 27.41  ? 20  VAL A CB  1 
ATOM   160 C CG1 . VAL A 1 20  ? -1.248  6.719   2.489   1.00 26.12  ? 20  VAL A CG1 1 
ATOM   161 C CG2 . VAL A 1 20  ? -0.516  8.819   3.533   1.00 28.61  ? 20  VAL A CG2 1 
ATOM   162 N N   . LEU A 1 21  ? -4.301  6.519   4.933   1.00 28.57  ? 21  LEU A N   1 
ATOM   163 C CA  . LEU A 1 21  ? -5.236  5.433   5.078   1.00 28.88  ? 21  LEU A CA  1 
ATOM   164 C C   . LEU A 1 21  ? -6.598  5.877   4.593   1.00 29.87  ? 21  LEU A C   1 
ATOM   165 O O   . LEU A 1 21  ? -7.322  5.095   3.941   1.00 31.69  ? 21  LEU A O   1 
ATOM   166 C CB  . LEU A 1 21  ? -5.268  4.905   6.486   1.00 30.14  ? 21  LEU A CB  1 
ATOM   167 C CG  . LEU A 1 21  ? -3.961  4.196   6.946   1.00 28.56  ? 21  LEU A CG  1 
ATOM   168 C CD1 . LEU A 1 21  ? -4.031  4.096   8.423   1.00 28.74  ? 21  LEU A CD1 1 
ATOM   169 C CD2 . LEU A 1 21  ? -3.821  2.849   6.260   1.00 27.26  ? 21  LEU A CD2 1 
ATOM   170 N N   . ASP A 1 22  ? -6.960  7.126   4.865   1.00 30.94  ? 22  ASP A N   1 
ATOM   171 C CA  . ASP A 1 22  ? -8.247  7.608   4.407   1.00 32.34  ? 22  ASP A CA  1 
ATOM   172 C C   . ASP A 1 22  ? -8.278  7.643   2.897   1.00 31.99  ? 22  ASP A C   1 
ATOM   173 O O   . ASP A 1 22  ? -9.277  7.327   2.352   1.00 34.05  ? 22  ASP A O   1 
ATOM   174 C CB  . ASP A 1 22  ? -8.539  9.010   4.910   1.00 33.99  ? 22  ASP A CB  1 
ATOM   175 C CG  . ASP A 1 22  ? -8.795  9.050   6.389   1.00 34.56  ? 22  ASP A CG  1 
ATOM   176 O OD1 . ASP A 1 22  ? -9.079  8.035   7.023   1.00 39.91  ? 22  ASP A OD1 1 
ATOM   177 O OD2 . ASP A 1 22  ? -8.664  10.082  7.029   1.00 40.28  ? 22  ASP A OD2 1 
ATOM   178 N N   . GLN A 1 23  ? -7.195  8.022   2.204   1.00 30.75  ? 23  GLN A N   1 
ATOM   179 C CA  . GLN A 1 23  ? -7.195  7.870   0.774   1.00 31.35  ? 23  GLN A CA  1 
ATOM   180 C C   . GLN A 1 23  ? -7.392  6.433   0.358   1.00 30.94  ? 23  GLN A C   1 
ATOM   181 O O   . GLN A 1 23  ? -8.021  6.153   -0.678  1.00 31.75  ? 23  GLN A O   1 
ATOM   182 C CB  . GLN A 1 23  ? -5.971  8.520   0.106   1.00 32.47  ? 23  GLN A CB  1 
ATOM   183 C CG  . GLN A 1 23  ? -5.940  10.011  0.375   1.00 36.57  ? 23  GLN A CG  1 
ATOM   184 C CD  . GLN A 1 23  ? -7.196  10.737  -0.250  1.00 43.08  ? 23  GLN A CD  1 
ATOM   185 O OE1 . GLN A 1 23  ? -7.570  10.459  -1.398  1.00 40.09  ? 23  GLN A OE1 1 
ATOM   186 N NE2 . GLN A 1 23  ? -7.850  11.535  0.525   1.00 40.33  ? 23  GLN A NE2 1 
ATOM   187 N N   . PHE A 1 24  ? -6.785  5.473   1.084   1.00 30.06  ? 24  PHE A N   1 
ATOM   188 C CA  . PHE A 1 24  ? -6.904  4.070   0.705   1.00 27.98  ? 24  PHE A CA  1 
ATOM   189 C C   . PHE A 1 24  ? -8.317  3.652   0.923   1.00 29.39  ? 24  PHE A C   1 
ATOM   190 O O   . PHE A 1 24  ? -8.830  2.832   0.191   1.00 28.41  ? 24  PHE A O   1 
ATOM   191 C CB  . PHE A 1 24  ? -5.911  3.064   1.442   1.00 27.09  ? 24  PHE A CB  1 
ATOM   192 C CG  . PHE A 1 24  ? -4.572  3.002   0.815   1.00 25.84  ? 24  PHE A CG  1 
ATOM   193 C CD1 . PHE A 1 24  ? -4.435  2.598   -0.494  1.00 27.00  ? 24  PHE A CD1 1 
ATOM   194 C CD2 . PHE A 1 24  ? -3.443  3.510   1.470   1.00 28.37  ? 24  PHE A CD2 1 
ATOM   195 C CE1 . PHE A 1 24  ? -3.180  2.595   -1.074  1.00 30.15  ? 24  PHE A CE1 1 
ATOM   196 C CE2 . PHE A 1 24  ? -2.225  3.502   0.869   1.00 25.94  ? 24  PHE A CE2 1 
ATOM   197 C CZ  . PHE A 1 24  ? -2.105  3.036   -0.412  1.00 23.40  ? 24  PHE A CZ  1 
ATOM   198 N N   . ALA A 1 25  ? -8.941  4.104   1.995   1.00 31.89  ? 25  ALA A N   1 
ATOM   199 C CA  . ALA A 1 25  ? -10.348 3.717   2.185   1.00 34.12  ? 25  ALA A CA  1 
ATOM   200 C C   . ALA A 1 25  ? -11.249 4.025   0.951   1.00 35.81  ? 25  ALA A C   1 
ATOM   201 O O   . ALA A 1 25  ? -12.068 3.201   0.616   1.00 36.59  ? 25  ALA A O   1 
ATOM   202 C CB  . ALA A 1 25  ? -10.926 4.332   3.520   1.00 33.67  ? 25  ALA A CB  1 
ATOM   203 N N   . LYS A 1 26  ? -10.987 5.123   0.224   1.00 36.40  ? 26  LYS A N   1 
ATOM   204 C CA  . LYS A 1 26  ? -11.706 5.453   -0.986  1.00 37.28  ? 26  LYS A CA  1 
ATOM   205 C C   . LYS A 1 26  ? -11.429 4.606   -2.162  1.00 38.35  ? 26  LYS A C   1 
ATOM   206 O O   . LYS A 1 26  ? -12.287 4.484   -3.033  1.00 40.91  ? 26  LYS A O   1 
ATOM   207 C CB  . LYS A 1 26  ? -11.436 6.905   -1.417  1.00 37.58  ? 26  LYS A CB  1 
ATOM   208 C CG  . LYS A 1 26  ? -11.651 7.856   -0.297  1.00 41.60  ? 26  LYS A CG  1 
ATOM   209 C CD  . LYS A 1 26  ? -11.807 9.301   -0.699  1.00 51.20  ? 26  LYS A CD  1 
ATOM   210 C CE  . LYS A 1 26  ? -10.698 9.835   -1.549  1.00 55.36  ? 26  LYS A CE  1 
ATOM   211 N NZ  . LYS A 1 26  ? -11.040 11.253  -1.945  1.00 61.93  ? 26  LYS A NZ  1 
ATOM   212 N N   . ILE A 1 27  ? -10.222 4.107   -2.277  1.00 36.70  ? 27  ILE A N   1 
ATOM   213 C CA  . ILE A 1 27  ? -9.819  3.417   -3.426  1.00 38.14  ? 27  ILE A CA  1 
ATOM   214 C C   . ILE A 1 27  ? -9.786  1.924   -3.341  1.00 36.64  ? 27  ILE A C   1 
ATOM   215 O O   . ILE A 1 27  ? -9.784  1.316   -4.385  1.00 36.87  ? 27  ILE A O   1 
ATOM   216 C CB  . ILE A 1 27  ? -8.415  3.858   -3.772  1.00 40.30  ? 27  ILE A CB  1 
ATOM   217 C CG1 . ILE A 1 27  ? -8.416  5.318   -4.035  1.00 46.58  ? 27  ILE A CG1 1 
ATOM   218 C CG2 . ILE A 1 27  ? -7.976  3.220   -4.986  1.00 47.63  ? 27  ILE A CG2 1 
ATOM   219 C CD1 . ILE A 1 27  ? -9.246  5.648   -4.972  1.00 46.73  ? 27  ILE A CD1 1 
ATOM   220 N N   . VAL A 1 28  ? -9.664  1.316   -2.164  1.00 34.90  ? 28  VAL A N   1 
ATOM   221 C CA  . VAL A 1 28  ? -9.397  -0.187  -2.100  1.00 34.21  ? 28  VAL A CA  1 
ATOM   222 C C   . VAL A 1 28  ? -10.502 -1.044  -2.794  1.00 34.72  ? 28  VAL A C   1 
ATOM   223 O O   . VAL A 1 28  ? -10.168 -1.902  -3.602  1.00 36.24  ? 28  VAL A O   1 
ATOM   224 C CB  . VAL A 1 28  ? -9.125  -0.628  -0.635  1.00 32.80  ? 28  VAL A CB  1 
ATOM   225 C CG1 . VAL A 1 28  ? -9.287  -2.091  -0.420  1.00 35.11  ? 28  VAL A CG1 1 
ATOM   226 C CG2 . VAL A 1 28  ? -7.715  -0.207  -0.209  1.00 28.90  ? 28  VAL A CG2 1 
ATOM   227 N N   . PRO A 1 29  ? -11.801 -0.730  -2.602  1.00 35.10  ? 29  PRO A N   1 
ATOM   228 C CA  . PRO A 1 29  ? -12.870 -1.458  -3.341  1.00 36.72  ? 29  PRO A CA  1 
ATOM   229 C C   . PRO A 1 29  ? -12.725 -1.357  -4.826  1.00 35.66  ? 29  PRO A C   1 
ATOM   230 O O   . PRO A 1 29  ? -12.828 -2.340  -5.504  1.00 38.56  ? 29  PRO A O   1 
ATOM   231 C CB  . PRO A 1 29  ? -14.197 -0.807  -2.838  1.00 36.04  ? 29  PRO A CB  1 
ATOM   232 C CG  . PRO A 1 29  ? -13.769 -0.289  -1.432  1.00 35.71  ? 29  PRO A CG  1 
ATOM   233 C CD  . PRO A 1 29  ? -12.358 0.310   -1.729  1.00 32.63  ? 29  PRO A CD  1 
ATOM   234 N N   . THR A 1 30  ? -12.374 -0.199  -5.327  1.00 36.30  ? 30  THR A N   1 
ATOM   235 C CA  . THR A 1 30  ? -12.063 -0.086  -6.720  1.00 35.07  ? 30  THR A CA  1 
ATOM   236 C C   . THR A 1 30  ? -10.820 -0.849  -7.128  1.00 36.11  ? 30  THR A C   1 
ATOM   237 O O   . THR A 1 30  ? -10.805 -1.511  -8.166  1.00 36.49  ? 30  THR A O   1 
ATOM   238 C CB  . THR A 1 30  ? -11.906 1.404   -6.969  1.00 36.84  ? 30  THR A CB  1 
ATOM   239 O OG1 . THR A 1 30  ? -13.146 2.045   -6.659  1.00 38.48  ? 30  THR A OG1 1 
ATOM   240 C CG2 . THR A 1 30  ? -11.624 1.731   -8.341  1.00 36.24  ? 30  THR A CG2 1 
ATOM   241 N N   . VAL A 1 31  ? -9.732  -0.850  -6.311  1.00 34.09  ? 31  VAL A N   1 
ATOM   242 C CA  . VAL A 1 31  ? -8.542  -1.537  -6.745  1.00 30.51  ? 31  VAL A CA  1 
ATOM   243 C C   . VAL A 1 31  ? -8.865  -3.000  -6.830  1.00 28.74  ? 31  VAL A C   1 
ATOM   244 O O   . VAL A 1 31  ? -8.353  -3.756  -7.683  1.00 29.13  ? 31  VAL A O   1 
ATOM   245 C CB  . VAL A 1 31  ? -7.316  -1.242  -5.727  1.00 30.87  ? 31  VAL A CB  1 
ATOM   246 C CG1 . VAL A 1 31  ? -6.168  -2.213  -6.085  1.00 30.42  ? 31  VAL A CG1 1 
ATOM   247 C CG2 . VAL A 1 31  ? -6.857  0.243   -5.892  1.00 28.53  ? 31  VAL A CG2 1 
ATOM   248 N N   . LEU A 1 32  ? -9.599  -3.444  -5.860  1.00 29.68  ? 32  LEU A N   1 
ATOM   249 C CA  . LEU A 1 32  ? -9.895  -4.854  -5.771  1.00 33.54  ? 32  LEU A CA  1 
ATOM   250 C C   . LEU A 1 32  ? -10.758 -5.404  -6.964  1.00 36.50  ? 32  LEU A C   1 
ATOM   251 O O   . LEU A 1 32  ? -10.807 -6.603  -7.185  1.00 37.32  ? 32  LEU A O   1 
ATOM   252 C CB  . LEU A 1 32  ? -10.674 -5.173  -4.470  1.00 34.53  ? 32  LEU A CB  1 
ATOM   253 C CG  . LEU A 1 32  ? -9.930  -5.285  -3.095  1.00 36.79  ? 32  LEU A CG  1 
ATOM   254 C CD1 . LEU A 1 32  ? -10.921 -5.431  -1.975  1.00 32.86  ? 32  LEU A CD1 1 
ATOM   255 C CD2 . LEU A 1 32  ? -8.906  -6.405  -3.046  1.00 36.55  ? 32  LEU A CD2 1 
ATOM   256 N N   . LYS A 1 33  ? -11.440 -4.535  -7.697  1.00 38.93  ? 33  LYS A N   1 
ATOM   257 C CA  . LYS A 1 33  ? -12.220 -4.936  -8.881  1.00 40.87  ? 33  LYS A CA  1 
ATOM   258 C C   . LYS A 1 33  ? -11.351 -4.769  -10.096 1.00 40.75  ? 33  LYS A C   1 
ATOM   259 O O   . LYS A 1 33  ? -11.756 -5.107  -11.208 1.00 40.62  ? 33  LYS A O   1 
ATOM   260 C CB  . LYS A 1 33  ? -13.534 -4.089  -8.992  1.00 41.01  ? 33  LYS A CB  1 
ATOM   261 C CG  . LYS A 1 33  ? -14.608 -4.636  -8.113  1.00 46.06  ? 33  LYS A CG  1 
ATOM   262 C CD  . LYS A 1 33  ? -15.921 -3.786  -7.972  1.00 54.14  ? 33  LYS A CD  1 
ATOM   263 C CE  . LYS A 1 33  ? -15.767 -2.272  -8.219  1.00 60.68  ? 33  LYS A CE  1 
ATOM   264 N NZ  . LYS A 1 33  ? -16.838 -1.411  -7.496  1.00 63.49  ? 33  LYS A NZ  1 
ATOM   265 N N   . GLU A 1 34  ? -10.134 -4.262  -9.918  1.00 40.41  ? 34  GLU A N   1 
ATOM   266 C CA  . GLU A 1 34  ? -9.257  -4.113  -11.068 1.00 39.86  ? 34  GLU A CA  1 
ATOM   267 C C   . GLU A 1 34  ? -8.954  -5.452  -11.582 1.00 40.74  ? 34  GLU A C   1 
ATOM   268 O O   . GLU A 1 34  ? -8.874  -6.480  -10.833 1.00 41.51  ? 34  GLU A O   1 
ATOM   269 C CB  . GLU A 1 34  ? -7.912  -3.450  -10.820 1.00 39.63  ? 34  GLU A CB  1 
ATOM   270 C CG  . GLU A 1 34  ? -7.918  -1.966  -10.843 1.00 37.89  ? 34  GLU A CG  1 
ATOM   271 C CD  . GLU A 1 34  ? -6.556  -1.372  -10.527 1.00 36.65  ? 34  GLU A CD  1 
ATOM   272 O OE1 . GLU A 1 34  ? -5.596  -1.638  -11.270 1.00 33.92  ? 34  GLU A OE1 1 
ATOM   273 O OE2 . GLU A 1 34  ? -6.479  -0.660  -9.519  1.00 30.31  ? 34  GLU A OE2 1 
ATOM   274 N N   . GLU A 1 35  ? -8.733  -5.457  -12.879 1.00 40.36  ? 35  GLU A N   1 
ATOM   275 C CA  . GLU A 1 35  ? -8.360  -6.682  -13.541 1.00 42.00  ? 35  GLU A CA  1 
ATOM   276 C C   . GLU A 1 35  ? -6.971  -7.183  -13.100 1.00 41.50  ? 35  GLU A C   1 
ATOM   277 O O   . GLU A 1 35  ? -5.973  -6.439  -13.090 1.00 41.06  ? 35  GLU A O   1 
ATOM   278 C CB  . GLU A 1 35  ? -8.324  -6.362  -15.001 1.00 42.47  ? 35  GLU A CB  1 
ATOM   279 C CG  . GLU A 1 35  ? -8.307  -7.487  -15.909 1.00 47.67  ? 35  GLU A CG  1 
ATOM   280 C CD  . GLU A 1 35  ? -8.014  -6.996  -17.309 1.00 50.99  ? 35  GLU A CD  1 
ATOM   281 O OE1 . GLU A 1 35  ? -8.559  -5.969  -17.790 1.00 46.34  ? 35  GLU A OE1 1 
ATOM   282 O OE2 . GLU A 1 35  ? -7.156  -7.652  -17.871 1.00 58.04  ? 35  GLU A OE2 1 
ATOM   283 N N   . GLY A 1 36  ? -6.883  -8.466  -12.820 1.00 40.38  ? 36  GLY A N   1 
ATOM   284 C CA  . GLY A 1 36  ? -5.629  -8.991  -12.359 1.00 40.26  ? 36  GLY A CA  1 
ATOM   285 C C   . GLY A 1 36  ? -5.471  -8.940  -10.835 1.00 37.09  ? 36  GLY A C   1 
ATOM   286 O O   . GLY A 1 36  ? -4.533  -9.517  -10.376 1.00 38.16  ? 36  GLY A O   1 
ATOM   287 N N   . CYS A 1 37  ? -6.390  -8.382  -10.074 1.00 35.70  ? 37  CYS A N   1 
ATOM   288 C CA  . CYS A 1 37  ? -6.128  -8.117  -8.666  1.00 35.53  ? 37  CYS A CA  1 
ATOM   289 C C   . CYS A 1 37  ? -6.707  -9.150  -7.815  1.00 36.99  ? 37  CYS A C   1 
ATOM   290 O O   . CYS A 1 37  ? -7.923  -9.363  -7.863  1.00 37.36  ? 37  CYS A O   1 
ATOM   291 C CB  . CYS A 1 37  ? -6.676  -6.794  -8.231  1.00 35.56  ? 37  CYS A CB  1 
ATOM   292 S SG  . CYS A 1 37  ? -6.129  -6.351  -6.517  1.00 33.34  ? 37  CYS A SG  1 
ATOM   293 N N   . HIS A 1 38  ? -5.872  -9.862  -7.039  1.00 37.92  ? 38  HIS A N   1 
ATOM   294 C CA  . HIS A 1 38  ? -6.424  -10.837 -6.127  1.00 36.38  ? 38  HIS A CA  1 
ATOM   295 C C   . HIS A 1 38  ? -6.184  -10.512 -4.687  1.00 35.76  ? 38  HIS A C   1 
ATOM   296 O O   . HIS A 1 38  ? -6.298  -11.387 -3.808  1.00 33.68  ? 38  HIS A O   1 
ATOM   297 C CB  . HIS A 1 38  ? -5.908  -12.174 -6.510  1.00 37.70  ? 38  HIS A CB  1 
ATOM   298 C CG  . HIS A 1 38  ? -6.261  -12.535 -7.932  1.00 43.13  ? 38  HIS A CG  1 
ATOM   299 N ND1 . HIS A 1 38  ? -7.343  -13.310 -8.257  1.00 47.46  ? 38  HIS A ND1 1 
ATOM   300 C CD2 . HIS A 1 38  ? -5.683  -12.193 -9.105  1.00 49.97  ? 38  HIS A CD2 1 
ATOM   301 C CE1 . HIS A 1 38  ? -7.402  -13.455 -9.568  1.00 51.63  ? 38  HIS A CE1 1 
ATOM   302 N NE2 . HIS A 1 38  ? -6.408  -12.779 -10.107 1.00 52.36  ? 38  HIS A NE2 1 
ATOM   303 N N   . GLY A 1 39  ? -5.917  -9.233  -4.431  1.00 31.64  ? 39  GLY A N   1 
ATOM   304 C CA  . GLY A 1 39  ? -5.706  -8.781  -3.044  1.00 31.34  ? 39  GLY A CA  1 
ATOM   305 C C   . GLY A 1 39  ? -4.997  -7.417  -3.059  1.00 27.73  ? 39  GLY A C   1 
ATOM   306 O O   . GLY A 1 39  ? -4.181  -7.154  -3.894  1.00 27.82  ? 39  GLY A O   1 
ATOM   307 N N   . TYR A 1 40  ? -5.363  -6.589  -2.130  1.00 27.98  ? 40  TYR A N   1 
ATOM   308 C CA  . TYR A 1 40  ? -4.876  -5.224  -2.041  1.00 30.07  ? 40  TYR A CA  1 
ATOM   309 C C   . TYR A 1 40  ? -5.256  -4.749  -0.645  1.00 30.03  ? 40  TYR A C   1 
ATOM   310 O O   . TYR A 1 40  ? -6.305  -4.270  -0.407  1.00 30.78  ? 40  TYR A O   1 
ATOM   311 C CB  . TYR A 1 40  ? -5.431  -4.325  -3.142  1.00 29.97  ? 40  TYR A CB  1 
ATOM   312 C CG  . TYR A 1 40  ? -4.712  -3.011  -3.368  1.00 27.54  ? 40  TYR A CG  1 
ATOM   313 C CD1 . TYR A 1 40  ? -3.529  -2.970  -4.048  1.00 30.71  ? 40  TYR A CD1 1 
ATOM   314 C CD2 . TYR A 1 40  ? -5.217  -1.845  -2.901  1.00 24.85  ? 40  TYR A CD2 1 
ATOM   315 C CE1 . TYR A 1 40  ? -2.814  -1.819  -4.223  1.00 29.03  ? 40  TYR A CE1 1 
ATOM   316 C CE2 . TYR A 1 40  ? -4.520  -0.599  -3.121  1.00 29.88  ? 40  TYR A CE2 1 
ATOM   317 C CZ  . TYR A 1 40  ? -3.338  -0.619  -3.728  1.00 29.53  ? 40  TYR A CZ  1 
ATOM   318 O OH  . TYR A 1 40  ? -2.694  0.517   -4.025  1.00 27.45  ? 40  TYR A OH  1 
ATOM   319 N N   . ALA A 1 41  ? -4.358  -4.917  0.320   1.00 29.13  ? 41  ALA A N   1 
ATOM   320 C CA  . ALA A 1 41  ? -4.745  -4.580  1.710   1.00 27.19  ? 41  ALA A CA  1 
ATOM   321 C C   . ALA A 1 41  ? -3.665  -3.676  2.378   1.00 25.24  ? 41  ALA A C   1 
ATOM   322 O O   . ALA A 1 41  ? -2.506  -4.092  2.433   1.00 23.43  ? 41  ALA A O   1 
ATOM   323 C CB  . ALA A 1 41  ? -4.875  -5.881  2.440   1.00 27.24  ? 41  ALA A CB  1 
ATOM   324 N N   . PRO A 1 42  ? -4.041  -2.497  2.858   1.00 25.31  ? 42  PRO A N   1 
ATOM   325 C CA  . PRO A 1 42  ? -3.123  -1.634  3.615   1.00 27.38  ? 42  PRO A CA  1 
ATOM   326 C C   . PRO A 1 42  ? -3.089  -2.022  5.060   1.00 27.26  ? 42  PRO A C   1 
ATOM   327 O O   . PRO A 1 42  ? -4.121  -2.057  5.702   1.00 28.95  ? 42  PRO A O   1 
ATOM   328 C CB  . PRO A 1 42  ? -3.706  -0.218  3.455   1.00 27.58  ? 42  PRO A CB  1 
ATOM   329 C CG  . PRO A 1 42  ? -5.180  -0.449  3.168   1.00 30.09  ? 42  PRO A CG  1 
ATOM   330 C CD  . PRO A 1 42  ? -5.353  -1.843  2.627   1.00 27.81  ? 42  PRO A CD  1 
ATOM   331 N N   . MET A 1 43  ? -1.938  -2.417  5.539   1.00 24.68  ? 43  MET A N   1 
ATOM   332 C CA  . MET A 1 43  ? -1.811  -3.019  6.872   1.00 23.54  ? 43  MET A CA  1 
ATOM   333 C C   . MET A 1 43  ? -0.989  -2.027  7.688   1.00 23.91  ? 43  MET A C   1 
ATOM   334 O O   . MET A 1 43  ? -0.172  -1.296  7.142   1.00 24.29  ? 43  MET A O   1 
ATOM   335 C CB  . MET A 1 43  ? -1.073  -4.356  6.770   1.00 23.50  ? 43  MET A CB  1 
ATOM   336 C CG  . MET A 1 43  ? -1.691  -5.360  5.742   1.00 26.10  ? 43  MET A CG  1 
ATOM   337 S SD  . MET A 1 43  ? -3.406  -5.749  6.222   1.00 27.55  ? 43  MET A SD  1 
ATOM   338 C CE  . MET A 1 43  ? -3.597  -7.026  5.109   1.00 43.39  ? 43  MET A CE  1 
ATOM   339 N N   . VAL A 1 44  ? -1.256  -1.924  8.951   1.00 24.22  ? 44  VAL A N   1 
ATOM   340 C CA  . VAL A 1 44  ? -0.392  -1.191  9.908   1.00 26.65  ? 44  VAL A CA  1 
ATOM   341 C C   . VAL A 1 44  ? 0.050   -2.112  11.096  1.00 28.37  ? 44  VAL A C   1 
ATOM   342 O O   . VAL A 1 44  ? -0.601  -3.099  11.384  1.00 29.33  ? 44  VAL A O   1 
ATOM   343 C CB  . VAL A 1 44  ? -1.120  0.003   10.471  1.00 24.39  ? 44  VAL A CB  1 
ATOM   344 C CG1 . VAL A 1 44  ? -1.415  0.987   9.430   1.00 28.81  ? 44  VAL A CG1 1 
ATOM   345 C CG2 . VAL A 1 44  ? -2.386  -0.383  11.193  1.00 25.51  ? 44  VAL A CG2 1 
ATOM   346 N N   . ASP A 1 45  ? 1.157   -1.772  11.782  1.00 31.90  ? 45  ASP A N   1 
ATOM   347 C CA  . ASP A 1 45  ? 1.553   -2.547  12.954  1.00 34.12  ? 45  ASP A CA  1 
ATOM   348 C C   . ASP A 1 45  ? 0.431   -2.665  13.978  1.00 37.02  ? 45  ASP A C   1 
ATOM   349 O O   . ASP A 1 45  ? -0.390  -1.741  14.182  1.00 38.76  ? 45  ASP A O   1 
ATOM   350 C CB  . ASP A 1 45  ? 2.818   -2.048  13.619  1.00 34.35  ? 45  ASP A CB  1 
ATOM   351 C CG  . ASP A 1 45  ? 3.976   -2.044  12.717  1.00 30.88  ? 45  ASP A CG  1 
ATOM   352 O OD1 . ASP A 1 45  ? 4.308   -3.114  12.167  1.00 28.42  ? 45  ASP A OD1 1 
ATOM   353 O OD2 . ASP A 1 45  ? 4.572   -0.944  12.340  1.00 33.94  ? 45  ASP A OD2 1 
ATOM   354 N N   . CYS A 1 46  ? 0.284   -3.869  14.504  1.00 37.60  ? 46  CYS A N   1 
ATOM   355 C CA  . CYS A 1 46  ? -0.533  -4.089  15.691  1.00 40.57  ? 46  CYS A CA  1 
ATOM   356 C C   . CYS A 1 46  ? 0.446   -4.216  16.914  1.00 41.45  ? 46  CYS A C   1 
ATOM   357 O O   . CYS A 1 46  ? 1.185   -5.206  17.004  1.00 40.83  ? 46  CYS A O   1 
ATOM   358 C CB  . CYS A 1 46  ? -1.274  -5.364  15.451  1.00 39.95  ? 46  CYS A CB  1 
ATOM   359 S SG  . CYS A 1 46  ? -2.178  -6.054  16.822  1.00 53.48  ? 46  CYS A SG  1 
ATOM   360 N N   . ALA A 1 47  ? 0.511   -3.238  17.795  1.00 44.66  ? 47  ALA A N   1 
ATOM   361 C CA  . ALA A 1 47  ? 1.371   -3.381  19.027  1.00 48.54  ? 47  ALA A CA  1 
ATOM   362 C C   . ALA A 1 47  ? 1.009   -4.664  19.811  1.00 50.83  ? 47  ALA A C   1 
ATOM   363 O O   . ALA A 1 47  ? -0.115  -4.862  20.241  1.00 50.38  ? 47  ALA A O   1 
ATOM   364 C CB  . ALA A 1 47  ? 1.287   -2.241  19.928  1.00 47.60  ? 47  ALA A CB  1 
ATOM   365 N N   . ALA A 1 48  ? 1.974   -5.555  19.919  1.00 53.45  ? 48  ALA A N   1 
ATOM   366 C CA  . ALA A 1 48  ? 1.660   -6.811  20.515  1.00 56.53  ? 48  ALA A CA  1 
ATOM   367 C C   . ALA A 1 48  ? 2.451   -6.994  21.832  1.00 58.00  ? 48  ALA A C   1 
ATOM   368 O O   . ALA A 1 48  ? 2.152   -7.910  22.624  1.00 59.24  ? 48  ALA A O   1 
ATOM   369 C CB  . ALA A 1 48  ? 1.895   -7.909  19.527  1.00 56.97  ? 48  ALA A CB  1 
ATOM   370 N N   . GLY A 1 49  ? 3.418   -6.106  22.085  1.00 58.48  ? 49  GLY A N   1 
ATOM   371 C CA  . GLY A 1 49  ? 4.089   -6.104  23.366  1.00 58.04  ? 49  GLY A CA  1 
ATOM   372 C C   . GLY A 1 49  ? 5.070   -7.250  23.533  1.00 58.52  ? 49  GLY A C   1 
ATOM   373 O O   . GLY A 1 49  ? 5.433   -7.589  24.683  1.00 60.53  ? 49  GLY A O   1 
ATOM   374 N N   . VAL A 1 50  ? 5.526   -7.830  22.413  1.00 56.86  ? 50  VAL A N   1 
ATOM   375 C CA  . VAL A 1 50  ? 6.381   -8.991  22.426  1.00 54.39  ? 50  VAL A CA  1 
ATOM   376 C C   . VAL A 1 50  ? 7.697   -8.556  21.851  1.00 54.51  ? 50  VAL A C   1 
ATOM   377 O O   . VAL A 1 50  ? 7.759   -7.653  20.979  1.00 56.18  ? 50  VAL A O   1 
ATOM   378 C CB  . VAL A 1 50  ? 5.700   -10.183 21.657  1.00 55.23  ? 50  VAL A CB  1 
ATOM   379 C CG1 . VAL A 1 50  ? 4.311   -10.466 22.234  1.00 54.07  ? 50  VAL A CG1 1 
ATOM   380 C CG2 . VAL A 1 50  ? 5.514   -9.947  20.122  1.00 54.87  ? 50  VAL A CG2 1 
ATOM   381 N N   . SER A 1 51  ? 8.771   -9.166  22.316  1.00 51.46  ? 51  SER A N   1 
ATOM   382 C CA  . SER A 1 51  ? 10.095  -8.609  22.148  1.00 50.04  ? 51  SER A CA  1 
ATOM   383 C C   . SER A 1 51  ? 10.560  -8.768  20.796  1.00 47.87  ? 51  SER A C   1 
ATOM   384 O O   . SER A 1 51  ? 11.464  -7.989  20.342  1.00 48.37  ? 51  SER A O   1 
ATOM   385 C CB  . SER A 1 51  ? 11.153  -9.364  23.029  1.00 51.37  ? 51  SER A CB  1 
ATOM   386 O OG  . SER A 1 51  ? 11.277  -10.773 22.676  1.00 52.22  ? 51  SER A OG  1 
ATOM   387 N N   . PHE A 1 52  ? 10.051  -9.831  20.162  1.00 44.51  ? 52  PHE A N   1 
ATOM   388 C CA  . PHE A 1 52  ? 10.505  -10.156 18.820  1.00 42.99  ? 52  PHE A CA  1 
ATOM   389 C C   . PHE A 1 52  ? 9.843   -9.280  17.710  1.00 40.11  ? 52  PHE A C   1 
ATOM   390 O O   . PHE A 1 52  ? 10.323  -9.319  16.565  1.00 40.65  ? 52  PHE A O   1 
ATOM   391 C CB  . PHE A 1 52  ? 10.347  -11.693 18.491  1.00 43.05  ? 52  PHE A CB  1 
ATOM   392 C CG  . PHE A 1 52  ? 8.925   -12.212 18.606  1.00 45.17  ? 52  PHE A CG  1 
ATOM   393 C CD1 . PHE A 1 52  ? 8.065   -12.177 17.487  1.00 46.42  ? 52  PHE A CD1 1 
ATOM   394 C CD2 . PHE A 1 52  ? 8.446   -12.731 19.793  1.00 46.68  ? 52  PHE A CD2 1 
ATOM   395 C CE1 . PHE A 1 52  ? 6.819   -12.636 17.545  1.00 44.76  ? 52  PHE A CE1 1 
ATOM   396 C CE2 . PHE A 1 52  ? 7.128   -13.183 19.892  1.00 45.99  ? 52  PHE A CE2 1 
ATOM   397 C CZ  . PHE A 1 52  ? 6.300   -13.143 18.749  1.00 45.72  ? 52  PHE A CZ  1 
ATOM   398 N N   . GLN A 1 53  ? 8.759   -8.545  18.026  1.00 38.09  ? 53  GLN A N   1 
ATOM   399 C CA  . GLN A 1 53  ? 8.022   -7.676  17.048  1.00 36.76  ? 53  GLN A CA  1 
ATOM   400 C C   . GLN A 1 53  ? 8.834   -6.389  16.769  1.00 37.97  ? 53  GLN A C   1 
ATOM   401 O O   . GLN A 1 53  ? 9.321   -5.726  17.732  1.00 42.20  ? 53  GLN A O   1 
ATOM   402 C CB  . GLN A 1 53  ? 6.673   -7.284  17.615  1.00 34.80  ? 53  GLN A CB  1 
ATOM   403 C CG  . GLN A 1 53  ? 5.896   -6.420  16.742  1.00 34.96  ? 53  GLN A CG  1 
ATOM   404 C CD  . GLN A 1 53  ? 4.566   -6.118  17.233  1.00 36.39  ? 53  GLN A CD  1 
ATOM   405 O OE1 . GLN A 1 53  ? 4.305   -6.312  18.416  1.00 36.03  ? 53  GLN A OE1 1 
ATOM   406 N NE2 . GLN A 1 53  ? 3.665   -5.623  16.326  1.00 30.37  ? 53  GLN A NE2 1 
ATOM   407 N N   . SER A 1 54  ? 9.044   -6.031  15.520  1.00 36.28  ? 54  SER A N   1 
ATOM   408 C CA  . SER A 1 54  ? 9.457   -4.704  15.152  1.00 35.98  ? 54  SER A CA  1 
ATOM   409 C C   . SER A 1 54  ? 8.258   -3.857  14.678  1.00 38.29  ? 54  SER A C   1 
ATOM   410 O O   . SER A 1 54  ? 7.326   -4.346  13.939  1.00 39.24  ? 54  SER A O   1 
ATOM   411 C CB  . SER A 1 54  ? 10.447  -4.698  14.059  1.00 34.06  ? 54  SER A CB  1 
ATOM   412 O OG  . SER A 1 54  ? 11.422  -5.651  14.374  1.00 39.11  ? 54  SER A OG  1 
ATOM   413 N N   . MET A 1 55  ? 8.264   -2.618  15.147  1.00 37.86  ? 55  MET A N   1 
ATOM   414 C CA  . MET A 1 55  ? 7.155   -1.679  14.836  1.00 39.16  ? 55  MET A CA  1 
ATOM   415 C C   . MET A 1 55  ? 7.674   -0.473  14.127  1.00 38.25  ? 55  MET A C   1 
ATOM   416 O O   . MET A 1 55  ? 8.862   -0.104  14.322  1.00 38.90  ? 55  MET A O   1 
ATOM   417 C CB  . MET A 1 55  ? 6.485   -1.296  16.054  1.00 37.71  ? 55  MET A CB  1 
ATOM   418 C CG  . MET A 1 55  ? 5.790   -2.500  16.516  1.00 44.97  ? 55  MET A CG  1 
ATOM   419 S SD  . MET A 1 55  ? 4.607   -2.161  17.675  1.00 44.31  ? 55  MET A SD  1 
ATOM   420 C CE  . MET A 1 55  ? 3.438   -1.727  16.759  1.00 48.38  ? 55  MET A CE  1 
ATOM   421 N N   . ALA A 1 56  ? 6.813   0.107   13.272  1.00 35.32  ? 56  ALA A N   1 
ATOM   422 C CA  . ALA A 1 56  ? 7.176   1.259   12.521  1.00 34.05  ? 56  ALA A CA  1 
ATOM   423 C C   . ALA A 1 56  ? 5.921   2.104   12.341  1.00 34.61  ? 56  ALA A C   1 
ATOM   424 O O   . ALA A 1 56  ? 5.176   1.990   11.350  1.00 34.69  ? 56  ALA A O   1 
ATOM   425 C CB  . ALA A 1 56  ? 7.714   0.824   11.300  1.00 34.12  ? 56  ALA A CB  1 
ATOM   426 N N   . PRO A 1 57  ? 5.627   2.942   13.302  1.00 34.92  ? 57  PRO A N   1 
ATOM   427 C CA  . PRO A 1 57  ? 4.388   3.680   13.240  1.00 34.69  ? 57  PRO A CA  1 
ATOM   428 C C   . PRO A 1 57  ? 4.253   4.629   12.019  1.00 32.99  ? 57  PRO A C   1 
ATOM   429 O O   . PRO A 1 57  ? 3.138   4.884   11.731  1.00 33.61  ? 57  PRO A O   1 
ATOM   430 C CB  . PRO A 1 57  ? 4.381   4.524   14.540  1.00 35.61  ? 57  PRO A CB  1 
ATOM   431 C CG  . PRO A 1 57  ? 5.718   4.523   15.000  1.00 37.68  ? 57  PRO A CG  1 
ATOM   432 C CD  . PRO A 1 57  ? 6.410   3.279   14.499  1.00 35.63  ? 57  PRO A CD  1 
ATOM   433 N N   . ASP A 1 58  ? 5.280   5.070   11.336  1.00 30.10  ? 58  ASP A N   1 
ATOM   434 C CA  . ASP A 1 58  ? 5.050   5.937   10.180  1.00 32.18  ? 58  ASP A CA  1 
ATOM   435 C C   . ASP A 1 58  ? 5.149   5.097   8.943   1.00 31.70  ? 58  ASP A C   1 
ATOM   436 O O   . ASP A 1 58  ? 5.905   5.433   8.021   1.00 33.61  ? 58  ASP A O   1 
ATOM   437 C CB  . ASP A 1 58  ? 6.083   7.022   10.194  1.00 30.66  ? 58  ASP A CB  1 
ATOM   438 C CG  . ASP A 1 58  ? 5.916   7.900   11.353  1.00 34.83  ? 58  ASP A CG  1 
ATOM   439 O OD1 . ASP A 1 58  ? 4.788   8.050   11.907  1.00 40.26  ? 58  ASP A OD1 1 
ATOM   440 O OD2 . ASP A 1 58  ? 6.867   8.477   11.811  1.00 43.28  ? 58  ASP A OD2 1 
ATOM   441 N N   . SER A 1 59  ? 4.541   3.924   9.009   1.00 27.78  ? 59  SER A N   1 
ATOM   442 C CA  . SER A 1 59  ? 4.653   2.983   7.908   1.00 29.04  ? 59  SER A CA  1 
ATOM   443 C C   . SER A 1 59  ? 3.249   2.321   7.593   1.00 27.09  ? 59  SER A C   1 
ATOM   444 O O   . SER A 1 59  ? 2.494   2.019   8.493   1.00 25.18  ? 59  SER A O   1 
ATOM   445 C CB  . SER A 1 59  ? 5.766   1.963   8.189   1.00 29.18  ? 59  SER A CB  1 
ATOM   446 O OG  . SER A 1 59  ? 5.267   0.692   8.218   1.00 34.21  ? 59  SER A OG  1 
ATOM   447 N N   . ILE A 1 60  ? 2.944   2.130   6.324   1.00 24.52  ? 60  ILE A N   1 
ATOM   448 C CA  . ILE A 1 60  ? 1.788   1.318   5.915   1.00 25.35  ? 60  ILE A CA  1 
ATOM   449 C C   . ILE A 1 60  ? 2.365   0.273   5.057   1.00 25.28  ? 60  ILE A C   1 
ATOM   450 O O   . ILE A 1 60  ? 3.198   0.596   4.172   1.00 24.87  ? 60  ILE A O   1 
ATOM   451 C CB  . ILE A 1 60  ? 0.859   2.163   5.098   1.00 26.25  ? 60  ILE A CB  1 
ATOM   452 C CG1 . ILE A 1 60  ? 0.160   3.163   6.067   1.00 26.79  ? 60  ILE A CG1 1 
ATOM   453 C CG2 . ILE A 1 60  ? -0.175  1.322   4.287   1.00 25.53  ? 60  ILE A CG2 1 
ATOM   454 C CD1 . ILE A 1 60  ? -0.454  4.262   5.360   1.00 25.78  ? 60  ILE A CD1 1 
ATOM   455 N N   . VAL A 1 61  ? 1.960   -0.970  5.270   1.00 22.47  ? 61  VAL A N   1 
ATOM   456 C CA  . VAL A 1 61  ? 2.485   -2.026  4.466   1.00 22.12  ? 61  VAL A CA  1 
ATOM   457 C C   . VAL A 1 61  ? 1.355   -2.552  3.579   1.00 22.90  ? 61  VAL A C   1 
ATOM   458 O O   . VAL A 1 61  ? 0.344   -3.036  4.083   1.00 20.92  ? 61  VAL A O   1 
ATOM   459 C CB  . VAL A 1 61  ? 3.023   -3.139  5.319   1.00 23.04  ? 61  VAL A CB  1 
ATOM   460 C CG1 . VAL A 1 61  ? 3.564   -4.289  4.461   1.00 26.36  ? 61  VAL A CG1 1 
ATOM   461 C CG2 . VAL A 1 61  ? 4.177   -2.662  6.317   1.00 24.25  ? 61  VAL A CG2 1 
ATOM   462 N N   . MET A 1 62  ? 1.543   -2.468  2.257   1.00 22.76  ? 62  MET A N   1 
ATOM   463 C CA  . MET A 1 62  ? 0.522   -2.946  1.304   1.00 24.63  ? 62  MET A CA  1 
ATOM   464 C C   . MET A 1 62  ? 0.844   -4.366  0.958   1.00 23.95  ? 62  MET A C   1 
ATOM   465 O O   . MET A 1 62  ? 1.953   -4.678  0.633   1.00 25.85  ? 62  MET A O   1 
ATOM   466 C CB  . MET A 1 62  ? 0.466   -2.141  0.029   1.00 24.41  ? 62  MET A CB  1 
ATOM   467 C CG  . MET A 1 62  ? 0.214   -0.634  0.207   1.00 24.93  ? 62  MET A CG  1 
ATOM   468 S SD  . MET A 1 62  ? -1.272  -0.135  0.929   1.00 31.30  ? 62  MET A SD  1 
ATOM   469 C CE  . MET A 1 62  ? -2.247  -1.027  -0.283  1.00 27.50  ? 62  MET A CE  1 
ATOM   470 N N   . ILE A 1 63  ? -0.126  -5.252  1.158   1.00 23.72  ? 63  ILE A N   1 
ATOM   471 C CA  . ILE A 1 63  ? 0.030   -6.606  0.667   1.00 24.78  ? 63  ILE A CA  1 
ATOM   472 C C   . ILE A 1 63  ? -0.940  -6.819  -0.469  1.00 24.03  ? 63  ILE A C   1 
ATOM   473 O O   . ILE A 1 63  ? -2.132  -6.647  -0.312  1.00 22.24  ? 63  ILE A O   1 
ATOM   474 C CB  . ILE A 1 63  ? -0.205  -7.639  1.847   1.00 25.91  ? 63  ILE A CB  1 
ATOM   475 C CG1 . ILE A 1 63  ? 0.702   -7.285  3.001   1.00 29.23  ? 63  ILE A CG1 1 
ATOM   476 C CG2 . ILE A 1 63  ? -0.029  -9.090  1.368   1.00 25.87  ? 63  ILE A CG2 1 
ATOM   477 C CD1 . ILE A 1 63  ? 0.424   -8.101  4.239   1.00 34.59  ? 63  ILE A CD1 1 
ATOM   478 N N   . GLU A 1 64  ? -0.414  -7.197  -1.633  1.00 24.67  ? 64  GLU A N   1 
ATOM   479 C CA  . GLU A 1 64  ? -1.167  -7.203  -2.854  1.00 26.15  ? 64  GLU A CA  1 
ATOM   480 C C   . GLU A 1 64  ? -0.891  -8.478  -3.610  1.00 27.63  ? 64  GLU A C   1 
ATOM   481 O O   . GLU A 1 64  ? 0.168   -9.080  -3.481  1.00 24.60  ? 64  GLU A O   1 
ATOM   482 C CB  . GLU A 1 64  ? -0.749  -6.018  -3.777  1.00 26.45  ? 64  GLU A CB  1 
ATOM   483 C CG  . GLU A 1 64  ? -0.641  -4.697  -3.034  1.00 25.85  ? 64  GLU A CG  1 
ATOM   484 C CD  . GLU A 1 64  ? -0.144  -3.535  -3.905  1.00 27.16  ? 64  GLU A CD  1 
ATOM   485 O OE1 . GLU A 1 64  ? -0.232  -3.643  -5.124  1.00 25.05  ? 64  GLU A OE1 1 
ATOM   486 O OE2 . GLU A 1 64  ? 0.301   -2.495  -3.331  1.00 27.22  ? 64  GLU A OE2 1 
ATOM   487 N N   . GLN A 1 65  ? -1.833  -8.838  -4.487  1.00 28.08  ? 65  GLN A N   1 
ATOM   488 C CA  . GLN A 1 65  ? -1.626  -9.952  -5.430  1.00 30.10  ? 65  GLN A CA  1 
ATOM   489 C C   . GLN A 1 65  ? -2.078  -9.561  -6.817  1.00 30.13  ? 65  GLN A C   1 
ATOM   490 O O   . GLN A 1 65  ? -3.152  -9.037  -6.979  1.00 27.76  ? 65  GLN A O   1 
ATOM   491 C CB  . GLN A 1 65  ? -2.354  -11.183 -4.948  1.00 30.71  ? 65  GLN A CB  1 
ATOM   492 C CG  . GLN A 1 65  ? -1.903  -11.687 -3.598  1.00 37.92  ? 65  GLN A CG  1 
ATOM   493 C CD  . GLN A 1 65  ? -2.446  -13.127 -3.291  1.00 49.00  ? 65  GLN A CD  1 
ATOM   494 O OE1 . GLN A 1 65  ? -1.769  -14.098 -3.535  1.00 57.54  ? 65  GLN A OE1 1 
ATOM   495 N NE2 . GLN A 1 65  ? -3.642  -13.220 -2.747  1.00 54.50  ? 65  GLN A NE2 1 
ATOM   496 N N   . TRP A 1 66  ? -1.224  -9.799  -7.795  1.00 32.58  ? 66  TRP A N   1 
ATOM   497 C CA  . TRP A 1 66  ? -1.468  -9.389  -9.138  1.00 33.64  ? 66  TRP A CA  1 
ATOM   498 C C   . TRP A 1 66  ? -1.134  -10.546 -10.045 1.00 35.58  ? 66  TRP A C   1 
ATOM   499 O O   . TRP A 1 66  ? -0.059  -11.195 -9.904  1.00 33.27  ? 66  TRP A O   1 
ATOM   500 C CB  . TRP A 1 66  ? -0.576  -8.175  -9.554  1.00 33.89  ? 66  TRP A CB  1 
ATOM   501 C CG  . TRP A 1 66  ? -0.963  -6.985  -8.811  1.00 34.54  ? 66  TRP A CG  1 
ATOM   502 C CD1 . TRP A 1 66  ? -0.378  -6.519  -7.691  1.00 30.96  ? 66  TRP A CD1 1 
ATOM   503 C CD2 . TRP A 1 66  ? -2.092  -6.126  -9.061  1.00 36.16  ? 66  TRP A CD2 1 
ATOM   504 N NE1 . TRP A 1 66  ? -1.053  -5.412  -7.234  1.00 34.59  ? 66  TRP A NE1 1 
ATOM   505 C CE2 . TRP A 1 66  ? -2.110  -5.158  -8.053  1.00 35.60  ? 66  TRP A CE2 1 
ATOM   506 C CE3 . TRP A 1 66  ? -3.109  -6.099  -10.030 1.00 39.24  ? 66  TRP A CE3 1 
ATOM   507 C CZ2 . TRP A 1 66  ? -3.044  -4.153  -8.012  1.00 34.61  ? 66  TRP A CZ2 1 
ATOM   508 C CZ3 . TRP A 1 66  ? -4.004  -5.138  -9.995  1.00 35.45  ? 66  TRP A CZ3 1 
ATOM   509 C CH2 . TRP A 1 66  ? -4.006  -4.185  -8.991  1.00 40.04  ? 66  TRP A CH2 1 
ATOM   510 N N   . GLU A 1 67  ? -1.963  -10.714 -11.100 1.00 35.99  ? 67  GLU A N   1 
ATOM   511 C CA  . GLU A 1 67  ? -1.729  -11.854 -11.977 1.00 36.16  ? 67  GLU A CA  1 
ATOM   512 C C   . GLU A 1 67  ? -0.470  -11.740 -12.726 1.00 34.63  ? 67  GLU A C   1 
ATOM   513 O O   . GLU A 1 67  ? 0.147   -12.766 -12.934 1.00 37.23  ? 67  GLU A O   1 
ATOM   514 C CB  . GLU A 1 67  ? -2.935  -12.177 -12.901 1.00 37.73  ? 67  GLU A CB  1 
ATOM   515 C CG  . GLU A 1 67  ? -4.072  -12.925 -12.202 1.00 41.02  ? 67  GLU A CG  1 
ATOM   516 C CD  . GLU A 1 67  ? -5.350  -13.016 -13.061 1.00 43.74  ? 67  GLU A CD  1 
ATOM   517 O OE1 . GLU A 1 67  ? -5.234  -13.144 -14.267 1.00 48.07  ? 67  GLU A OE1 1 
ATOM   518 O OE2 . GLU A 1 67  ? -6.453  -12.840 -12.546 1.00 45.34  ? 67  GLU A OE2 1 
ATOM   519 N N   . SER A 1 68  ? -0.010  -10.546 -13.068 1.00 33.31  ? 68  SER A N   1 
ATOM   520 C CA  . SER A 1 68  ? 1.196   -10.432 -13.806 1.00 32.73  ? 68  SER A CA  1 
ATOM   521 C C   . SER A 1 68  ? 1.791   -9.105  -13.611 1.00 33.03  ? 68  SER A C   1 
ATOM   522 O O   . SER A 1 68  ? 1.114   -8.186  -13.119 1.00 34.90  ? 68  SER A O   1 
ATOM   523 C CB  . SER A 1 68  ? 0.876   -10.526 -15.376 1.00 34.92  ? 68  SER A CB  1 
ATOM   524 O OG  . SER A 1 68  ? -0.070  -9.517  -15.742 1.00 33.89  ? 68  SER A OG  1 
ATOM   525 N N   . ILE A 1 69  ? 2.994   -8.915  -14.101 1.00 32.05  ? 69  ILE A N   1 
ATOM   526 C CA  . ILE A 1 69  ? 3.558   -7.595  -14.138 1.00 36.95  ? 69  ILE A CA  1 
ATOM   527 C C   . ILE A 1 69  ? 2.722   -6.595  -14.978 1.00 38.54  ? 69  ILE A C   1 
ATOM   528 O O   . ILE A 1 69  ? 2.661   -5.378  -14.603 1.00 37.97  ? 69  ILE A O   1 
ATOM   529 C CB  . ILE A 1 69  ? 5.034   -7.665  -14.645 1.00 37.63  ? 69  ILE A CB  1 
ATOM   530 C CG1 . ILE A 1 69  ? 5.643   -6.312  -14.894 1.00 41.46  ? 69  ILE A CG1 1 
ATOM   531 C CG2 . ILE A 1 69  ? 5.044   -8.280  -15.982 1.00 43.83  ? 69  ILE A CG2 1 
ATOM   532 C CD1 . ILE A 1 69  ? 6.028   -5.526  -13.610 1.00 48.75  ? 69  ILE A CD1 1 
ATOM   533 N N   . ALA A 1 70  ? 2.115   -7.083  -16.108 1.00 37.20  ? 70  ALA A N   1 
ATOM   534 C CA  . ALA A 1 70  ? 1.300   -6.208  -16.970 1.00 36.76  ? 70  ALA A CA  1 
ATOM   535 C C   . ALA A 1 70  ? 0.134   -5.714  -16.183 1.00 35.12  ? 70  ALA A C   1 
ATOM   536 O O   . ALA A 1 70  ? -0.164  -4.562  -16.251 1.00 35.66  ? 70  ALA A O   1 
ATOM   537 C CB  . ALA A 1 70  ? 0.823   -6.954  -18.332 1.00 36.31  ? 70  ALA A CB  1 
ATOM   538 N N   . HIS A 1 71  ? -0.485  -6.545  -15.364 1.00 35.16  ? 71  HIS A N   1 
ATOM   539 C CA  . HIS A 1 71  ? -1.616  -6.056  -14.624 1.00 37.04  ? 71  HIS A CA  1 
ATOM   540 C C   . HIS A 1 71  ? -1.254  -5.000  -13.528 1.00 36.47  ? 71  HIS A C   1 
ATOM   541 O O   . HIS A 1 71  ? -2.020  -4.066  -13.307 1.00 37.32  ? 71  HIS A O   1 
ATOM   542 C CB  . HIS A 1 71  ? -2.362  -7.202  -13.965 1.00 37.04  ? 71  HIS A CB  1 
ATOM   543 C CG  . HIS A 1 71  ? -3.013  -8.164  -14.913 1.00 44.79  ? 71  HIS A CG  1 
ATOM   544 N ND1 . HIS A 1 71  ? -4.312  -7.999  -15.368 1.00 49.44  ? 71  HIS A ND1 1 
ATOM   545 C CD2 . HIS A 1 71  ? -2.592  -9.357  -15.404 1.00 44.96  ? 71  HIS A CD2 1 
ATOM   546 C CE1 . HIS A 1 71  ? -4.638  -9.027  -16.127 1.00 47.06  ? 71  HIS A CE1 1 
ATOM   547 N NE2 . HIS A 1 71  ? -3.623  -9.875  -16.141 1.00 46.39  ? 71  HIS A NE2 1 
ATOM   548 N N   . LEU A 1 72  ? -0.139  -5.210  -12.787 1.00 36.74  ? 72  LEU A N   1 
ATOM   549 C CA  . LEU A 1 72  ? 0.436   -4.243  -11.851 1.00 32.87  ? 72  LEU A CA  1 
ATOM   550 C C   . LEU A 1 72  ? 0.818   -2.962  -12.538 1.00 33.39  ? 72  LEU A C   1 
ATOM   551 O O   . LEU A 1 72  ? 0.610   -1.876  -12.018 1.00 30.95  ? 72  LEU A O   1 
ATOM   552 C CB  . LEU A 1 72  ? 1.722   -4.802  -11.253 1.00 32.80  ? 72  LEU A CB  1 
ATOM   553 C CG  . LEU A 1 72  ? 2.438   -3.873  -10.247 1.00 31.44  ? 72  LEU A CG  1 
ATOM   554 C CD1 . LEU A 1 72  ? 1.493   -3.504  -9.168  1.00 31.51  ? 72  LEU A CD1 1 
ATOM   555 C CD2 . LEU A 1 72  ? 3.743   -4.537  -9.684  1.00 29.94  ? 72  LEU A CD2 1 
ATOM   556 N N   . GLU A 1 73  ? 1.476   -3.050  -13.687 1.00 35.00  ? 73  GLU A N   1 
ATOM   557 C CA  . GLU A 1 73  ? 1.816   -1.795  -14.416 1.00 37.08  ? 73  GLU A CA  1 
ATOM   558 C C   . GLU A 1 73  ? 0.501   -0.995  -14.868 1.00 37.32  ? 73  GLU A C   1 
ATOM   559 O O   . GLU A 1 73  ? 0.437   0.201   -14.701 1.00 36.49  ? 73  GLU A O   1 
ATOM   560 C CB  . GLU A 1 73  ? 2.748   -2.055  -15.570 1.00 37.15  ? 73  GLU A CB  1 
ATOM   561 C CG  . GLU A 1 73  ? 4.192   -2.215  -15.105 1.00 42.73  ? 73  GLU A CG  1 
ATOM   562 C CD  . GLU A 1 73  ? 5.158   -2.637  -16.202 1.00 48.29  ? 73  GLU A CD  1 
ATOM   563 O OE1 . GLU A 1 73  ? 4.702   -3.373  -17.097 1.00 50.23  ? 73  GLU A OE1 1 
ATOM   564 O OE2 . GLU A 1 73  ? 6.355   -2.248  -16.163 1.00 50.72  ? 73  GLU A OE2 1 
ATOM   565 N N   . ALA A 1 74  ? -0.571  -1.679  -15.280 1.00 38.85  ? 74  ALA A N   1 
ATOM   566 C CA  . ALA A 1 74  ? -1.828  -0.963  -15.654 1.00 39.52  ? 74  ALA A CA  1 
ATOM   567 C C   . ALA A 1 74  ? -2.377  -0.350  -14.433 1.00 38.34  ? 74  ALA A C   1 
ATOM   568 O O   . ALA A 1 74  ? -2.896  0.734   -14.478 1.00 39.81  ? 74  ALA A O   1 
ATOM   569 C CB  . ALA A 1 74  ? -2.915  -1.931  -16.179 1.00 40.49  ? 74  ALA A CB  1 
ATOM   570 N N   . HIS A 1 75  ? -2.307  -1.079  -13.321 1.00 37.27  ? 75  HIS A N   1 
ATOM   571 C CA  . HIS A 1 75  ? -2.836  -0.585  -12.033 1.00 35.43  ? 75  HIS A CA  1 
ATOM   572 C C   . HIS A 1 75  ? -2.265  0.784   -11.659 1.00 34.14  ? 75  HIS A C   1 
ATOM   573 O O   . HIS A 1 75  ? -3.004  1.649   -11.266 1.00 32.16  ? 75  HIS A O   1 
ATOM   574 C CB  . HIS A 1 75  ? -2.588  -1.611  -10.875 1.00 35.99  ? 75  HIS A CB  1 
ATOM   575 C CG  . HIS A 1 75  ? -2.694  -1.005  -9.507  1.00 31.55  ? 75  HIS A CG  1 
ATOM   576 N ND1 . HIS A 1 75  ? -1.576  -0.689  -8.758  1.00 35.29  ? 75  HIS A ND1 1 
ATOM   577 C CD2 . HIS A 1 75  ? -3.760  -0.651  -8.767  1.00 27.51  ? 75  HIS A CD2 1 
ATOM   578 C CE1 . HIS A 1 75  ? -1.966  -0.183  -7.598  1.00 36.39  ? 75  HIS A CE1 1 
ATOM   579 N NE2 . HIS A 1 75  ? -3.286  -0.157  -7.568  1.00 36.17  ? 75  HIS A NE2 1 
ATOM   580 N N   . LEU A 1 76  ? -0.974  0.973   -11.884 1.00 33.92  ? 76  LEU A N   1 
ATOM   581 C CA  . LEU A 1 76  ? -0.280  2.164   -11.490 1.00 35.27  ? 76  LEU A CA  1 
ATOM   582 C C   . LEU A 1 76  ? -0.667  3.342   -12.408 1.00 38.17  ? 76  LEU A C   1 
ATOM   583 O O   . LEU A 1 76  ? -0.469  4.508   -12.090 1.00 36.58  ? 76  LEU A O   1 
ATOM   584 C CB  . LEU A 1 76  ? 1.258   1.943   -11.546 1.00 34.80  ? 76  LEU A CB  1 
ATOM   585 C CG  . LEU A 1 76  ? 1.903   0.939   -10.532 1.00 37.20  ? 76  LEU A CG  1 
ATOM   586 C CD1 . LEU A 1 76  ? 3.359   0.617   -10.875 1.00 38.36  ? 76  LEU A CD1 1 
ATOM   587 C CD2 . LEU A 1 76  ? 1.832   1.484   -9.173  1.00 38.69  ? 76  LEU A CD2 1 
ATOM   588 N N   . GLN A 1 77  ? -1.145  3.045   -13.615 1.00 41.01  ? 77  GLN A N   1 
ATOM   589 C CA  . GLN A 1 77  ? -1.611  4.121   -14.496 1.00 41.04  ? 77  GLN A CA  1 
ATOM   590 C C   . GLN A 1 77  ? -3.098  4.408   -14.341 1.00 39.85  ? 77  GLN A C   1 
ATOM   591 O O   . GLN A 1 77  ? -3.581  5.207   -15.078 1.00 41.00  ? 77  GLN A O   1 
ATOM   592 C CB  . GLN A 1 77  ? -1.294  3.773   -15.945 1.00 42.33  ? 77  GLN A CB  1 
ATOM   593 C CG  . GLN A 1 77  ? 0.179   3.573   -16.237 1.00 47.28  ? 77  GLN A CG  1 
ATOM   594 C CD  . GLN A 1 77  ? 0.999   4.729   -15.725 1.00 55.47  ? 77  GLN A CD  1 
ATOM   595 O OE1 . GLN A 1 77  ? 2.093   4.544   -15.155 1.00 62.11  ? 77  GLN A OE1 1 
ATOM   596 N NE2 . GLN A 1 77  ? 0.488   5.938   -15.919 1.00 61.89  ? 77  GLN A NE2 1 
ATOM   597 N N   . THR A 1 78  ? -3.838  3.796   -13.436 1.00 38.74  ? 78  THR A N   1 
ATOM   598 C CA  . THR A 1 78  ? -5.266  4.019   -13.374 1.00 38.35  ? 78  THR A CA  1 
ATOM   599 C C   . THR A 1 78  ? -5.560  5.315   -12.729 1.00 39.09  ? 78  THR A C   1 
ATOM   600 O O   . THR A 1 78  ? -4.745  5.854   -11.979 1.00 41.39  ? 78  THR A O   1 
ATOM   601 C CB  . THR A 1 78  ? -6.038  2.981   -12.558 1.00 40.26  ? 78  THR A CB  1 
ATOM   602 O OG1 . THR A 1 78  ? -5.550  2.949   -11.189 1.00 38.72  ? 78  THR A OG1 1 
ATOM   603 C CG2 . THR A 1 78  ? -5.996  1.552   -13.234 1.00 39.59  ? 78  THR A CG2 1 
ATOM   604 N N   . PRO A 1 79  ? -6.750  5.837   -12.956 1.00 38.37  ? 79  PRO A N   1 
ATOM   605 C CA  . PRO A 1 79  ? -7.033  7.144   -12.403 1.00 36.68  ? 79  PRO A CA  1 
ATOM   606 C C   . PRO A 1 79  ? -7.118  7.141   -10.978 1.00 33.68  ? 79  PRO A C   1 
ATOM   607 O O   . PRO A 1 79  ? -6.834  8.110   -10.387 1.00 32.22  ? 79  PRO A O   1 
ATOM   608 C CB  . PRO A 1 79  ? -8.404  7.531   -12.988 1.00 36.72  ? 79  PRO A CB  1 
ATOM   609 C CG  . PRO A 1 79  ? -8.985  6.320   -13.593 1.00 39.17  ? 79  PRO A CG  1 
ATOM   610 C CD  . PRO A 1 79  ? -7.865  5.321   -13.796 1.00 39.85  ? 79  PRO A CD  1 
ATOM   611 N N   . HIS A 1 80  ? -7.698  6.148   -10.377 1.00 34.71  ? 80  HIS A N   1 
ATOM   612 C CA  . HIS A 1 80  ? -7.741  6.229   -8.893  1.00 33.15  ? 80  HIS A CA  1 
ATOM   613 C C   . HIS A 1 80  ? -6.256  6.304   -8.306  1.00 32.45  ? 80  HIS A C   1 
ATOM   614 O O   . HIS A 1 80  ? -5.987  7.083   -7.392  1.00 33.40  ? 80  HIS A O   1 
ATOM   615 C CB  . HIS A 1 80  ? -8.680  5.145   -8.348  1.00 33.55  ? 80  HIS A CB  1 
ATOM   616 C CG  . HIS A 1 80  ? -8.384  3.781   -8.871  1.00 38.44  ? 80  HIS A CG  1 
ATOM   617 N ND1 . HIS A 1 80  ? -7.534  2.913   -8.202  1.00 43.97  ? 80  HIS A ND1 1 
ATOM   618 C CD2 . HIS A 1 80  ? -8.739  3.151   -10.020 1.00 41.81  ? 80  HIS A CD2 1 
ATOM   619 C CE1 . HIS A 1 80  ? -7.436  1.784   -8.896  1.00 46.08  ? 80  HIS A CE1 1 
ATOM   620 N NE2 . HIS A 1 80  ? -8.145  1.908   -10.018 1.00 45.13  ? 80  HIS A NE2 1 
ATOM   621 N N   . MET A 1 81  ? -5.248  5.670   -8.927  1.00 32.70  ? 81  MET A N   1 
ATOM   622 C CA  . MET A 1 81  ? -3.846  5.753   -8.398  1.00 31.02  ? 81  MET A CA  1 
ATOM   623 C C   . MET A 1 81  ? -3.153  7.099   -8.622  1.00 32.88  ? 81  MET A C   1 
ATOM   624 O O   . MET A 1 81  ? -2.487  7.627   -7.730  1.00 33.11  ? 81  MET A O   1 
ATOM   625 C CB  . MET A 1 81  ? -3.020  4.629   -8.906  1.00 31.19  ? 81  MET A CB  1 
ATOM   626 C CG  . MET A 1 81  ? -3.530  3.263   -8.490  1.00 29.43  ? 81  MET A CG  1 
ATOM   627 S SD  . MET A 1 81  ? -3.691  3.175   -6.702  1.00 39.91  ? 81  MET A SD  1 
ATOM   628 C CE  . MET A 1 81  ? -4.742  2.539   -6.632  1.00 30.50  ? 81  MET A CE  1 
ATOM   629 N N   . LYS A 1 82  ? -3.357  7.720   -9.781  1.00 33.49  ? 82  LYS A N   1 
ATOM   630 C CA  . LYS A 1 82  ? -2.851  9.061   -10.016 1.00 34.57  ? 82  LYS A CA  1 
ATOM   631 C C   . LYS A 1 82  ? -3.575  10.011  -9.137  1.00 34.88  ? 82  LYS A C   1 
ATOM   632 O O   . LYS A 1 82  ? -2.977  10.862  -8.586  1.00 35.29  ? 82  LYS A O   1 
ATOM   633 C CB  . LYS A 1 82  ? -3.097  9.435   -11.433 1.00 37.88  ? 82  LYS A CB  1 
ATOM   634 C CG  . LYS A 1 82  ? -2.276  8.571   -12.483 1.00 42.69  ? 82  LYS A CG  1 
ATOM   635 C CD  . LYS A 1 82  ? -2.010  9.424   -13.805 1.00 51.75  ? 82  LYS A CD  1 
ATOM   636 C CE  . LYS A 1 82  ? -1.493  8.659   -15.004 1.00 55.53  ? 82  LYS A CE  1 
ATOM   637 N NZ  . LYS A 1 82  ? -2.645  8.420   -15.940 1.00 61.61  ? 82  LYS A NZ  1 
ATOM   638 N N   . ALA A 1 83  ? -4.865  9.789   -8.874  1.00 35.88  ? 83  ALA A N   1 
ATOM   639 C CA  . ALA A 1 83  ? -5.542  10.661  -7.939  1.00 36.28  ? 83  ALA A CA  1 
ATOM   640 C C   . ALA A 1 83  ? -5.006  10.496  -6.491  1.00 35.30  ? 83  ALA A C   1 
ATOM   641 O O   . ALA A 1 83  ? -4.913  11.457  -5.726  1.00 36.42  ? 83  ALA A O   1 
ATOM   642 C CB  . ALA A 1 83  ? -7.070  10.417  -7.966  1.00 35.95  ? 83  ALA A CB  1 
ATOM   643 N N   . TYR A 1 84  ? -4.811  9.239   -6.085  1.00 36.68  ? 84  TYR A N   1 
ATOM   644 C CA  . TYR A 1 84  ? -4.221  8.873   -4.775  1.00 34.08  ? 84  TYR A CA  1 
ATOM   645 C C   . TYR A 1 84  ? -2.877  9.565   -4.656  1.00 32.97  ? 84  TYR A C   1 
ATOM   646 O O   . TYR A 1 84  ? -2.572  10.230  -3.668  1.00 31.03  ? 84  TYR A O   1 
ATOM   647 C CB  . TYR A 1 84  ? -4.109  7.329   -4.651  1.00 35.40  ? 84  TYR A CB  1 
ATOM   648 C CG  . TYR A 1 84  ? -3.065  6.895   -3.604  1.00 32.62  ? 84  TYR A CG  1 
ATOM   649 C CD1 . TYR A 1 84  ? -3.439  6.716   -2.276  1.00 31.84  ? 84  TYR A CD1 1 
ATOM   650 C CD2 . TYR A 1 84  ? -1.751  6.706   -3.962  1.00 30.29  ? 84  TYR A CD2 1 
ATOM   651 C CE1 . TYR A 1 84  ? -2.482  6.367   -1.310  1.00 35.08  ? 84  TYR A CE1 1 
ATOM   652 C CE2 . TYR A 1 84  ? -0.775  6.341   -3.012  1.00 36.23  ? 84  TYR A CE2 1 
ATOM   653 C CZ  . TYR A 1 84  ? -1.155  6.191   -1.695  1.00 32.80  ? 84  TYR A CZ  1 
ATOM   654 O OH  . TYR A 1 84  ? -0.270  5.808   -0.787  1.00 35.14  ? 84  TYR A OH  1 
ATOM   655 N N   . SER A 1 85  ? -2.063  9.459   -5.681  1.00 34.60  ? 85  SER A N   1 
ATOM   656 C CA  . SER A 1 85  ? -0.743  9.983   -5.586  1.00 36.70  ? 85  SER A CA  1 
ATOM   657 C C   . SER A 1 85  ? -0.751  11.430  -5.360  1.00 37.38  ? 85  SER A C   1 
ATOM   658 O O   . SER A 1 85  ? 0.024   11.934  -4.542  1.00 36.37  ? 85  SER A O   1 
ATOM   659 C CB  . SER A 1 85  ? 0.051   9.754   -6.824  1.00 38.54  ? 85  SER A CB  1 
ATOM   660 O OG  . SER A 1 85  ? 0.083   8.381   -7.076  1.00 48.24  ? 85  SER A OG  1 
ATOM   661 N N   . GLU A 1 86  ? -1.592  12.123  -6.149  1.00 37.31  ? 86  GLU A N   1 
ATOM   662 C CA  . GLU A 1 86  ? -1.729  13.541  -5.984  1.00 37.01  ? 86  GLU A CA  1 
ATOM   663 C C   . GLU A 1 86  ? -2.205  13.896  -4.588  1.00 33.82  ? 86  GLU A C   1 
ATOM   664 O O   . GLU A 1 86  ? -1.694  14.794  -3.942  1.00 30.58  ? 86  GLU A O   1 
ATOM   665 C CB  . GLU A 1 86  ? -2.717  14.104  -7.058  1.00 39.38  ? 86  GLU A CB  1 
ATOM   666 C CG  . GLU A 1 86  ? -2.877  15.564  -6.822  1.00 42.39  ? 86  GLU A CG  1 
ATOM   667 C CD  . GLU A 1 86  ? -1.604  16.263  -7.204  1.00 50.07  ? 86  GLU A CD  1 
ATOM   668 O OE1 . GLU A 1 86  ? -0.748  15.633  -7.933  1.00 48.15  ? 86  GLU A OE1 1 
ATOM   669 O OE2 . GLU A 1 86  ? -1.505  17.414  -6.754  1.00 55.21  ? 86  GLU A OE2 1 
ATOM   670 N N   . ALA A 1 87  ? -3.205  13.179  -4.101  1.00 32.86  ? 87  ALA A N   1 
ATOM   671 C CA  . ALA A 1 87  ? -3.759  13.524  -2.804  1.00 31.70  ? 87  ALA A CA  1 
ATOM   672 C C   . ALA A 1 87  ? -2.781  13.237  -1.643  1.00 33.59  ? 87  ALA A C   1 
ATOM   673 O O   . ALA A 1 87  ? -2.909  13.831  -0.574  1.00 36.14  ? 87  ALA A O   1 
ATOM   674 C CB  . ALA A 1 87  ? -5.002  12.801  -2.608  1.00 33.41  ? 87  ALA A CB  1 
ATOM   675 N N   . VAL A 1 88  ? -1.734  12.436  -1.823  1.00 32.38  ? 88  VAL A N   1 
ATOM   676 C CA  . VAL A 1 88  ? -0.932  12.080  -0.636  1.00 31.51  ? 88  VAL A CA  1 
ATOM   677 C C   . VAL A 1 88  ? 0.440   12.648  -0.718  1.00 32.25  ? 88  VAL A C   1 
ATOM   678 O O   . VAL A 1 88  ? 1.257   12.355  0.131   1.00 31.94  ? 88  VAL A O   1 
ATOM   679 C CB  . VAL A 1 88  ? -0.879  10.524  -0.395  1.00 30.54  ? 88  VAL A CB  1 
ATOM   680 C CG1 . VAL A 1 88  ? -2.222  9.978   -0.210  1.00 30.94  ? 88  VAL A CG1 1 
ATOM   681 C CG2 . VAL A 1 88  ? -0.187  9.801   -1.466  1.00 28.12  ? 88  VAL A CG2 1 
ATOM   682 N N   . LYS A 1 89  ? 0.676   13.528  -1.687  1.00 32.66  ? 89  LYS A N   1 
ATOM   683 C CA  . LYS A 1 89  ? 2.048   13.992  -1.962  1.00 35.46  ? 89  LYS A CA  1 
ATOM   684 C C   . LYS A 1 89  ? 2.728   14.736  -0.841  1.00 34.53  ? 89  LYS A C   1 
ATOM   685 O O   . LYS A 1 89  ? 3.988   14.723  -0.800  1.00 36.31  ? 89  LYS A O   1 
ATOM   686 C CB  . LYS A 1 89  ? 2.153   14.836  -3.239  1.00 36.34  ? 89  LYS A CB  1 
ATOM   687 C CG  . LYS A 1 89  ? 1.376   16.125  -3.185  1.00 41.01  ? 89  LYS A CG  1 
ATOM   688 C CD  . LYS A 1 89  ? 1.666   16.972  -4.467  1.00 46.54  ? 89  LYS A CD  1 
ATOM   689 C CE  . LYS A 1 89  ? 0.602   18.080  -4.674  1.00 52.24  ? 89  LYS A CE  1 
ATOM   690 N NZ  . LYS A 1 89  ? 0.544   18.320  -6.180  1.00 54.40  ? 89  LYS A NZ  1 
ATOM   691 N N   . GLY A 1 90  ? 1.933   15.378  0.026   1.00 32.79  ? 90  GLY A N   1 
ATOM   692 C CA  . GLY A 1 90  ? 2.509   15.984  1.205   1.00 33.48  ? 90  GLY A CA  1 
ATOM   693 C C   . GLY A 1 90  ? 2.574   15.085  2.418   1.00 32.40  ? 90  GLY A C   1 
ATOM   694 O O   . GLY A 1 90  ? 2.974   15.496  3.507   1.00 30.65  ? 90  GLY A O   1 
ATOM   695 N N   . ASP A 1 91  ? 2.111   13.828  2.289   1.00 32.37  ? 91  ASP A N   1 
ATOM   696 C CA  . ASP A 1 91  ? 2.148   12.943  3.453   1.00 30.39  ? 91  ASP A CA  1 
ATOM   697 C C   . ASP A 1 91  ? 3.096   11.747  3.353   1.00 29.47  ? 91  ASP A C   1 
ATOM   698 O O   . ASP A 1 91  ? 3.251   11.066  4.327   1.00 29.42  ? 91  ASP A O   1 
ATOM   699 C CB  . ASP A 1 91  ? 0.774   12.374  3.703   1.00 32.09  ? 91  ASP A CB  1 
ATOM   700 C CG  . ASP A 1 91  ? -0.302  13.427  3.768   1.00 31.80  ? 91  ASP A CG  1 
ATOM   701 O OD1 . ASP A 1 91  ? -0.300  14.223  4.723   1.00 34.89  ? 91  ASP A OD1 1 
ATOM   702 O OD2 . ASP A 1 91  ? -1.204  13.423  2.905   1.00 32.36  ? 91  ASP A OD2 1 
ATOM   703 N N   . VAL A 1 92  ? 3.585   11.413  2.168   1.00 28.05  ? 92  VAL A N   1 
ATOM   704 C CA  . VAL A 1 92  ? 4.411   10.242  1.915   1.00 27.41  ? 92  VAL A CA  1 
ATOM   705 C C   . VAL A 1 92  ? 5.839   10.682  1.650   1.00 28.59  ? 92  VAL A C   1 
ATOM   706 O O   . VAL A 1 92  ? 6.100   11.623  0.886   1.00 27.54  ? 92  VAL A O   1 
ATOM   707 C CB  . VAL A 1 92  ? 3.855   9.390   0.726   1.00 26.78  ? 92  VAL A CB  1 
ATOM   708 C CG1 . VAL A 1 92  ? 4.777   8.365   0.265   1.00 26.74  ? 92  VAL A CG1 1 
ATOM   709 C CG2 . VAL A 1 92  ? 2.513   8.785   1.089   1.00 27.15  ? 92  VAL A CG2 1 
ATOM   710 N N   . LEU A 1 93  ? 6.789   9.933   2.210   1.00 28.88  ? 93  LEU A N   1 
ATOM   711 C CA  . LEU A 1 93  ? 8.215   10.215  2.002   1.00 27.25  ? 93  LEU A CA  1 
ATOM   712 C C   . LEU A 1 93  ? 8.864   9.294   1.022   1.00 27.75  ? 93  LEU A C   1 
ATOM   713 O O   . LEU A 1 93  ? 9.738   9.696   0.231   1.00 27.27  ? 93  LEU A O   1 
ATOM   714 C CB  . LEU A 1 93  ? 8.901   10.092  3.316   1.00 27.41  ? 93  LEU A CB  1 
ATOM   715 C CG  . LEU A 1 93  ? 8.498   11.192  4.325   1.00 26.97  ? 93  LEU A CG  1 
ATOM   716 C CD1 . LEU A 1 93  ? 9.334   11.009  5.599   1.00 28.79  ? 93  LEU A CD1 1 
ATOM   717 C CD2 . LEU A 1 93  ? 8.609   12.624  3.829   1.00 26.83  ? 93  LEU A CD2 1 
ATOM   718 N N   . GLU A 1 94  ? 8.459   8.041   1.050   1.00 28.90  ? 94  GLU A N   1 
ATOM   719 C CA  . GLU A 1 94  ? 8.906   7.044   0.111   1.00 30.92  ? 94  GLU A CA  1 
ATOM   720 C C   . GLU A 1 94  ? 8.089   5.761   0.070   1.00 31.75  ? 94  GLU A C   1 
ATOM   721 O O   . GLU A 1 94  ? 7.264   5.538   0.954   1.00 28.95  ? 94  GLU A O   1 
ATOM   722 C CB  . GLU A 1 94  ? 10.367  6.663   0.366   1.00 33.82  ? 94  GLU A CB  1 
ATOM   723 C CG  . GLU A 1 94  ? 10.626  5.962   1.607   1.00 36.34  ? 94  GLU A CG  1 
ATOM   724 C CD  . GLU A 1 94  ? 12.038  5.326   1.633   1.00 44.43  ? 94  GLU A CD  1 
ATOM   725 O OE1 . GLU A 1 94  ? 12.789  5.185   0.606   1.00 48.84  ? 94  GLU A OE1 1 
ATOM   726 O OE2 . GLU A 1 94  ? 12.379  4.935   2.741   1.00 51.00  ? 94  GLU A OE2 1 
ATOM   727 N N   . MET A 1 95  ? 8.352   4.920   -0.944  1.00 32.61  ? 95  MET A N   1 
ATOM   728 C CA  . MET A 1 95  ? 7.662   3.610   -1.084  1.00 35.79  ? 95  MET A CA  1 
ATOM   729 C C   . MET A 1 95  ? 8.651   2.590   -1.612  1.00 36.94  ? 95  MET A C   1 
ATOM   730 O O   . MET A 1 95  ? 9.272   2.860   -2.621  1.00 38.54  ? 95  MET A O   1 
ATOM   731 C CB  . MET A 1 95  ? 6.533   3.742   -2.060  1.00 37.72  ? 95  MET A CB  1 
ATOM   732 C CG  . MET A 1 95  ? 5.617   2.548   -2.253  1.00 44.09  ? 95  MET A CG  1 
ATOM   733 S SD  . MET A 1 95  ? 3.996   3.099   -2.991  1.00 47.20  ? 95  MET A SD  1 
ATOM   734 C CE  . MET A 1 95  ? 4.553   3.959   -4.187  1.00 51.17  ? 95  MET A CE  1 
ATOM   735 N N   . ASN A 1 96  ? 8.810   1.474   -0.919  1.00 35.23  ? 96  ASN A N   1 
ATOM   736 C CA  . ASN A 1 96  ? 9.739   0.352   -1.291  1.00 37.03  ? 96  ASN A CA  1 
ATOM   737 C C   . ASN A 1 96  ? 8.847   -0.808  -1.780  1.00 36.31  ? 96  ASN A C   1 
ATOM   738 O O   . ASN A 1 96  ? 8.115   -1.369  -0.938  1.00 36.42  ? 96  ASN A O   1 
ATOM   739 C CB  . ASN A 1 96  ? 10.509  -0.048  -0.018  1.00 36.28  ? 96  ASN A CB  1 
ATOM   740 C CG  . ASN A 1 96  ? 11.608  -1.220  -0.225  1.00 47.61  ? 96  ASN A CG  1 
ATOM   741 O OD1 . ASN A 1 96  ? 11.431  -2.366  0.262   1.00 59.28  ? 96  ASN A OD1 1 
ATOM   742 N ND2 . ASN A 1 96  ? 12.710  -0.907  -0.875  1.00 53.04  ? 96  ASN A ND2 1 
ATOM   743 N N   . ILE A 1 97  ? 8.875   -1.106  -3.089  1.00 32.98  ? 97  ILE A N   1 
ATOM   744 C CA  . ILE A 1 97  ? 8.093   -2.104  -3.716  1.00 31.31  ? 97  ILE A CA  1 
ATOM   745 C C   . ILE A 1 97  ? 8.868   -3.375  -3.926  1.00 30.68  ? 97  ILE A C   1 
ATOM   746 O O   . ILE A 1 97  ? 9.825   -3.378  -4.671  1.00 29.52  ? 97  ILE A O   1 
ATOM   747 C CB  . ILE A 1 97  ? 7.609   -1.592  -4.959  1.00 32.32  ? 97  ILE A CB  1 
ATOM   748 C CG1 . ILE A 1 97  ? 6.723   -0.346  -4.722  1.00 39.63  ? 97  ILE A CG1 1 
ATOM   749 C CG2 . ILE A 1 97  ? 6.781   -2.619  -5.678  1.00 34.55  ? 97  ILE A CG2 1 
ATOM   750 C CD1 . ILE A 1 97  ? 6.249   0.315   -6.010  1.00 40.80  ? 97  ILE A CD1 1 
ATOM   751 N N   . ARG A 1 98  ? 8.543   -4.438  -3.159  1.00 27.82  ? 98  ARG A N   1 
ATOM   752 C CA  . ARG A 1 98  ? 8.907   -5.775  -3.550  1.00 26.66  ? 98  ARG A CA  1 
ATOM   753 C C   . ARG A 1 98  ? 7.845   -6.531  -4.302  1.00 25.92  ? 98  ARG A C   1 
ATOM   754 O O   . ARG A 1 98  ? 6.693   -6.567  -3.874  1.00 25.56  ? 98  ARG A O   1 
ATOM   755 C CB  . ARG A 1 98  ? 9.299   -6.630  -2.353  1.00 26.79  ? 98  ARG A CB  1 
ATOM   756 C CG  . ARG A 1 98  ? 10.181  -5.831  -1.433  1.00 29.28  ? 98  ARG A CG  1 
ATOM   757 C CD  . ARG A 1 98  ? 11.352  -6.374  -0.939  1.00 30.65  ? 98  ARG A CD  1 
ATOM   758 N NE  . ARG A 1 98  ? 11.993  -7.640  -1.381  1.00 32.35  ? 98  ARG A NE  1 
ATOM   759 C CZ  . ARG A 1 98  ? 12.572  -8.384  -0.415  1.00 34.20  ? 98  ARG A CZ  1 
ATOM   760 N NH1 . ARG A 1 98  ? 12.534  -7.926  0.841   1.00 33.77  ? 98  ARG A NH1 1 
ATOM   761 N NH2 . ARG A 1 98  ? 13.221  -9.509  -0.665  1.00 33.25  ? 98  ARG A NH2 1 
ATOM   762 N N   . ILE A 1 99  ? 8.362   -7.368  -5.201  1.00 26.07  ? 99  ILE A N   1 
ATOM   763 C CA  . ILE A 1 99  ? 7.592   -8.175  -6.060  1.00 25.51  ? 99  ILE A CA  1 
ATOM   764 C C   . ILE A 1 99  ? 8.167   -9.560  -5.866  1.00 25.61  ? 99  ILE A C   1 
ATOM   765 O O   . ILE A 1 99  ? 9.304   -9.830  -6.249  1.00 25.69  ? 99  ILE A O   1 
ATOM   766 C CB  . ILE A 1 99  ? 7.774   -7.769  -7.563  1.00 26.08  ? 99  ILE A CB  1 
ATOM   767 C CG1 . ILE A 1 99  ? 7.510   -6.298  -7.774  1.00 27.02  ? 99  ILE A CG1 1 
ATOM   768 C CG2 . ILE A 1 99  ? 6.704   -8.565  -8.437  1.00 28.84  ? 99  ILE A CG2 1 
ATOM   769 C CD1 . ILE A 1 99  ? 7.580   -5.836  -9.272  1.00 30.78  ? 99  ILE A CD1 1 
ATOM   770 N N   . LEU A 1 100 ? 7.304   -10.432 -5.407  1.00 23.82  ? 100 LEU A N   1 
ATOM   771 C CA  . LEU A 1 100 ? 7.755   -11.692 -4.855  1.00 25.82  ? 100 LEU A CA  1 
ATOM   772 C C   . LEU A 1 100 ? 7.005   -12.858 -5.577  1.00 26.77  ? 100 LEU A C   1 
ATOM   773 O O   . LEU A 1 100 ? 5.938   -12.667 -6.042  1.00 24.88  ? 100 LEU A O   1 
ATOM   774 C CB  . LEU A 1 100 ? 7.346   -11.729 -3.376  1.00 23.25  ? 100 LEU A CB  1 
ATOM   775 C CG  . LEU A 1 100 ? 7.910   -10.595 -2.447  1.00 23.62  ? 100 LEU A CG  1 
ATOM   776 C CD1 . LEU A 1 100 ? 7.268   -10.586 -1.149  1.00 23.52  ? 100 LEU A CD1 1 
ATOM   777 C CD2 . LEU A 1 100 ? 9.357   -10.949 -2.246  1.00 22.36  ? 100 LEU A CD2 1 
ATOM   778 N N   . GLN A 1 101 ? 7.590   -14.042 -5.524  1.00 28.09  ? 101 GLN A N   1 
ATOM   779 C CA  . GLN A 1 101 ? 6.916   -15.274 -5.896  1.00 30.26  ? 101 GLN A CA  1 
ATOM   780 C C   . GLN A 1 101 ? 7.265   -16.350 -4.849  1.00 30.59  ? 101 GLN A C   1 
ATOM   781 O O   . GLN A 1 101 ? 8.167   -16.146 -4.024  1.00 27.70  ? 101 GLN A O   1 
ATOM   782 C CB  . GLN A 1 101 ? 7.449   -15.739 -7.266  1.00 31.28  ? 101 GLN A CB  1 
ATOM   783 C CG  . GLN A 1 101 ? 8.867   -16.113 -7.190  1.00 37.14  ? 101 GLN A CG  1 
ATOM   784 C CD  . GLN A 1 101 ? 9.415   -16.348 -8.539  1.00 48.40  ? 101 GLN A CD  1 
ATOM   785 O OE1 . GLN A 1 101 ? 8.630   -16.473 -9.506  1.00 56.95  ? 101 GLN A OE1 1 
ATOM   786 N NE2 . GLN A 1 101 ? 10.734  -16.433 -8.644  1.00 48.00  ? 101 GLN A NE2 1 
ATOM   787 N N   . PRO A 1 102 ? 6.575   -17.492 -4.909  1.00 30.70  ? 102 PRO A N   1 
ATOM   788 C CA  . PRO A 1 102 ? 6.851   -18.600 -3.969  1.00 30.23  ? 102 PRO A CA  1 
ATOM   789 C C   . PRO A 1 102 ? 8.240   -19.063 -3.992  1.00 29.22  ? 102 PRO A C   1 
ATOM   790 O O   . PRO A 1 102 ? 8.818   -19.232 -5.052  1.00 31.50  ? 102 PRO A O   1 
ATOM   791 C CB  . PRO A 1 102 ? 5.894   -19.733 -4.426  1.00 31.01  ? 102 PRO A CB  1 
ATOM   792 C CG  . PRO A 1 102 ? 4.653   -18.848 -4.993  1.00 31.06  ? 102 PRO A CG  1 
ATOM   793 C CD  . PRO A 1 102 ? 5.416   -17.782 -5.816  1.00 29.83  ? 102 PRO A CD  1 
ATOM   794 N N   . GLY A 1 103 ? 8.882   -19.178 -2.838  1.00 28.90  ? 103 GLY A N   1 
ATOM   795 C CA  . GLY A 1 103 ? 10.294  -19.521 -2.896  1.00 29.67  ? 103 GLY A CA  1 
ATOM   796 C C   . GLY A 1 103 ? 10.613  -20.969 -2.576  1.00 29.47  ? 103 GLY A C   1 
ATOM   797 O O   . GLY A 1 103 ? 11.493  -21.612 -3.166  1.00 30.45  ? 103 GLY A O   1 
HETATM 798 O O   . HOH B 2 .   ? 3.730   -1.130  13.711  1.00 36.35  ? 116 HOH A O   1 
HETATM 799 O O   . HOH B 2 .   ? -2.373  -13.718 -7.762  1.00 53.00  ? 117 HOH A O   1 
HETATM 800 O O   . HOH B 2 .   ? -1.140  -14.280 -7.280  1.00 59.20  ? 118 HOH A O   1 
HETATM 801 O O   . HOH B 2 .   ? -0.121  -15.303 -7.602  1.00 60.52  ? 119 HOH A O   1 
HETATM 802 O O   . HOH B 2 .   ? 9.485   -21.775 -2.782  1.00 26.56  ? 120 HOH A O   1 
HETATM 803 O O   . HOH B 2 .   ? 9.329   -23.537 -2.432  1.00 53.16  ? 121 HOH A O   1 
HETATM 804 O O   . HOH B 2 .   ? -16.896 -6.841  -8.734  1.00 96.96  ? 122 HOH A O   1 
HETATM 805 O O   . HOH B 2 .   ? -2.474  -13.418 -8.742  1.00 28.12  ? 123 HOH A O   1 
HETATM 806 O O   . HOH B 2 .   ? 12.820  -12.366 21.526  1.00 68.74  ? 124 HOH A O   1 
HETATM 807 O O   . HOH B 2 .   ? 13.256  -10.316 21.446  1.00 67.92  ? 125 HOH A O   1 
HETATM 808 O O   . HOH B 2 .   ? -6.317  -0.615  -16.321 1.00 48.47  ? 126 HOH A O   1 
HETATM 809 O O   . HOH B 2 .   ? 2.679   17.355  11.250  1.00 81.71  ? 127 HOH A O   1 
HETATM 810 O O   . HOH B 2 .   ? 8.699   -23.762 -1.418  1.00 43.37  ? 128 HOH A O   1 
HETATM 811 O O   . HOH B 2 .   ? -4.704  -4.483  -14.104 1.00 32.19  ? 129 HOH A O   1 
HETATM 812 O O   . HOH B 2 .   ? -16.866 5.207   0.600   1.00 90.32  ? 130 HOH A O   1 
HETATM 813 O O   . HOH B 2 .   ? -18.349 4.012   -1.686  1.00 85.38  ? 131 HOH A O   1 
HETATM 814 O O   . HOH B 2 .   ? -17.188 1.905   -0.862  1.00 88.70  ? 132 HOH A O   1 
HETATM 815 O O   . HOH B 2 .   ? -15.074 3.627   -0.389  1.00 69.13  ? 133 HOH A O   1 
HETATM 816 O O   . HOH B 2 .   ? -16.174 1.875   1.772   1.00 80.90  ? 134 HOH A O   1 
HETATM 817 O O   . HOH B 2 .   ? -16.157 2.109   -3.090  1.00 77.92  ? 135 HOH A O   1 
HETATM 818 O O   . HOH B 2 .   ? -12.894 1.399   4.409   1.00 64.67  ? 136 HOH A O   1 
HETATM 819 O O   . HOH B 2 .   ? -12.797 0.864   2.067   1.00 42.45  ? 137 HOH A O   1 
HETATM 820 O O   . HOH B 2 .   ? -8.834  -3.218  -14.267 1.00 52.49  ? 138 HOH A O   1 
HETATM 821 O O   . HOH B 2 .   ? -6.103  -2.353  -13.937 1.00 34.89  ? 139 HOH A O   1 
HETATM 822 O O   . HOH B 2 .   ? -4.650  -5.810  19.572  1.00 66.70  ? 140 HOH A O   1 
HETATM 823 O O   . HOH B 2 .   ? 6.600   -15.837 -12.951 1.00 93.61  ? 141 HOH A O   1 
HETATM 824 O O   . HOH B 2 .   ? -3.502  -7.941  19.394  1.00 70.57  ? 142 HOH A O   1 
HETATM 825 O O   . HOH B 2 .   ? -1.281  15.932  8.816   1.00 62.49  ? 143 HOH A O   1 
HETATM 826 O O   . HOH B 2 .   ? 5.758   12.050  -2.669  1.00 57.94  ? 144 HOH A O   1 
HETATM 827 O O   . HOH B 2 .   ? 5.866   14.006  -2.617  1.00 48.33  ? 145 HOH A O   1 
HETATM 828 O O   . HOH B 2 .   ? 8.753   -4.534  20.718  1.00 40.13  ? 146 HOH A O   1 
HETATM 829 O O   . HOH B 2 .   ? 7.250   11.463  -2.269  1.00 66.53  ? 147 HOH A O   1 
HETATM 830 O O   . HOH B 2 .   ? -6.870  12.206  3.121   1.00 47.95  ? 148 HOH A O   1 
HETATM 831 O O   . HOH B 2 .   ? 11.092  -5.110  21.490  1.00 46.69  ? 149 HOH A O   1 
HETATM 832 O O   . HOH B 2 .   ? 10.350  -5.868  24.420  1.00 94.04  ? 150 HOH A O   1 
HETATM 833 O O   . HOH B 2 .   ? 5.586   14.307  1.457   1.00 34.50  ? 151 HOH A O   1 
HETATM 834 O O   . HOH B 2 .   ? 2.254   5.731   -1.741  1.00 26.89  ? 152 HOH A O   1 
HETATM 835 O O   . HOH B 2 .   ? 2.682   0.389   10.800  1.00 27.75  ? 153 HOH A O   1 
HETATM 836 O O   . HOH B 2 .   ? 5.795   10.555  15.572  1.00 77.26  ? 154 HOH A O   1 
HETATM 837 O O   . HOH B 2 .   ? 3.646   8.705   14.364  1.00 76.80  ? 155 HOH A O   1 
HETATM 838 O O   . HOH B 2 .   ? 11.778  -24.425 -5.744  1.00 96.67  ? 156 HOH A O   1 
HETATM 839 O O   . HOH B 2 .   ? 3.205   7.917   -3.092  1.00 48.68  ? 157 HOH A O   1 
HETATM 840 O O   . HOH B 2 .   ? 4.276   10.020  13.244  1.00 50.31  ? 158 HOH A O   1 
HETATM 841 O O   . HOH B 2 .   ? -8.159  4.103   9.193   1.00 42.87  ? 159 HOH A O   1 
HETATM 842 O O   . HOH B 2 .   ? 8.267   -23.906 -4.004  1.00 42.94  ? 160 HOH A O   1 
HETATM 843 O O   . HOH B 2 .   ? -7.246  4.389   11.916  1.00 84.23  ? 161 HOH A O   1 
HETATM 844 O O   . HOH B 2 .   ? 5.014   -4.942  13.769  1.00 24.59  ? 162 HOH A O   1 
HETATM 845 O O   . HOH B 2 .   ? -8.980  -0.224  4.119   1.00 38.61  ? 163 HOH A O   1 
HETATM 846 O O   . HOH B 2 .   ? -7.928  1.631   4.719   1.00 44.46  ? 164 HOH A O   1 
HETATM 847 O O   . HOH B 2 .   ? -7.310  8.308   -2.798  1.00 45.11  ? 165 HOH A O   1 
HETATM 848 O O   . HOH B 2 .   ? 11.673  2.388   -3.714  1.00 47.40  ? 166 HOH A O   1 
HETATM 849 O O   . HOH B 2 .   ? 13.312  -20.637 -4.911  1.00 59.01  ? 167 HOH A O   1 
HETATM 850 O O   . HOH B 2 .   ? 11.709  -8.333  14.757  1.00 39.21  ? 168 HOH A O   1 
HETATM 851 O O   . HOH B 2 .   ? 12.729  2.150   -1.408  1.00 83.34  ? 169 HOH A O   1 
HETATM 852 O O   . HOH B 2 .   ? -4.542  4.323   12.306  1.00 65.97  ? 170 HOH A O   1 
HETATM 853 O O   . HOH B 2 .   ? -7.155  12.721  7.835   1.00 70.51  ? 171 HOH A O   1 
HETATM 854 O O   . HOH B 2 .   ? -8.335  -5.132  1.261   1.00 43.16  ? 172 HOH A O   1 
HETATM 855 O O   . HOH B 2 .   ? 1.409   -0.590  -4.842  1.00 40.51  ? 173 HOH A O   1 
HETATM 856 O O   . HOH B 2 .   ? 0.648   -13.809 -0.886  1.00 65.40  ? 174 HOH A O   1 
HETATM 857 O O   . HOH B 2 .   ? -6.057  -14.895 -2.976  1.00 99.43  ? 175 HOH A O   1 
HETATM 858 O O   . HOH B 2 .   ? -3.807  -9.598  3.720   1.00 58.56  ? 176 HOH A O   1 
HETATM 859 O O   . HOH B 2 .   ? -9.826  -13.167 -3.382  1.00 99.47  ? 177 HOH A O   1 
HETATM 860 O O   . HOH B 2 .   ? 1.340   10.350  11.117  1.00 48.94  ? 178 HOH A O   1 
HETATM 861 O O   . HOH B 2 .   ? -14.688 -4.492  -1.792  1.00 59.76  ? 179 HOH A O   1 
HETATM 862 O O   . HOH B 2 .   ? 5.505   -20.183 -1.524  1.00 73.36  ? 180 HOH A O   1 
HETATM 863 O O   . HOH B 2 .   ? -0.503  0.228   -5.155  1.00 29.40  ? 181 HOH A O   1 
HETATM 864 O O   . HOH B 2 .   ? 11.935  2.543   4.827   1.00 89.84  ? 182 HOH A O   1 
HETATM 865 O O   . HOH B 2 .   ? -6.710  5.297   -17.473 1.00 72.88  ? 183 HOH A O   1 
HETATM 866 O O   . HOH B 2 .   ? -3.033  0.781   -18.703 1.00 80.10  ? 184 HOH A O   1 
HETATM 867 O O   . HOH B 2 .   ? 1.298   5.717   -10.054 1.00 56.62  ? 185 HOH A O   1 
HETATM 868 O O   . HOH B 2 .   ? 1.184   4.154   -5.706  1.00 64.53  ? 186 HOH A O   1 
HETATM 869 O O   . HOH B 2 .   ? 2.059   6.234   -5.562  1.00 47.62  ? 187 HOH A O   1 
HETATM 870 O O   . HOH B 2 .   ? -3.610  -14.965 -8.463  1.00 47.81  ? 188 HOH A O   1 
HETATM 871 O O   . HOH B 2 .   ? -2.193  -12.089 2.119   1.00 67.74  ? 189 HOH A O   1 
HETATM 872 O O   . HOH B 2 .   ? -1.942  -11.784 0.191   1.00 55.53  ? 190 HOH A O   1 
HETATM 873 O O   . HOH B 2 .   ? -3.020  -10.610 -1.230  1.00 74.55  ? 191 HOH A O   1 
HETATM 874 O O   . HOH B 2 .   ? -8.830  -14.720 -1.323  1.00 87.47  ? 192 HOH A O   1 
HETATM 875 O O   . HOH B 2 .   ? -3.626  -8.984  -0.336  1.00 36.96  ? 193 HOH A O   1 
HETATM 876 O O   . HOH B 2 .   ? -6.250  -12.215 -0.789  1.00 85.31  ? 194 HOH A O   1 
HETATM 877 O O   . HOH B 2 .   ? -5.569  -9.388  0.840   1.00 59.69  ? 195 HOH A O   1 
HETATM 878 O O   . HOH B 2 .   ? 9.916   18.868  4.506   1.00 62.84  ? 196 HOH A O   1 
HETATM 879 O O   . HOH B 2 .   ? 0.986   6.510   13.525  1.00 73.82  ? 197 HOH A O   1 
HETATM 880 O O   . HOH B 2 .   ? -4.645  9.747   -18.655 1.00 62.31  ? 198 HOH A O   1 
HETATM 881 O O   . HOH B 2 .   ? -14.479 -4.452  -4.211  1.00 56.07  ? 199 HOH A O   1 
HETATM 882 O O   . HOH B 2 .   ? 7.960   20.388  3.116   1.00 78.88  ? 200 HOH A O   1 
HETATM 883 O O   . HOH B 2 .   ? -13.246 2.591   -4.352  1.00 45.53  ? 201 HOH A O   1 
HETATM 884 O O   . HOH B 2 .   ? -6.461  3.403   -16.746 1.00 47.16  ? 202 HOH A O   1 
HETATM 885 O O   . HOH B 2 .   ? -1.661  9.783   11.483  1.00 37.25  ? 203 HOH A O   1 
HETATM 886 O O   . HOH B 2 .   ? 7.986   4.320   11.618  1.00 43.49  ? 204 HOH A O   1 
HETATM 887 O O   . HOH B 2 .   ? 2.704   10.785  -3.659  1.00 37.78  ? 205 HOH A O   1 
HETATM 888 O O   . HOH B 2 .   ? 10.190  -0.599  8.223   1.00 59.91  ? 206 HOH A O   1 
HETATM 889 O O   . HOH B 2 .   ? 10.665  2.927   -5.250  1.00 51.58  ? 207 HOH A O   1 
HETATM 890 O O   . HOH B 2 .   ? 3.342   9.048   9.813   1.00 38.53  ? 208 HOH A O   1 
HETATM 891 O O   . HOH B 2 .   ? 2.616   1.911   -17.891 1.00 66.51  ? 209 HOH A O   1 
HETATM 892 O O   . HOH B 2 .   ? -2.893  6.250   11.421  1.00 45.28  ? 210 HOH A O   1 
HETATM 893 O O   . HOH B 2 .   ? -11.945 7.992   3.682   1.00 54.55  ? 211 HOH A O   1 
HETATM 894 O O   . HOH B 2 .   ? 12.033  3.948   -3.152  1.00 43.60  ? 212 HOH A O   1 
HETATM 895 O O   . HOH B 2 .   ? -15.607 4.264   -3.338  1.00 68.77  ? 213 HOH A O   1 
HETATM 896 O O   . HOH B 2 .   ? -5.989  -8.430  5.723   1.00 58.16  ? 214 HOH A O   1 
HETATM 897 O O   . HOH B 2 .   ? -7.202  -6.942  4.621   1.00 73.80  ? 215 HOH A O   1 
HETATM 898 O O   . HOH B 2 .   ? -5.398  7.152   -16.120 1.00 45.61  ? 216 HOH A O   1 
HETATM 899 O O   . HOH B 2 .   ? -9.522  6.694   13.128  1.00 71.87  ? 217 HOH A O   1 
HETATM 900 O O   . HOH B 2 .   ? -5.021  3.945   -18.358 1.00 86.01  ? 218 HOH A O   1 
HETATM 901 O O   . HOH B 2 .   ? 2.552   1.379   -15.063 1.00 47.04  ? 219 HOH A O   1 
HETATM 902 O O   . HOH B 2 .   ? 2.451   1.645   16.112  1.00 69.36  ? 220 HOH A O   1 
HETATM 903 O O   . HOH B 2 .   ? -6.903  -10.792 -17.057 1.00 47.02  ? 221 HOH A O   1 
HETATM 904 O O   . HOH B 2 .   ? -11.686 -1.204  -10.938 1.00 51.84  ? 222 HOH A O   1 
HETATM 905 O O   . HOH B 2 .   ? -7.241  -7.739  -0.006  1.00 40.70  ? 223 HOH A O   1 
HETATM 906 O O   . HOH B 2 .   ? 4.568   17.000  10.153  1.00 55.32  ? 224 HOH A O   1 
HETATM 907 O O   . HOH B 2 .   ? -0.750  15.735  0.525   1.00 46.31  ? 225 HOH A O   1 
HETATM 908 O O   . HOH B 2 .   ? 9.911   6.111   -3.263  1.00 33.70  ? 226 HOH A O   1 
HETATM 909 O O   . HOH B 2 .   ? 5.730   -6.736  -12.111 1.00 92.29  ? 227 HOH A O   1 
HETATM 910 O O   . HOH B 2 .   ? 0.001   0.964   13.979  1.00 44.00  ? 228 HOH A O   1 
HETATM 911 O O   . HOH B 2 .   ? 8.064   -5.213  5.403   1.00 61.09  ? 229 HOH A O   1 
HETATM 912 O O   . HOH B 2 .   ? 13.165  10.571  7.054   1.00 50.30  ? 230 HOH A O   1 
HETATM 913 O O   . HOH B 2 .   ? 11.220  -5.798  2.436   1.00 54.01  ? 231 HOH A O   1 
HETATM 914 O O   . HOH B 2 .   ? -2.445  15.294  6.252   1.00 67.27  ? 232 HOH A O   1 
HETATM 915 O O   . HOH B 2 .   ? 11.211  11.072  8.602   1.00 46.59  ? 233 HOH A O   1 
HETATM 916 O O   . HOH B 2 .   ? 10.907  -1.983  6.788   1.00 58.25  ? 234 HOH A O   1 
HETATM 917 O O   . HOH B 2 .   ? 0.432   16.683  11.017  1.00 49.41  ? 235 HOH A O   1 
HETATM 918 O O   . HOH B 2 .   ? 1.522   -17.133 -4.898  1.00 48.61  ? 236 HOH A O   1 
HETATM 919 O O   . HOH B 2 .   ? 6.902   -22.965 -3.686  1.00 44.89  ? 237 HOH A O   1 
HETATM 920 O O   . HOH B 2 .   ? 2.751   -14.941 -5.321  1.00 52.28  ? 238 HOH A O   1 
HETATM 921 O O   . HOH B 2 .   ? -4.684  1.400   -16.545 1.00 43.27  ? 239 HOH A O   1 
HETATM 922 O O   . HOH B 2 .   ? 12.738  8.808   4.816   1.00 60.52  ? 240 HOH A O   1 
HETATM 923 O O   . HOH B 2 .   ? 3.300   -9.726  -17.846 1.00 41.09  ? 241 HOH A O   1 
HETATM 924 O O   . HOH B 2 .   ? -1.315  -1.144  18.175  1.00 58.98  ? 242 HOH A O   1 
HETATM 925 O O   . HOH B 2 .   ? -3.113  -7.066  7.568   1.00 34.20  ? 243 HOH A O   1 
HETATM 926 O O   . HOH B 2 .   ? -17.575 -0.603  -2.243  1.00 57.88  ? 244 HOH A O   1 
HETATM 927 O O   . HOH B 2 .   ? 4.459   -7.819  -19.179 1.00 56.11  ? 245 HOH A O   1 
HETATM 928 O O   . HOH B 2 .   ? 11.799  -19.593 -6.576  1.00 72.45  ? 246 HOH A O   1 
HETATM 929 O O   . HOH B 2 .   ? 5.995   -5.303  20.596  1.00 51.54  ? 247 HOH A O   1 
HETATM 930 O O   . HOH B 2 .   ? 13.592  -10.458 19.520  1.00 84.66  ? 248 HOH A O   1 
HETATM 931 O O   . HOH B 2 .   ? -7.682  -13.409 -15.389 1.00 63.20  ? 249 HOH A O   1 
HETATM 932 O O   . HOH B 2 .   ? -11.377 -4.702  1.857   1.00 68.42  ? 250 HOH A O   1 
HETATM 933 O O   . HOH B 2 .   ? -10.298 -1.264  -13.401 1.00 66.96  ? 251 HOH A O   1 
HETATM 934 O O   . HOH B 2 .   ? 0.591   9.323   12.789  1.00 83.21  ? 252 HOH A O   1 
HETATM 935 O O   . HOH B 2 .   ? -10.113 -4.606  -19.843 1.00 50.49  ? 253 HOH A O   1 
HETATM 936 O O   . HOH B 2 .   ? 14.099  -4.354  0.230   1.00 62.47  ? 254 HOH A O   1 
HETATM 937 O O   . HOH B 2 .   ? 4.052   18.615  8.521   1.00 81.82  ? 255 HOH A O   1 
HETATM 938 O O   . HOH B 2 .   ? 8.878   14.931  13.827  1.00 63.99  ? 256 HOH A O   1 
HETATM 939 O O   . HOH B 2 .   ? 4.394   -11.491 -14.804 1.00 59.04  ? 257 HOH A O   1 
HETATM 940 O O   . HOH B 2 .   ? 15.304  -1.297  0.672   1.00 67.44  ? 258 HOH A O   1 
HETATM 941 O O   . HOH B 2 .   ? -14.612 6.463   -2.866  1.00 68.92  ? 259 HOH A O   1 
HETATM 942 O O   . HOH B 2 .   ? -5.090  -9.553  4.088   1.00 55.97  ? 260 HOH A O   1 
HETATM 943 O O   . HOH B 2 .   ? 3.103   -14.157 -12.457 1.00 61.38  ? 261 HOH A O   1 
HETATM 944 O O   . HOH B 2 .   ? -6.328  13.890  -5.920  1.00 45.30  ? 262 HOH A O   1 
HETATM 945 O O   . HOH B 2 .   ? 0.516   1.642   -5.797  1.00 65.90  ? 263 HOH A O   1 
HETATM 946 O O   . HOH B 2 .   ? 2.744   -0.886  -6.198  1.00 71.27  ? 264 HOH A O   1 
HETATM 947 O O   . HOH B 2 .   ? 1.463   0.425   17.814  1.00 79.23  ? 265 HOH A O   1 
HETATM 948 O O   . HOH B 2 .   ? 0.746   18.665  12.355  1.00 71.90  ? 266 HOH A O   1 
HETATM 949 O O   . HOH B 2 .   ? -8.974  8.408   -5.457  1.00 68.09  ? 267 HOH A O   1 
HETATM 950 O O   . HOH B 2 .   ? -9.097  3.180   -16.041 1.00 55.70  ? 268 HOH A O   1 
HETATM 951 O O   . HOH B 2 .   ? -8.710  -15.416 -12.218 1.00 75.96  ? 269 HOH A O   1 
HETATM 952 O O   . HOH B 2 .   ? -1.227  -2.947  20.241  1.00 64.36  ? 270 HOH A O   1 
HETATM 953 O O   . HOH B 2 .   ? 3.668   -17.924 -8.885  1.00 58.35  ? 271 HOH A O   1 
HETATM 954 O O   . HOH B 2 .   ? 6.410   15.415  10.068  1.00 74.19  ? 272 HOH A O   1 
HETATM 955 O O   . HOH B 2 .   ? 1.971   -5.718  -1.586  1.00 82.37  ? 273 HOH A O   1 
HETATM 956 O O   . HOH B 2 .   ? 8.052   16.396  7.606   1.00 57.77  ? 274 HOH A O   1 
HETATM 957 O O   . HOH B 2 .   ? 6.149   -15.882 -10.382 1.00 62.76  ? 275 HOH A O   1 
HETATM 958 O O   . HOH B 2 .   ? 9.169   -3.822  3.138   1.00 79.56  ? 276 HOH A O   1 
HETATM 959 O O   . HOH B 2 .   ? -0.928  -15.662 -12.528 1.00 59.59  ? 277 HOH A O   1 
HETATM 960 O O   . HOH B 2 .   ? 9.205   8.459   8.307   1.00 68.90  ? 278 HOH A O   1 
HETATM 961 O O   . HOH B 2 .   ? 11.871  -12.402 25.297  1.00 78.35  ? 279 HOH A O   1 
HETATM 962 O O   . HOH B 2 .   ? -8.194  12.407  5.295   1.00 59.95  ? 280 HOH A O   1 
HETATM 963 O O   . HOH B 2 .   ? 8.391   -3.598  0.629   1.00 43.13  ? 281 HOH A O   1 
HETATM 964 O O   . HOH B 2 .   ? -2.673  2.073   14.817  1.00 74.31  ? 282 HOH A O   1 
HETATM 965 O O   . HOH B 2 .   ? 0.085   -3.337  -18.821 1.00 58.94  ? 283 HOH A O   1 
HETATM 966 O O   . HOH B 2 .   ? -0.310  17.057  3.345   1.00 73.02  ? 284 HOH A O   1 
HETATM 967 O O   . HOH B 2 .   ? -5.499  15.945  -0.443  1.00 72.92  ? 285 HOH A O   1 
HETATM 968 O O   . HOH B 2 .   ? 11.657  -1.808  13.142  1.00 86.18  ? 286 HOH A O   1 
HETATM 969 O O   . HOH B 2 .   ? -9.579  -10.384 -12.843 1.00 72.68  ? 287 HOH A O   1 
HETATM 970 O O   . HOH B 2 .   ? -9.894  -10.103 -10.294 1.00 76.85  ? 288 HOH A O   1 
HETATM 971 O O   . HOH B 2 .   ? 9.196   4.044   8.771   1.00 60.66  ? 289 HOH A O   1 
HETATM 972 O O   . HOH B 2 .   ? -3.573  15.063  2.901   1.00 80.03  ? 290 HOH A O   1 
HETATM 973 O O   . HOH B 2 .   ? 9.288   -11.056 23.617  1.00 64.21  ? 291 HOH A O   1 
HETATM 974 O O   . HOH B 2 .   ? -5.116  14.715  8.802   1.00 86.83  ? 292 HOH A O   1 
HETATM 975 O O   . HOH B 2 .   ? 14.889  1.973   0.939   1.00 94.93  ? 293 HOH A O   1 
HETATM 976 O O   . HOH B 2 .   ? 3.506   5.735   -13.249 1.00 98.66  ? 294 HOH A O   1 
HETATM 977 O O   . HOH B 2 .   ? -0.975  11.566  -9.504  1.00 62.89  ? 295 HOH A O   1 
HETATM 978 O O   . HOH B 2 .   ? 9.087   2.508   6.052   1.00 99.22  ? 296 HOH A O   1 
HETATM 979 O O   . HOH B 2 .   ? -8.979  -13.136 -6.296  1.00 81.09  ? 297 HOH A O   1 
HETATM 980 O O   . HOH B 2 .   ? -0.201  10.664  15.642  1.00 102.99 ? 298 HOH A O   1 
HETATM 981 O O   . HOH B 2 .   ? 9.630   2.635   2.314   1.00 67.66  ? 299 HOH A O   1 
HETATM 982 O O   . HOH B 2 .   ? 8.618   7.051   10.852  1.00 78.24  ? 300 HOH A O   1 
# 
